data_6CIT
#
_entry.id   6CIT
#
_cell.length_a   106.570
_cell.length_b   106.570
_cell.length_c   304.079
_cell.angle_alpha   90.00
_cell.angle_beta   90.00
_cell.angle_gamma   90.00
#
_symmetry.space_group_name_H-M   'P 43 21 2'
#
loop_
_entity.id
_entity.type
_entity.pdbx_description
1 polymer 'GTP-binding nuclear protein Ran'
2 polymer 'Ran-specific GTPase-activating protein 1'
3 polymer Exportin-1
4 polymer NS2
5 non-polymer 'PHOSPHOAMINOPHOSPHONIC ACID-GUANYLATE ESTER'
6 non-polymer 'MAGNESIUM ION'
7 non-polymer GLYCEROL
8 non-polymer 'CHLORIDE ION'
9 water water
#
loop_
_entity_poly.entity_id
_entity_poly.type
_entity_poly.pdbx_seq_one_letter_code
_entity_poly.pdbx_strand_id
1 'polypeptide(L)'
;METGSSHHHHHHSSGLPRGSHMAAQGEPQVQFKLVLVGDGGTGKTTFVKRHLTGEFEKKYVATLGVEVHPLVFHTNRGPI
KFNVWDTAGQEKFGGLRDGYYIQAQCAIIMFDVTSRVTYKNVPNWHRDLVRVCENIPIVLCGNKVDIKDRKVKAKSIVFH
RKKNLQYYDISAKSNYNFEKPFLWLARKLIGDPNLEFVAMPALAPPEVVMDPALAAQYEHDLEVAQTTALPDEDDDL
;
A
2 'polypeptide(L)'
;GGSDIHFEPVVHLEKVDVKTMEEDEEVLYKVRAKLFRFDADAKEWKERGTGDCKFLKNKKTNKVRILMRRDKTLKICANH
IIAPEYTLKPNVGSDRSWVYACTADIAEGEAEAFTFAIRFGSKENADKFKEEFEKAQEINKKA
;
B
3 'polypeptide(L)'
;GGSMEGILDFSNDLDIALLDQVVSTFYQGSGVQQKQAQEILTKFQDNPDAWQKADQILQFSTNPQSKFIALSILDKLITR
KWKLLPNDHRIGIRNFVVGMIISMCQDDEVFKTQKNLINKSDLTLVQILKQEWPQNWPEFIPELIGSSSSSVNVCENNMI
VLKLLSEEVFDFSAEQMTQAKALHLKNSMSKEFEQIFKLCFQVLEQGSSSSLIVATLESLLRYLHWIPYRYIYETNILEL
LSTKFMTSPDTRAITLKCLTEVSNLKIPQDNDLIKRQTVLFFQNTLQQIATSVMPVTADLKATYANANGNDQSFLQDLAM
FLTTYLARNRALLESDESLRELLLNAHQYLIQLSKIEERELFKTTLDYWHNLVADLFYEPLKKHIYEEICSQLRLVIIEN
MVRPEEDLVVENDEGEIVREFVKESDTIQLYKSEREVLVYLTHLNVIDTEEIMISKLARQIDGSEWSWHNINTLSWAIGS
ISGTMSEDTEKRFVVTVIKDLLGLCEQKRGKDNKAVVASDIMYVVGQYPRFLKAHWNFLRTVILKLFEFMHETHEGVQDM
ACDTFIKIVQKCKYHFVIQQPRESEPFIQTIIRDIQKTTADLQPQQVHTFYKACGIIISEERSVAERNRLLSDLMQLPNM
AWDTIVEQSTANPTLLLDSETVKIIANIIKTNVAVCTSMGADFYPQLGHIYYNMLQLYRAVSSMISAQVAAEGLIATKTP
KVRGLRTIKKEILKLVETYISKARNLDDVVKVLVEPLLNAVLEDYMNNVPDARDAEVLNCMTTVVEKVGHMIPQGVILIL
QSVFECTLDMINKDFTEYPEHRVEFYKLLKVINEKSFAAFLELPPAAFKLFVDAICWAFKHNNRDVEVNGLQIALDLVKN
IERMGNVPFANEFHKNYFFIFVSETFFVLTDSDHKSGFSKQALLLMKLISLVYDNKISVPLYQEAEVPQGTSNQVYLSQY
LANMLSNAFPHLTSEQIASFLSALTKQCKDLVVFKGTLRDFLVQIKEVGGDPTDYLFAEDKENA
;
C
4 'polypeptide(L)' GGSYSTVDEMTKKFGTLTIHD D
#
loop_
_chem_comp.id
_chem_comp.type
_chem_comp.name
_chem_comp.formula
CL non-polymer 'CHLORIDE ION' 'Cl -1'
GNP non-polymer 'PHOSPHOAMINOPHOSPHONIC ACID-GUANYLATE ESTER' 'C10 H17 N6 O13 P3'
GOL non-polymer GLYCEROL 'C3 H8 O3'
MG non-polymer 'MAGNESIUM ION' 'Mg 2'
#
# COMPACT_ATOMS: atom_id res chain seq x y z
N VAL A 30 -22.75 20.37 -13.02
CA VAL A 30 -21.58 20.55 -12.16
C VAL A 30 -20.64 19.34 -12.32
N GLN A 31 -19.68 19.46 -13.23
CA GLN A 31 -18.75 18.38 -13.52
C GLN A 31 -17.31 18.86 -13.40
N PHE A 32 -16.43 17.95 -13.02
CA PHE A 32 -15.02 18.26 -12.78
C PHE A 32 -14.14 17.22 -13.45
N LYS A 33 -13.10 17.70 -14.14
CA LYS A 33 -12.15 16.78 -14.77
C LYS A 33 -11.15 16.30 -13.73
N LEU A 34 -11.04 14.98 -13.61
CA LEU A 34 -10.10 14.34 -12.70
C LEU A 34 -9.12 13.52 -13.53
N VAL A 35 -7.83 13.71 -13.29
CA VAL A 35 -6.78 12.92 -13.92
C VAL A 35 -6.20 11.97 -12.89
N LEU A 36 -6.07 10.71 -13.28
CA LEU A 36 -5.58 9.65 -12.41
C LEU A 36 -4.28 9.13 -13.01
N VAL A 37 -3.18 9.24 -12.25
CA VAL A 37 -1.86 8.90 -12.75
C VAL A 37 -1.15 8.00 -11.73
N GLY A 38 -0.10 7.35 -12.20
CA GLY A 38 0.66 6.44 -11.39
C GLY A 38 1.24 5.32 -12.22
N ASP A 39 2.18 4.59 -11.61
CA ASP A 39 2.89 3.53 -12.31
C ASP A 39 1.93 2.46 -12.80
N GLY A 40 2.34 1.76 -13.87
CA GLY A 40 1.55 0.64 -14.34
C GLY A 40 1.45 -0.43 -13.28
N GLY A 41 0.25 -0.99 -13.14
CA GLY A 41 -0.01 -2.07 -12.22
C GLY A 41 -0.44 -1.66 -10.83
N THR A 42 -0.54 -0.35 -10.56
CA THR A 42 -0.85 0.12 -9.22
C THR A 42 -2.33 0.03 -8.87
N GLY A 43 -3.20 -0.20 -9.85
CA GLY A 43 -4.60 -0.39 -9.62
C GLY A 43 -5.51 0.77 -10.00
N LYS A 44 -5.03 1.70 -10.83
CA LYS A 44 -5.84 2.86 -11.18
C LYS A 44 -7.13 2.45 -11.87
N THR A 45 -7.03 1.60 -12.89
CA THR A 45 -8.22 1.19 -13.64
C THR A 45 -9.15 0.35 -12.76
N THR A 46 -8.59 -0.56 -11.97
CA THR A 46 -9.40 -1.37 -11.07
C THR A 46 -10.15 -0.49 -10.09
N PHE A 47 -9.49 0.53 -9.55
CA PHE A 47 -10.12 1.45 -8.61
C PHE A 47 -11.32 2.14 -9.23
N VAL A 48 -11.16 2.65 -10.46
CA VAL A 48 -12.27 3.33 -11.12
C VAL A 48 -13.40 2.36 -11.44
N LYS A 49 -13.04 1.18 -11.98
CA LYS A 49 -14.05 0.17 -12.28
C LYS A 49 -14.89 -0.16 -11.06
N ARG A 50 -14.23 -0.34 -9.91
CA ARG A 50 -14.97 -0.61 -8.68
C ARG A 50 -16.02 0.47 -8.43
N HIS A 51 -15.66 1.73 -8.67
CA HIS A 51 -16.60 2.83 -8.45
C HIS A 51 -17.68 2.89 -9.53
N LEU A 52 -17.36 2.44 -10.74
CA LEU A 52 -18.31 2.53 -11.84
C LEU A 52 -19.37 1.45 -11.79
N THR A 53 -18.97 0.20 -11.52
CA THR A 53 -19.87 -0.94 -11.61
C THR A 53 -19.96 -1.74 -10.33
N GLY A 54 -19.04 -1.56 -9.39
CA GLY A 54 -18.99 -2.38 -8.19
C GLY A 54 -18.15 -3.62 -8.30
N GLU A 55 -17.63 -3.93 -9.49
CA GLU A 55 -16.86 -5.15 -9.71
C GLU A 55 -15.40 -4.95 -9.32
N PHE A 56 -14.73 -6.07 -9.07
CA PHE A 56 -13.28 -6.09 -8.86
C PHE A 56 -12.66 -6.91 -9.99
N GLU A 57 -11.97 -6.23 -10.90
CA GLU A 57 -11.30 -6.91 -12.00
C GLU A 57 -9.96 -7.46 -11.51
N LYS A 58 -9.80 -8.78 -11.58
CA LYS A 58 -8.58 -9.42 -11.10
C LYS A 58 -7.47 -9.45 -12.14
N LYS A 59 -7.81 -9.31 -13.43
CA LYS A 59 -6.82 -9.35 -14.48
C LYS A 59 -6.20 -7.98 -14.71
N TYR A 60 -4.92 -7.99 -15.10
CA TYR A 60 -4.20 -6.77 -15.45
C TYR A 60 -4.23 -6.63 -16.96
N VAL A 61 -5.09 -5.74 -17.45
CA VAL A 61 -5.10 -5.36 -18.85
C VAL A 61 -4.68 -3.90 -18.89
N ALA A 62 -3.48 -3.64 -19.41
CA ALA A 62 -2.90 -2.32 -19.34
C ALA A 62 -3.74 -1.31 -20.11
N THR A 63 -3.94 -0.14 -19.51
CA THR A 63 -4.62 0.95 -20.19
C THR A 63 -3.73 1.48 -21.31
N LEU A 64 -4.35 1.74 -22.46
CA LEU A 64 -3.64 2.28 -23.62
C LEU A 64 -4.01 3.76 -23.75
N GLY A 65 -3.07 4.63 -23.40
CA GLY A 65 -3.32 6.06 -23.45
C GLY A 65 -4.17 6.53 -22.29
N VAL A 66 -5.49 6.57 -22.48
CA VAL A 66 -6.40 7.04 -21.46
C VAL A 66 -7.77 6.43 -21.73
N GLU A 67 -8.52 6.18 -20.64
CA GLU A 67 -9.93 5.85 -20.72
C GLU A 67 -10.70 6.86 -19.87
N VAL A 68 -11.77 7.41 -20.44
CA VAL A 68 -12.56 8.44 -19.79
C VAL A 68 -13.90 7.84 -19.40
N HIS A 69 -14.28 8.02 -18.12
CA HIS A 69 -15.53 7.49 -17.60
C HIS A 69 -16.21 8.55 -16.73
N PRO A 70 -17.47 8.88 -17.01
CA PRO A 70 -18.21 9.72 -16.05
C PRO A 70 -18.49 8.96 -14.77
N LEU A 71 -18.39 9.67 -13.64
CA LEU A 71 -18.64 9.08 -12.33
C LEU A 71 -19.39 10.10 -11.49
N VAL A 72 -20.62 9.77 -11.09
CA VAL A 72 -21.48 10.68 -10.36
C VAL A 72 -21.58 10.20 -8.91
N PHE A 73 -21.56 11.14 -7.98
CA PHE A 73 -21.84 10.89 -6.58
C PHE A 73 -23.00 11.79 -6.14
N HIS A 74 -23.83 11.26 -5.26
CA HIS A 74 -24.95 12.01 -4.69
C HIS A 74 -24.54 12.54 -3.32
N THR A 75 -24.75 13.84 -3.10
CA THR A 75 -24.30 14.51 -1.90
C THR A 75 -25.43 15.37 -1.36
N ASN A 76 -25.26 15.86 -0.13
CA ASN A 76 -26.21 16.78 0.45
C ASN A 76 -26.17 18.16 -0.20
N ARG A 77 -25.28 18.37 -1.16
CA ARG A 77 -25.26 19.58 -1.96
C ARG A 77 -25.73 19.34 -3.40
N GLY A 78 -26.26 18.15 -3.68
CA GLY A 78 -26.66 17.79 -5.02
C GLY A 78 -25.65 16.85 -5.65
N PRO A 79 -25.93 16.39 -6.88
CA PRO A 79 -25.00 15.49 -7.54
C PRO A 79 -23.72 16.21 -7.95
N ILE A 80 -22.62 15.46 -7.91
CA ILE A 80 -21.34 15.92 -8.44
C ILE A 80 -20.83 14.87 -9.41
N LYS A 81 -20.36 15.33 -10.57
CA LYS A 81 -19.90 14.44 -11.63
C LYS A 81 -18.40 14.63 -11.83
N PHE A 82 -17.66 13.53 -11.70
CA PHE A 82 -16.24 13.52 -12.04
C PHE A 82 -16.07 12.89 -13.42
N ASN A 83 -15.42 13.61 -14.32
CA ASN A 83 -15.01 13.05 -15.61
C ASN A 83 -13.60 12.50 -15.41
N VAL A 84 -13.51 11.20 -15.14
CA VAL A 84 -12.26 10.58 -14.73
C VAL A 84 -11.44 10.23 -15.95
N TRP A 85 -10.28 10.85 -16.08
CA TRP A 85 -9.32 10.50 -17.13
C TRP A 85 -8.34 9.49 -16.53
N ASP A 86 -8.60 8.21 -16.78
CA ASP A 86 -7.77 7.12 -16.26
C ASP A 86 -6.63 6.90 -17.24
N THR A 87 -5.44 7.38 -16.88
CA THR A 87 -4.31 7.37 -17.81
C THR A 87 -3.48 6.10 -17.66
N ALA A 88 -2.64 5.85 -18.67
CA ALA A 88 -1.78 4.69 -18.70
C ALA A 88 -0.51 4.97 -17.90
N GLY A 89 -0.12 4.00 -17.07
CA GLY A 89 1.08 4.13 -16.27
C GLY A 89 2.31 3.54 -16.93
N GLN A 90 2.12 2.59 -17.85
CA GLN A 90 3.24 1.99 -18.55
C GLN A 90 3.74 2.93 -19.64
N GLU A 91 5.06 3.14 -19.68
CA GLU A 91 5.62 4.15 -20.57
C GLU A 91 5.35 3.82 -22.04
N LYS A 92 5.42 2.53 -22.40
CA LYS A 92 5.18 2.14 -23.78
C LYS A 92 3.74 2.31 -24.20
N PHE A 93 2.83 2.62 -23.26
CA PHE A 93 1.43 2.88 -23.57
C PHE A 93 1.02 4.28 -23.13
N GLY A 94 1.99 5.17 -22.92
CA GLY A 94 1.73 6.46 -22.31
C GLY A 94 0.81 7.38 -23.10
N GLY A 95 0.70 7.16 -24.41
CA GLY A 95 -0.16 8.01 -25.21
C GLY A 95 0.34 9.44 -25.20
N LEU A 96 -0.59 10.37 -24.98
CA LEU A 96 -0.26 11.80 -24.95
C LEU A 96 0.40 12.22 -23.66
N ARG A 97 0.55 11.32 -22.69
CA ARG A 97 1.25 11.62 -21.45
C ARG A 97 0.67 12.87 -20.78
N ASP A 98 1.50 13.90 -20.60
CA ASP A 98 1.03 15.08 -19.87
C ASP A 98 0.00 15.89 -20.66
N GLY A 99 -0.21 15.59 -21.93
CA GLY A 99 -1.31 16.22 -22.66
C GLY A 99 -2.67 15.90 -22.07
N TYR A 100 -2.78 14.78 -21.35
CA TYR A 100 -4.05 14.43 -20.71
C TYR A 100 -4.37 15.35 -19.54
N TYR A 101 -3.37 16.01 -18.96
CA TYR A 101 -3.57 16.78 -17.74
C TYR A 101 -4.16 18.16 -18.00
N ILE A 102 -4.21 18.62 -19.25
CA ILE A 102 -4.64 19.98 -19.54
C ILE A 102 -6.05 20.20 -19.01
N GLN A 103 -6.23 21.29 -18.28
CA GLN A 103 -7.53 21.71 -17.75
C GLN A 103 -8.12 20.73 -16.76
N ALA A 104 -7.31 19.82 -16.22
CA ALA A 104 -7.76 19.02 -15.09
C ALA A 104 -8.04 19.93 -13.90
N GLN A 105 -9.10 19.62 -13.14
CA GLN A 105 -9.44 20.38 -11.95
C GLN A 105 -9.12 19.65 -10.67
N CYS A 106 -8.74 18.37 -10.73
CA CYS A 106 -8.32 17.61 -9.57
C CYS A 106 -7.58 16.37 -10.07
N ALA A 107 -6.96 15.65 -9.14
CA ALA A 107 -6.16 14.51 -9.55
C ALA A 107 -5.96 13.54 -8.40
N ILE A 108 -5.73 12.28 -8.77
CA ILE A 108 -5.30 11.23 -7.85
C ILE A 108 -3.98 10.69 -8.38
N ILE A 109 -2.96 10.67 -7.53
CA ILE A 109 -1.71 9.97 -7.82
C ILE A 109 -1.75 8.66 -7.05
N MET A 110 -1.47 7.56 -7.75
N MET A 110 -1.50 7.55 -7.73
CA MET A 110 -1.60 6.21 -7.22
CA MET A 110 -1.62 6.23 -7.13
C MET A 110 -0.23 5.53 -7.19
C MET A 110 -0.30 5.49 -7.20
N PHE A 111 0.04 4.80 -6.10
CA PHE A 111 1.16 3.89 -6.05
C PHE A 111 0.68 2.63 -5.34
N ASP A 112 1.60 1.67 -5.19
CA ASP A 112 1.29 0.32 -4.73
C ASP A 112 2.17 0.04 -3.51
N VAL A 113 1.54 -0.14 -2.34
CA VAL A 113 2.33 -0.30 -1.11
C VAL A 113 3.10 -1.61 -1.08
N THR A 114 2.89 -2.51 -2.03
CA THR A 114 3.67 -3.73 -2.13
C THR A 114 4.81 -3.61 -3.12
N SER A 115 5.01 -2.43 -3.72
CA SER A 115 6.04 -2.22 -4.73
C SER A 115 6.71 -0.88 -4.46
N ARG A 116 7.95 -0.93 -3.96
CA ARG A 116 8.64 0.30 -3.57
C ARG A 116 8.88 1.21 -4.76
N VAL A 117 9.16 0.64 -5.93
CA VAL A 117 9.49 1.48 -7.09
C VAL A 117 8.32 2.39 -7.45
N THR A 118 7.08 1.95 -7.21
CA THR A 118 5.94 2.79 -7.55
C THR A 118 5.85 4.00 -6.64
N TYR A 119 6.30 3.88 -5.38
CA TYR A 119 6.38 5.06 -4.53
C TYR A 119 7.55 5.95 -4.91
N LYS A 120 8.68 5.33 -5.28
CA LYS A 120 9.84 6.10 -5.75
C LYS A 120 9.49 6.98 -6.94
N ASN A 121 8.52 6.57 -7.75
CA ASN A 121 8.13 7.33 -8.93
C ASN A 121 7.04 8.37 -8.65
N VAL A 122 6.48 8.38 -7.45
CA VAL A 122 5.46 9.38 -7.11
C VAL A 122 5.95 10.81 -7.38
N PRO A 123 7.17 11.19 -6.97
CA PRO A 123 7.64 12.55 -7.29
C PRO A 123 7.70 12.85 -8.77
N ASN A 124 7.94 11.83 -9.61
CA ASN A 124 7.99 12.06 -11.04
C ASN A 124 6.60 12.36 -11.60
N TRP A 125 5.61 11.54 -11.23
CA TRP A 125 4.24 11.79 -11.66
C TRP A 125 3.75 13.15 -11.16
N HIS A 126 4.03 13.47 -9.89
CA HIS A 126 3.63 14.76 -9.35
C HIS A 126 4.29 15.90 -10.11
N ARG A 127 5.58 15.76 -10.43
CA ARG A 127 6.28 16.78 -11.20
C ARG A 127 5.56 17.05 -12.52
N ASP A 128 5.32 16.00 -13.31
CA ASP A 128 4.70 16.19 -14.61
C ASP A 128 3.28 16.75 -14.49
N LEU A 129 2.61 16.44 -13.37
CA LEU A 129 1.22 16.85 -13.20
C LEU A 129 1.11 18.34 -12.87
N VAL A 130 1.87 18.81 -11.88
CA VAL A 130 1.71 20.19 -11.42
C VAL A 130 2.40 21.19 -12.32
N ARG A 131 3.21 20.74 -13.27
CA ARG A 131 3.71 21.66 -14.30
C ARG A 131 2.57 22.05 -15.25
N VAL A 132 1.60 21.17 -15.43
CA VAL A 132 0.41 21.49 -16.24
C VAL A 132 -0.71 22.05 -15.38
N CYS A 133 -0.94 21.46 -14.19
CA CYS A 133 -2.04 21.84 -13.30
C CYS A 133 -1.45 22.43 -12.03
N GLU A 134 -1.31 23.76 -12.01
CA GLU A 134 -0.46 24.41 -11.02
C GLU A 134 -1.13 24.61 -9.67
N ASN A 135 -2.45 24.55 -9.58
CA ASN A 135 -3.12 24.70 -8.28
C ASN A 135 -4.45 23.95 -8.31
N ILE A 136 -4.37 22.63 -8.23
CA ILE A 136 -5.56 21.78 -8.13
C ILE A 136 -5.45 20.92 -6.87
N PRO A 137 -6.57 20.52 -6.27
CA PRO A 137 -6.50 19.53 -5.18
C PRO A 137 -6.05 18.17 -5.70
N ILE A 138 -5.14 17.54 -4.96
CA ILE A 138 -4.53 16.28 -5.37
C ILE A 138 -4.57 15.32 -4.19
N VAL A 139 -4.98 14.09 -4.45
CA VAL A 139 -4.97 13.01 -3.46
C VAL A 139 -3.88 12.02 -3.85
N LEU A 140 -3.04 11.66 -2.88
CA LEU A 140 -2.06 10.59 -3.05
C LEU A 140 -2.63 9.33 -2.40
N CYS A 141 -2.66 8.23 -3.15
CA CYS A 141 -3.29 7.00 -2.69
C CYS A 141 -2.26 5.86 -2.73
N GLY A 142 -2.07 5.21 -1.59
CA GLY A 142 -1.30 3.99 -1.52
C GLY A 142 -2.24 2.79 -1.54
N ASN A 143 -2.27 2.11 -2.68
CA ASN A 143 -3.25 1.06 -2.95
C ASN A 143 -2.70 -0.31 -2.54
N LYS A 144 -3.62 -1.27 -2.45
CA LYS A 144 -3.29 -2.68 -2.20
C LYS A 144 -2.88 -2.93 -0.76
N VAL A 145 -3.42 -2.16 0.19
CA VAL A 145 -3.11 -2.40 1.60
C VAL A 145 -3.73 -3.68 2.12
N ASP A 146 -4.56 -4.35 1.32
CA ASP A 146 -5.11 -5.65 1.70
C ASP A 146 -4.04 -6.75 1.72
N ILE A 147 -2.94 -6.56 1.00
N ILE A 147 -2.92 -6.55 1.03
CA ILE A 147 -1.88 -7.56 0.94
CA ILE A 147 -1.89 -7.56 0.93
C ILE A 147 -1.10 -7.51 2.24
C ILE A 147 -1.04 -7.52 2.19
N LYS A 148 -0.82 -8.70 2.79
CA LYS A 148 -0.12 -8.77 4.07
C LYS A 148 1.30 -8.20 3.98
N ASP A 149 2.08 -8.68 3.02
CA ASP A 149 3.50 -8.36 2.94
C ASP A 149 3.65 -6.96 2.33
N ARG A 150 3.42 -5.96 3.17
CA ARG A 150 3.52 -4.57 2.75
C ARG A 150 4.97 -4.15 2.67
N LYS A 151 5.34 -3.45 1.59
CA LYS A 151 6.72 -3.06 1.36
C LYS A 151 6.99 -1.57 1.57
N VAL A 152 6.04 -0.71 1.26
CA VAL A 152 6.17 0.73 1.50
C VAL A 152 5.53 1.02 2.84
N LYS A 153 6.34 1.12 3.88
CA LYS A 153 5.83 1.25 5.23
C LYS A 153 5.19 2.62 5.45
N ALA A 154 4.20 2.65 6.35
CA ALA A 154 3.48 3.89 6.63
C ALA A 154 4.42 5.04 6.94
N LYS A 155 5.46 4.78 7.74
CA LYS A 155 6.35 5.85 8.17
C LYS A 155 7.22 6.38 7.03
N SER A 156 7.39 5.61 5.96
CA SER A 156 8.16 6.07 4.81
C SER A 156 7.38 7.04 3.93
N ILE A 157 6.06 7.10 4.08
CA ILE A 157 5.21 7.85 3.16
C ILE A 157 5.07 9.27 3.70
N VAL A 158 5.87 10.19 3.16
CA VAL A 158 5.88 11.57 3.61
C VAL A 158 5.89 12.57 2.46
N PHE A 159 5.91 12.11 1.20
CA PHE A 159 6.04 13.04 0.08
C PHE A 159 4.92 14.07 0.04
N HIS A 160 3.71 13.68 0.44
CA HIS A 160 2.56 14.56 0.39
C HIS A 160 2.69 15.77 1.30
N ARG A 161 3.52 15.71 2.34
CA ARG A 161 3.51 16.75 3.37
C ARG A 161 3.88 18.11 2.76
N LYS A 162 5.06 18.21 2.16
CA LYS A 162 5.49 19.50 1.62
C LYS A 162 4.74 19.89 0.36
N LYS A 163 4.08 18.94 -0.30
CA LYS A 163 3.32 19.21 -1.51
C LYS A 163 1.84 19.45 -1.27
N ASN A 164 1.39 19.37 -0.01
CA ASN A 164 0.01 19.68 0.37
C ASN A 164 -0.98 18.74 -0.29
N LEU A 165 -0.58 17.48 -0.52
CA LEU A 165 -1.48 16.47 -1.02
C LEU A 165 -2.18 15.78 0.15
N GLN A 166 -3.44 15.42 -0.05
CA GLN A 166 -4.11 14.50 0.86
C GLN A 166 -3.60 13.09 0.62
N TYR A 167 -3.42 12.33 1.69
CA TYR A 167 -2.99 10.94 1.57
C TYR A 167 -4.01 9.99 2.18
N TYR A 168 -4.22 8.86 1.52
CA TYR A 168 -5.01 7.76 2.07
C TYR A 168 -4.38 6.43 1.71
N ASP A 169 -4.29 5.54 2.68
CA ASP A 169 -4.23 4.11 2.41
C ASP A 169 -5.55 3.68 1.79
N ILE A 170 -5.50 2.90 0.70
CA ILE A 170 -6.72 2.38 0.07
C ILE A 170 -6.49 0.94 -0.39
N SER A 171 -7.60 0.26 -0.64
CA SER A 171 -7.58 -1.04 -1.31
C SER A 171 -8.82 -1.14 -2.18
N ALA A 172 -8.62 -1.23 -3.50
CA ALA A 172 -9.75 -1.48 -4.39
C ALA A 172 -10.33 -2.86 -4.18
N LYS A 173 -9.55 -3.78 -3.61
CA LYS A 173 -10.01 -5.15 -3.40
C LYS A 173 -10.91 -5.26 -2.18
N SER A 174 -10.46 -4.75 -1.03
CA SER A 174 -11.24 -4.78 0.19
C SER A 174 -12.11 -3.55 0.38
N ASN A 175 -11.99 -2.55 -0.51
CA ASN A 175 -12.73 -1.29 -0.46
C ASN A 175 -12.32 -0.41 0.71
N TYR A 176 -11.25 -0.75 1.41
CA TYR A 176 -10.74 0.10 2.49
C TYR A 176 -10.50 1.52 1.98
N ASN A 177 -11.20 2.49 2.59
CA ASN A 177 -11.04 3.92 2.28
C ASN A 177 -11.34 4.24 0.82
N PHE A 178 -12.02 3.36 0.08
CA PHE A 178 -12.12 3.57 -1.36
C PHE A 178 -12.96 4.78 -1.73
N GLU A 179 -13.83 5.26 -0.83
CA GLU A 179 -14.64 6.43 -1.11
C GLU A 179 -13.94 7.74 -0.72
N LYS A 180 -12.89 7.67 0.10
CA LYS A 180 -12.32 8.86 0.71
C LYS A 180 -11.71 9.80 -0.31
N PRO A 181 -10.98 9.30 -1.32
CA PRO A 181 -10.41 10.23 -2.31
C PRO A 181 -11.46 11.12 -2.97
N PHE A 182 -12.60 10.55 -3.33
CA PHE A 182 -13.64 11.34 -4.00
C PHE A 182 -14.36 12.26 -3.01
N LEU A 183 -14.58 11.78 -1.78
CA LEU A 183 -15.22 12.62 -0.77
C LEU A 183 -14.37 13.86 -0.51
N TRP A 184 -13.06 13.68 -0.35
CA TRP A 184 -12.18 14.81 -0.08
C TRP A 184 -12.13 15.77 -1.26
N LEU A 185 -12.04 15.25 -2.49
CA LEU A 185 -12.03 16.11 -3.66
C LEU A 185 -13.35 16.84 -3.83
N ALA A 186 -14.47 16.16 -3.60
CA ALA A 186 -15.77 16.82 -3.69
C ALA A 186 -15.83 18.01 -2.74
N ARG A 187 -15.33 17.84 -1.52
CA ARG A 187 -15.37 18.92 -0.53
C ARG A 187 -14.52 20.11 -0.98
N LYS A 188 -13.36 19.83 -1.58
CA LYS A 188 -12.50 20.91 -2.05
C LYS A 188 -13.11 21.61 -3.26
N LEU A 189 -13.68 20.85 -4.20
CA LEU A 189 -14.17 21.44 -5.44
C LEU A 189 -15.44 22.25 -5.20
N ILE A 190 -16.31 21.77 -4.31
CA ILE A 190 -17.53 22.52 -3.97
C ILE A 190 -17.27 23.61 -2.95
N GLY A 191 -16.18 23.50 -2.19
CA GLY A 191 -15.89 24.50 -1.17
C GLY A 191 -16.70 24.35 0.09
N ASP A 192 -17.10 23.12 0.43
CA ASP A 192 -17.95 22.85 1.58
C ASP A 192 -17.35 21.70 2.38
N PRO A 193 -16.68 21.99 3.51
CA PRO A 193 -16.06 20.90 4.28
C PRO A 193 -17.05 19.93 4.91
N ASN A 194 -18.34 20.27 4.96
CA ASN A 194 -19.35 19.42 5.56
C ASN A 194 -20.15 18.64 4.53
N LEU A 195 -19.74 18.67 3.27
CA LEU A 195 -20.39 17.87 2.25
C LEU A 195 -20.32 16.38 2.62
N GLU A 196 -21.40 15.66 2.38
CA GLU A 196 -21.48 14.24 2.67
C GLU A 196 -22.12 13.51 1.50
N PHE A 197 -21.69 12.28 1.28
CA PHE A 197 -22.42 11.39 0.38
C PHE A 197 -23.75 11.02 1.01
N VAL A 198 -24.80 10.99 0.19
CA VAL A 198 -26.15 10.68 0.68
C VAL A 198 -26.77 9.61 -0.21
N ALA A 199 -27.83 9.00 0.31
CA ALA A 199 -28.46 7.87 -0.38
C ALA A 199 -29.28 8.37 -1.56
N MET A 200 -28.92 7.90 -2.75
CA MET A 200 -29.69 8.25 -3.94
C MET A 200 -31.12 7.75 -3.80
N PRO A 201 -32.10 8.49 -4.34
CA PRO A 201 -33.50 8.09 -4.16
C PRO A 201 -33.79 6.74 -4.82
N ALA A 202 -34.65 5.96 -4.17
CA ALA A 202 -34.97 4.60 -4.59
C ALA A 202 -36.39 4.57 -5.14
N LEU A 203 -36.51 4.72 -6.45
CA LEU A 203 -37.81 4.70 -7.11
C LEU A 203 -38.46 3.33 -6.97
N ALA A 204 -39.79 3.32 -6.92
CA ALA A 204 -40.52 2.07 -6.83
C ALA A 204 -40.24 1.22 -8.08
N PRO A 205 -39.93 -0.05 -7.94
CA PRO A 205 -39.58 -0.87 -9.11
C PRO A 205 -40.83 -1.37 -9.81
N PRO A 206 -40.76 -1.56 -11.13
CA PRO A 206 -41.93 -2.08 -11.85
C PRO A 206 -42.25 -3.50 -11.42
N GLU A 207 -43.36 -4.01 -11.93
CA GLU A 207 -43.75 -5.39 -11.68
C GLU A 207 -43.61 -6.19 -12.97
N VAL A 208 -43.88 -7.49 -12.88
CA VAL A 208 -43.61 -8.41 -13.97
C VAL A 208 -44.84 -9.25 -14.30
N ASP A 211 -43.30 -13.27 -19.72
CA ASP A 211 -43.29 -13.64 -21.13
C ASP A 211 -42.98 -15.13 -21.28
N PRO A 212 -44.01 -15.97 -21.37
CA PRO A 212 -43.78 -17.43 -21.42
C PRO A 212 -42.97 -17.87 -22.64
N ALA A 213 -42.72 -16.99 -23.61
CA ALA A 213 -41.94 -17.35 -24.78
C ALA A 213 -40.43 -17.37 -24.49
N LEU A 214 -39.99 -16.77 -23.38
CA LEU A 214 -38.58 -16.73 -23.02
C LEU A 214 -38.29 -17.57 -21.77
N ALA A 215 -39.21 -18.46 -21.39
CA ALA A 215 -38.99 -19.29 -20.22
C ALA A 215 -37.81 -20.24 -20.41
N ALA A 216 -37.52 -20.62 -21.65
CA ALA A 216 -36.41 -21.51 -21.93
C ALA A 216 -35.10 -20.77 -22.16
N GLN A 217 -35.16 -19.53 -22.66
CA GLN A 217 -33.94 -18.74 -22.84
C GLN A 217 -33.34 -18.34 -21.50
N TYR A 218 -34.18 -18.04 -20.51
CA TYR A 218 -33.68 -17.65 -19.20
C TYR A 218 -33.25 -18.87 -18.39
N GLU A 219 -33.96 -19.99 -18.51
CA GLU A 219 -33.54 -21.22 -17.86
C GLU A 219 -32.21 -21.73 -18.41
N HIS A 220 -31.85 -21.35 -19.63
CA HIS A 220 -30.54 -21.70 -20.18
C HIS A 220 -29.45 -20.85 -19.56
N ASP A 221 -29.62 -19.52 -19.59
CA ASP A 221 -28.66 -18.64 -18.94
C ASP A 221 -28.53 -18.95 -17.46
N LEU A 222 -29.61 -19.43 -16.84
CA LEU A 222 -29.58 -19.77 -15.42
C LEU A 222 -28.77 -21.03 -15.18
N GLU A 223 -28.92 -22.04 -16.05
CA GLU A 223 -28.18 -23.28 -15.88
C GLU A 223 -26.67 -23.03 -15.91
N VAL A 224 -26.22 -22.16 -16.82
CA VAL A 224 -24.81 -21.79 -16.86
C VAL A 224 -24.41 -21.08 -15.57
N ALA A 225 -25.21 -20.09 -15.17
CA ALA A 225 -24.87 -19.29 -14.00
C ALA A 225 -24.77 -20.14 -12.74
N GLN A 226 -25.65 -21.13 -12.60
CA GLN A 226 -25.59 -21.99 -11.42
C GLN A 226 -24.31 -22.80 -11.38
N THR A 227 -23.81 -23.22 -12.55
CA THR A 227 -22.65 -24.09 -12.64
C THR A 227 -21.34 -23.33 -12.77
N THR A 228 -21.37 -22.00 -12.75
CA THR A 228 -20.18 -21.18 -12.69
C THR A 228 -19.99 -20.77 -11.23
N ALA A 229 -18.91 -21.25 -10.62
CA ALA A 229 -18.68 -20.98 -9.20
C ALA A 229 -18.48 -19.50 -8.95
N LEU A 230 -19.08 -19.00 -7.88
CA LEU A 230 -18.84 -17.63 -7.46
C LEU A 230 -17.37 -17.48 -7.06
N PRO A 231 -16.77 -16.33 -7.31
CA PRO A 231 -15.36 -16.13 -6.95
C PRO A 231 -15.19 -15.80 -5.48
N ASP A 232 -13.96 -15.98 -5.00
CA ASP A 232 -13.56 -15.54 -3.67
C ASP A 232 -14.48 -16.13 -2.59
N GLU A 233 -14.68 -17.45 -2.67
CA GLU A 233 -15.60 -18.11 -1.76
C GLU A 233 -15.12 -18.15 -0.33
N ASP A 234 -13.87 -17.75 -0.06
CA ASP A 234 -13.37 -17.70 1.30
C ASP A 234 -13.57 -16.34 1.97
N ASP A 235 -13.85 -15.30 1.20
CA ASP A 235 -14.08 -13.98 1.77
C ASP A 235 -15.25 -14.02 2.75
N ASP A 236 -15.27 -13.04 3.66
CA ASP A 236 -16.35 -12.95 4.63
C ASP A 236 -17.69 -12.75 3.95
N LEU A 237 -17.69 -12.18 2.75
CA LEU A 237 -18.92 -12.05 1.97
C LEU A 237 -18.64 -12.35 0.50
N ILE B 5 -40.74 38.92 28.58
CA ILE B 5 -40.87 39.50 27.26
C ILE B 5 -40.53 38.46 26.20
N HIS B 6 -41.03 38.64 24.99
CA HIS B 6 -40.76 37.71 23.90
C HIS B 6 -39.41 38.02 23.27
N PHE B 7 -38.48 37.07 23.39
CA PHE B 7 -37.19 37.15 22.71
C PHE B 7 -37.21 36.21 21.52
N GLU B 8 -37.11 36.78 20.32
CA GLU B 8 -37.13 35.97 19.12
C GLU B 8 -35.90 35.07 19.09
N PRO B 9 -36.05 33.76 18.91
CA PRO B 9 -34.88 32.88 18.88
C PRO B 9 -34.11 32.99 17.56
N VAL B 10 -32.87 32.49 17.60
CA VAL B 10 -32.06 32.44 16.40
C VAL B 10 -32.78 31.62 15.33
N VAL B 11 -32.65 32.04 14.09
CA VAL B 11 -33.33 31.36 12.99
C VAL B 11 -32.60 30.06 12.66
N THR B 20 -34.66 9.96 -0.12
CA THR B 20 -34.20 8.59 -0.36
C THR B 20 -35.32 7.74 -0.97
N MET B 21 -36.57 8.15 -0.72
CA MET B 21 -37.75 7.46 -1.23
C MET B 21 -37.92 6.08 -0.59
N GLU B 22 -37.55 5.96 0.69
CA GLU B 22 -37.84 4.77 1.49
C GLU B 22 -38.69 5.10 2.71
N GLU B 23 -39.06 6.36 2.90
CA GLU B 23 -39.66 6.79 4.16
C GLU B 23 -41.01 6.12 4.40
N ASP B 24 -41.74 5.75 3.34
CA ASP B 24 -43.08 5.21 3.47
C ASP B 24 -43.12 3.69 3.34
N GLU B 25 -42.05 3.01 3.75
CA GLU B 25 -41.97 1.55 3.65
C GLU B 25 -41.61 0.96 5.00
N GLU B 26 -41.93 -0.31 5.16
CA GLU B 26 -41.62 -1.08 6.36
C GLU B 26 -40.49 -2.05 6.06
N VAL B 27 -39.58 -2.24 7.01
CA VAL B 27 -38.44 -3.11 6.85
C VAL B 27 -38.83 -4.48 7.41
N LEU B 28 -39.17 -5.41 6.51
CA LEU B 28 -39.46 -6.78 6.94
C LEU B 28 -38.18 -7.54 7.28
N TYR B 29 -37.13 -7.34 6.50
CA TYR B 29 -35.92 -8.13 6.63
C TYR B 29 -34.73 -7.27 6.21
N LYS B 30 -33.61 -7.45 6.90
CA LYS B 30 -32.36 -6.76 6.60
C LYS B 30 -31.20 -7.71 6.85
N VAL B 31 -30.28 -7.80 5.89
CA VAL B 31 -29.13 -8.68 6.03
C VAL B 31 -27.99 -8.13 5.18
N ARG B 32 -26.77 -8.25 5.70
CA ARG B 32 -25.59 -7.91 4.93
C ARG B 32 -25.30 -9.01 3.92
N ALA B 33 -25.00 -8.61 2.68
CA ALA B 33 -24.77 -9.57 1.61
C ALA B 33 -23.85 -8.95 0.58
N LYS B 34 -23.36 -9.81 -0.32
CA LYS B 34 -22.61 -9.39 -1.50
C LYS B 34 -23.38 -9.83 -2.72
N LEU B 35 -23.67 -8.89 -3.62
CA LEU B 35 -24.49 -9.14 -4.79
C LEU B 35 -23.60 -9.30 -6.02
N PHE B 36 -23.87 -10.32 -6.82
CA PHE B 36 -23.18 -10.57 -8.07
C PHE B 36 -24.17 -10.56 -9.23
N ARG B 37 -23.68 -10.17 -10.40
N ARG B 37 -23.69 -10.16 -10.40
CA ARG B 37 -24.39 -10.31 -11.66
CA ARG B 37 -24.41 -10.34 -11.65
C ARG B 37 -23.57 -11.21 -12.58
C ARG B 37 -23.58 -11.21 -12.57
N PHE B 38 -24.26 -12.05 -13.36
CA PHE B 38 -23.58 -12.96 -14.27
C PHE B 38 -23.41 -12.29 -15.62
N ASP B 39 -22.16 -12.20 -16.07
CA ASP B 39 -21.84 -11.71 -17.41
C ASP B 39 -21.77 -12.93 -18.33
N ALA B 40 -22.87 -13.21 -19.02
CA ALA B 40 -22.97 -14.42 -19.83
C ALA B 40 -22.00 -14.40 -21.01
N ASP B 41 -21.59 -13.22 -21.47
CA ASP B 41 -20.68 -13.13 -22.61
C ASP B 41 -19.22 -13.27 -22.20
N ALA B 42 -18.92 -13.17 -20.91
CA ALA B 42 -17.60 -13.52 -20.39
C ALA B 42 -17.63 -14.79 -19.55
N LYS B 43 -18.81 -15.36 -19.31
CA LYS B 43 -18.95 -16.57 -18.50
C LYS B 43 -18.28 -16.42 -17.14
N GLU B 44 -18.48 -15.27 -16.51
CA GLU B 44 -17.96 -15.07 -15.16
C GLU B 44 -18.89 -14.19 -14.37
N TRP B 45 -18.89 -14.38 -13.05
CA TRP B 45 -19.66 -13.56 -12.14
C TRP B 45 -18.91 -12.27 -11.84
N LYS B 46 -19.65 -11.17 -11.74
CA LYS B 46 -19.07 -9.86 -11.45
C LYS B 46 -19.79 -9.26 -10.25
N GLU B 47 -19.01 -8.84 -9.25
CA GLU B 47 -19.58 -8.19 -8.08
C GLU B 47 -20.32 -6.92 -8.51
N ARG B 48 -21.49 -6.71 -7.90
CA ARG B 48 -22.26 -5.50 -8.12
C ARG B 48 -22.32 -4.60 -6.89
N GLY B 49 -22.07 -5.14 -5.69
CA GLY B 49 -22.12 -4.34 -4.50
C GLY B 49 -22.19 -5.14 -3.22
N THR B 50 -21.69 -4.56 -2.14
CA THR B 50 -21.73 -5.14 -0.80
C THR B 50 -22.42 -4.15 0.13
N GLY B 51 -23.36 -4.63 0.93
CA GLY B 51 -24.07 -3.76 1.84
C GLY B 51 -25.29 -4.44 2.42
N ASP B 52 -26.18 -3.61 2.97
CA ASP B 52 -27.41 -4.11 3.58
C ASP B 52 -28.45 -4.38 2.50
N CYS B 53 -28.91 -5.63 2.44
CA CYS B 53 -30.03 -6.02 1.59
C CYS B 53 -31.29 -6.00 2.44
N LYS B 54 -32.29 -5.21 2.03
CA LYS B 54 -33.51 -5.02 2.79
C LYS B 54 -34.71 -5.45 1.97
N PHE B 55 -35.67 -6.10 2.65
CA PHE B 55 -36.99 -6.36 2.09
C PHE B 55 -37.91 -5.25 2.59
N LEU B 56 -38.37 -4.40 1.66
CA LEU B 56 -39.16 -3.22 2.01
C LEU B 56 -40.61 -3.44 1.59
N LYS B 57 -41.52 -3.37 2.55
CA LYS B 57 -42.95 -3.57 2.31
C LYS B 57 -43.63 -2.19 2.20
N ASN B 58 -44.15 -1.90 1.02
CA ASN B 58 -44.87 -0.64 0.81
C ASN B 58 -46.13 -0.62 1.65
N LYS B 59 -46.31 0.43 2.45
CA LYS B 59 -47.44 0.50 3.37
C LYS B 59 -48.77 0.74 2.64
N LYS B 60 -48.73 1.30 1.43
CA LYS B 60 -49.96 1.52 0.67
C LYS B 60 -50.39 0.29 -0.11
N THR B 61 -49.45 -0.35 -0.80
CA THR B 61 -49.76 -1.51 -1.62
C THR B 61 -49.51 -2.84 -0.92
N ASN B 62 -48.73 -2.84 0.16
CA ASN B 62 -48.30 -4.07 0.83
C ASN B 62 -47.40 -4.92 -0.06
N LYS B 63 -46.85 -4.34 -1.12
CA LYS B 63 -45.91 -5.04 -1.98
C LYS B 63 -44.51 -4.95 -1.38
N VAL B 64 -43.74 -6.02 -1.53
CA VAL B 64 -42.38 -6.10 -0.99
C VAL B 64 -41.39 -6.09 -2.14
N ARG B 65 -40.30 -5.35 -1.95
CA ARG B 65 -39.20 -5.30 -2.90
C ARG B 65 -37.90 -5.58 -2.18
N ILE B 66 -36.85 -5.82 -2.97
CA ILE B 66 -35.48 -5.85 -2.47
C ILE B 66 -34.85 -4.51 -2.79
N LEU B 67 -34.35 -3.83 -1.77
CA LEU B 67 -33.53 -2.64 -1.97
C LEU B 67 -32.20 -2.84 -1.27
N MET B 68 -31.11 -2.68 -2.03
CA MET B 68 -29.77 -2.91 -1.54
C MET B 68 -28.87 -1.75 -1.98
N ARG B 69 -28.05 -1.27 -1.05
CA ARG B 69 -27.16 -0.15 -1.30
C ARG B 69 -25.72 -0.53 -0.94
N ARG B 70 -24.78 0.01 -1.70
CA ARG B 70 -23.37 -0.19 -1.40
C ARG B 70 -22.97 0.60 -0.16
N ASP B 71 -22.13 0.00 0.67
CA ASP B 71 -21.58 0.71 1.82
C ASP B 71 -20.88 1.99 1.37
N LYS B 72 -20.89 2.98 2.25
CA LYS B 72 -20.13 4.22 2.07
C LYS B 72 -20.73 5.13 1.00
N THR B 73 -20.74 4.68 -0.26
CA THR B 73 -21.34 5.49 -1.32
C THR B 73 -22.86 5.43 -1.28
N LEU B 74 -23.44 4.39 -0.68
CA LEU B 74 -24.89 4.24 -0.55
C LEU B 74 -25.59 4.17 -1.90
N LYS B 75 -24.86 3.81 -2.95
CA LYS B 75 -25.45 3.70 -4.28
C LYS B 75 -26.22 2.40 -4.41
N ILE B 76 -27.37 2.48 -5.10
CA ILE B 76 -28.27 1.34 -5.21
C ILE B 76 -27.66 0.30 -6.15
N CYS B 77 -27.54 -0.94 -5.67
CA CYS B 77 -27.12 -2.06 -6.50
C CYS B 77 -28.19 -3.11 -6.68
N ALA B 78 -29.39 -2.90 -6.13
CA ALA B 78 -30.52 -3.79 -6.38
C ALA B 78 -31.80 -3.08 -6.00
N ASN B 79 -32.80 -3.13 -6.89
CA ASN B 79 -34.11 -2.55 -6.61
C ASN B 79 -35.11 -3.23 -7.54
N HIS B 80 -35.87 -4.18 -7.00
CA HIS B 80 -36.81 -4.93 -7.81
C HIS B 80 -37.80 -5.64 -6.90
N ILE B 81 -39.01 -5.87 -7.43
CA ILE B 81 -40.02 -6.61 -6.69
C ILE B 81 -39.57 -8.04 -6.48
N ILE B 82 -39.86 -8.58 -5.31
CA ILE B 82 -39.66 -10.00 -5.04
C ILE B 82 -40.79 -10.77 -5.71
N ALA B 83 -40.67 -10.98 -7.01
CA ALA B 83 -41.78 -11.55 -7.78
C ALA B 83 -42.03 -12.99 -7.36
N PRO B 84 -43.30 -13.42 -7.25
CA PRO B 84 -43.57 -14.80 -6.83
C PRO B 84 -43.15 -15.85 -7.85
N GLU B 85 -42.88 -15.46 -9.10
CA GLU B 85 -42.40 -16.44 -10.08
C GLU B 85 -40.94 -16.81 -9.84
N TYR B 86 -40.14 -15.86 -9.36
CA TYR B 86 -38.72 -16.11 -9.15
C TYR B 86 -38.51 -17.33 -8.28
N THR B 87 -37.37 -17.99 -8.49
N THR B 87 -37.37 -18.00 -8.49
CA THR B 87 -37.02 -19.22 -7.78
CA THR B 87 -37.04 -19.21 -7.75
C THR B 87 -35.55 -19.15 -7.40
C THR B 87 -35.56 -19.17 -7.40
N LEU B 88 -35.26 -19.26 -6.11
CA LEU B 88 -33.88 -19.27 -5.63
C LEU B 88 -33.28 -20.65 -5.84
N LYS B 89 -32.07 -20.69 -6.40
CA LYS B 89 -31.39 -21.95 -6.64
C LYS B 89 -29.93 -21.84 -6.19
N PRO B 90 -29.33 -22.96 -5.76
CA PRO B 90 -27.98 -22.90 -5.22
C PRO B 90 -26.93 -22.76 -6.32
N ASN B 91 -25.79 -22.20 -5.93
CA ASN B 91 -24.62 -22.13 -6.80
C ASN B 91 -23.69 -23.29 -6.49
N VAL B 92 -23.08 -23.83 -7.54
CA VAL B 92 -22.27 -25.04 -7.40
C VAL B 92 -21.15 -24.85 -6.37
N GLY B 93 -20.64 -23.63 -6.23
CA GLY B 93 -19.49 -23.39 -5.39
C GLY B 93 -19.78 -22.89 -3.99
N SER B 94 -21.04 -22.80 -3.58
CA SER B 94 -21.37 -22.12 -2.34
C SER B 94 -22.54 -22.80 -1.65
N ASP B 95 -22.46 -22.89 -0.31
CA ASP B 95 -23.57 -23.30 0.52
C ASP B 95 -24.22 -22.12 1.24
N ARG B 96 -23.90 -20.89 0.82
CA ARG B 96 -24.40 -19.69 1.47
C ARG B 96 -24.78 -18.63 0.45
N SER B 97 -25.23 -19.06 -0.73
CA SER B 97 -25.59 -18.14 -1.80
C SER B 97 -26.82 -18.67 -2.52
N TRP B 98 -27.51 -17.77 -3.21
CA TRP B 98 -28.65 -18.12 -4.04
C TRP B 98 -28.51 -17.47 -5.41
N VAL B 99 -28.88 -18.22 -6.44
CA VAL B 99 -28.91 -17.73 -7.81
C VAL B 99 -30.37 -17.66 -8.25
N TYR B 100 -30.74 -16.58 -8.92
CA TYR B 100 -32.09 -16.46 -9.46
C TYR B 100 -32.11 -15.42 -10.56
N ALA B 101 -33.10 -15.55 -11.44
CA ALA B 101 -33.28 -14.64 -12.55
C ALA B 101 -34.16 -13.47 -12.13
N CYS B 102 -33.80 -12.27 -12.60
CA CYS B 102 -34.57 -11.07 -12.36
C CYS B 102 -34.84 -10.40 -13.70
N THR B 103 -36.10 -10.10 -13.97
CA THR B 103 -36.51 -9.59 -15.27
C THR B 103 -36.73 -8.09 -15.29
N ALA B 104 -36.56 -7.39 -14.16
CA ALA B 104 -36.78 -5.94 -14.15
C ALA B 104 -36.15 -5.37 -12.87
N ASP B 105 -34.86 -5.04 -12.94
CA ASP B 105 -34.15 -4.34 -11.88
C ASP B 105 -33.80 -2.95 -12.34
N ILE B 106 -33.98 -1.97 -11.46
CA ILE B 106 -33.83 -0.56 -11.81
C ILE B 106 -32.76 0.12 -10.95
N ALA B 107 -31.75 -0.64 -10.55
CA ALA B 107 -30.68 -0.05 -9.74
C ALA B 107 -29.91 0.99 -10.54
N GLU B 108 -29.69 0.75 -11.83
CA GLU B 108 -28.93 1.65 -12.69
C GLU B 108 -29.82 2.40 -13.68
N GLY B 109 -31.09 2.56 -13.34
CA GLY B 109 -32.00 3.32 -14.19
C GLY B 109 -32.94 2.45 -15.01
N GLU B 110 -32.64 2.30 -16.29
CA GLU B 110 -33.53 1.56 -17.19
C GLU B 110 -33.66 0.11 -16.73
N ALA B 111 -34.91 -0.37 -16.66
CA ALA B 111 -35.18 -1.71 -16.19
C ALA B 111 -34.55 -2.76 -17.08
N GLU B 112 -33.49 -3.42 -16.59
CA GLU B 112 -32.86 -4.52 -17.29
C GLU B 112 -33.21 -5.83 -16.59
N ALA B 113 -32.94 -6.93 -17.29
CA ALA B 113 -33.03 -8.27 -16.71
C ALA B 113 -31.63 -8.76 -16.35
N PHE B 114 -31.56 -9.54 -15.27
CA PHE B 114 -30.28 -9.98 -14.74
C PHE B 114 -30.39 -11.41 -14.24
N THR B 115 -29.24 -12.08 -14.21
CA THR B 115 -29.05 -13.31 -13.45
C THR B 115 -28.20 -12.93 -12.25
N PHE B 116 -28.84 -12.81 -11.09
CA PHE B 116 -28.18 -12.39 -9.87
C PHE B 116 -27.72 -13.58 -9.04
N ALA B 117 -26.63 -13.38 -8.31
CA ALA B 117 -26.24 -14.24 -7.21
C ALA B 117 -26.00 -13.36 -6.00
N ILE B 118 -26.49 -13.80 -4.85
CA ILE B 118 -26.35 -13.05 -3.61
C ILE B 118 -25.77 -13.99 -2.56
N ARG B 119 -24.70 -13.54 -1.91
CA ARG B 119 -23.98 -14.35 -0.94
C ARG B 119 -24.00 -13.68 0.42
N PHE B 120 -23.98 -14.51 1.46
CA PHE B 120 -24.14 -14.06 2.84
C PHE B 120 -22.98 -14.57 3.68
N GLY B 121 -22.92 -14.09 4.92
CA GLY B 121 -21.82 -14.45 5.80
C GLY B 121 -21.86 -15.90 6.26
N SER B 122 -23.01 -16.55 6.19
CA SER B 122 -23.15 -17.90 6.70
C SER B 122 -24.28 -18.61 5.97
N LYS B 123 -24.21 -19.93 5.95
CA LYS B 123 -25.33 -20.72 5.45
C LYS B 123 -26.60 -20.39 6.20
N GLU B 124 -26.48 -20.10 7.50
CA GLU B 124 -27.64 -19.79 8.32
C GLU B 124 -28.35 -18.53 7.81
N ASN B 125 -27.59 -17.47 7.55
CA ASN B 125 -28.19 -16.26 7.02
C ASN B 125 -28.77 -16.50 5.62
N ALA B 126 -28.10 -17.32 4.82
CA ALA B 126 -28.62 -17.63 3.48
C ALA B 126 -29.94 -18.37 3.57
N ASP B 127 -30.07 -19.31 4.51
CA ASP B 127 -31.32 -20.02 4.67
C ASP B 127 -32.41 -19.11 5.19
N LYS B 128 -32.08 -18.21 6.10
CA LYS B 128 -33.06 -17.22 6.58
C LYS B 128 -33.53 -16.34 5.42
N PHE B 129 -32.58 -15.83 4.63
CA PHE B 129 -32.93 -15.06 3.43
C PHE B 129 -33.94 -15.83 2.57
N LYS B 130 -33.64 -17.11 2.32
CA LYS B 130 -34.56 -17.96 1.57
C LYS B 130 -35.95 -17.95 2.20
N GLU B 131 -36.02 -18.21 3.51
CA GLU B 131 -37.29 -18.20 4.22
C GLU B 131 -38.01 -16.87 4.01
N GLU B 132 -37.34 -15.76 4.34
CA GLU B 132 -37.95 -14.45 4.17
C GLU B 132 -38.31 -14.19 2.71
N PHE B 133 -37.44 -14.61 1.79
CA PHE B 133 -37.69 -14.39 0.37
C PHE B 133 -38.99 -15.05 -0.07
N GLU B 134 -39.27 -16.26 0.42
CA GLU B 134 -40.48 -16.96 0.01
C GLU B 134 -41.71 -16.40 0.73
N LYS B 135 -41.58 -16.05 2.01
CA LYS B 135 -42.66 -15.36 2.70
C LYS B 135 -43.07 -14.10 1.94
N ALA B 136 -42.09 -13.32 1.50
CA ALA B 136 -42.38 -12.10 0.75
C ALA B 136 -43.06 -12.41 -0.57
N GLN B 137 -42.70 -13.52 -1.21
CA GLN B 137 -43.38 -13.91 -2.44
C GLN B 137 -44.86 -14.16 -2.19
N GLU B 138 -45.20 -14.72 -1.03
CA GLU B 138 -46.61 -14.91 -0.68
C GLU B 138 -47.30 -13.56 -0.49
N ILE B 139 -46.64 -12.64 0.22
CA ILE B 139 -47.19 -11.29 0.40
C ILE B 139 -47.55 -10.70 -0.96
N ASN B 140 -46.63 -10.81 -1.92
CA ASN B 140 -46.83 -10.20 -3.23
C ASN B 140 -47.84 -10.96 -4.08
N LYS B 141 -48.11 -12.23 -3.76
CA LYS B 141 -49.14 -12.97 -4.48
C LYS B 141 -50.52 -12.41 -4.18
N LYS B 142 -50.80 -12.11 -2.91
CA LYS B 142 -52.10 -11.59 -2.52
C LYS B 142 -52.37 -10.22 -3.14
N ALA B 143 -51.50 -9.26 -2.85
CA ALA B 143 -51.68 -7.88 -3.32
C ALA B 143 -51.86 -7.83 -4.82
N GLY C 2 -13.16 6.68 -39.85
CA GLY C 2 -14.01 7.88 -40.07
C GLY C 2 -13.31 8.99 -40.84
N SER C 3 -13.79 10.22 -40.67
CA SER C 3 -13.21 11.35 -41.38
C SER C 3 -11.99 11.91 -40.65
N MET C 4 -12.04 11.94 -39.31
CA MET C 4 -10.97 12.54 -38.53
C MET C 4 -9.61 11.95 -38.85
N GLU C 5 -9.55 10.74 -39.39
CA GLU C 5 -8.28 10.07 -39.65
C GLU C 5 -7.45 10.73 -40.75
N GLY C 6 -7.89 11.87 -41.29
CA GLY C 6 -7.16 12.48 -42.38
C GLY C 6 -5.79 13.00 -41.98
N ILE C 7 -5.63 13.44 -40.73
CA ILE C 7 -4.36 13.99 -40.28
C ILE C 7 -3.27 12.93 -40.27
N LEU C 8 -3.64 11.65 -40.24
CA LEU C 8 -2.67 10.56 -40.26
C LEU C 8 -2.07 10.33 -41.64
N ASP C 9 -2.60 10.96 -42.68
CA ASP C 9 -2.09 10.81 -44.05
C ASP C 9 -1.07 11.92 -44.30
N PHE C 10 0.21 11.56 -44.23
CA PHE C 10 1.29 12.54 -44.36
C PHE C 10 1.67 12.83 -45.79
N SER C 11 1.22 12.02 -46.76
CA SER C 11 1.48 12.34 -48.16
C SER C 11 0.85 13.67 -48.52
N ASN C 12 -0.35 13.95 -48.00
CA ASN C 12 -0.98 15.24 -48.17
C ASN C 12 -0.47 16.21 -47.11
N ASP C 13 -0.70 17.50 -47.36
CA ASP C 13 -0.35 18.52 -46.38
C ASP C 13 -1.28 18.43 -45.17
N LEU C 14 -0.79 18.91 -44.03
CA LEU C 14 -1.55 18.85 -42.79
C LEU C 14 -2.59 19.96 -42.77
N ASP C 15 -3.86 19.58 -42.70
CA ASP C 15 -4.95 20.53 -42.55
C ASP C 15 -5.10 20.87 -41.07
N ILE C 16 -4.67 22.07 -40.69
CA ILE C 16 -4.71 22.48 -39.29
C ILE C 16 -6.14 22.47 -38.78
N ALA C 17 -7.07 23.03 -39.56
CA ALA C 17 -8.47 23.04 -39.15
C ALA C 17 -8.97 21.65 -38.82
N LEU C 18 -8.48 20.63 -39.55
CA LEU C 18 -8.83 19.26 -39.22
C LEU C 18 -8.21 18.84 -37.90
N LEU C 19 -6.95 19.21 -37.67
CA LEU C 19 -6.30 18.88 -36.40
C LEU C 19 -7.12 19.36 -35.22
N ASP C 20 -7.63 20.59 -35.29
CA ASP C 20 -8.35 21.16 -34.16
C ASP C 20 -9.69 20.47 -33.93
N GLN C 21 -10.32 19.95 -34.99
CA GLN C 21 -11.56 19.21 -34.81
C GLN C 21 -11.30 17.90 -34.08
N VAL C 22 -10.16 17.26 -34.35
CA VAL C 22 -9.76 16.09 -33.59
C VAL C 22 -9.41 16.48 -32.16
N VAL C 23 -8.63 17.55 -32.01
CA VAL C 23 -8.19 17.98 -30.69
C VAL C 23 -9.37 18.43 -29.85
N SER C 24 -10.24 19.27 -30.42
CA SER C 24 -11.42 19.71 -29.70
C SER C 24 -12.32 18.54 -29.35
N THR C 25 -12.51 17.61 -30.29
CA THR C 25 -13.34 16.44 -30.03
C THR C 25 -12.77 15.63 -28.86
N PHE C 26 -11.45 15.56 -28.75
CA PHE C 26 -10.85 14.80 -27.66
C PHE C 26 -11.03 15.53 -26.33
N TYR C 27 -10.63 16.80 -26.27
CA TYR C 27 -10.61 17.51 -24.99
C TYR C 27 -12.00 17.91 -24.53
N GLN C 28 -12.88 18.35 -25.44
CA GLN C 28 -14.21 18.81 -25.08
C GLN C 28 -15.31 17.83 -25.42
N GLY C 29 -15.03 16.78 -26.19
CA GLY C 29 -16.05 15.83 -26.59
C GLY C 29 -16.35 14.80 -25.50
N SER C 30 -17.09 13.77 -25.90
CA SER C 30 -17.48 12.72 -24.98
C SER C 30 -17.71 11.42 -25.75
N GLY C 31 -17.81 10.34 -25.00
CA GLY C 31 -18.23 9.06 -25.56
C GLY C 31 -17.38 8.58 -26.71
N VAL C 32 -18.04 7.95 -27.68
CA VAL C 32 -17.34 7.25 -28.76
C VAL C 32 -16.48 8.22 -29.56
N GLN C 33 -17.02 9.40 -29.89
CA GLN C 33 -16.24 10.37 -30.65
C GLN C 33 -14.92 10.69 -29.95
N GLN C 34 -14.99 11.01 -28.66
CA GLN C 34 -13.79 11.31 -27.89
C GLN C 34 -12.78 10.16 -28.00
N LYS C 35 -13.24 8.93 -27.82
CA LYS C 35 -12.34 7.78 -27.86
C LYS C 35 -11.67 7.65 -29.22
N GLN C 36 -12.40 7.96 -30.30
CA GLN C 36 -11.82 7.85 -31.64
C GLN C 36 -10.73 8.91 -31.84
N ALA C 37 -11.04 10.16 -31.54
CA ALA C 37 -10.04 11.22 -31.68
C ALA C 37 -8.82 10.94 -30.83
N GLN C 38 -9.01 10.34 -29.66
CA GLN C 38 -7.87 9.99 -28.81
C GLN C 38 -6.91 9.06 -29.54
N GLU C 39 -7.43 7.96 -30.10
CA GLU C 39 -6.58 7.03 -30.82
C GLU C 39 -5.93 7.68 -32.03
N ILE C 40 -6.64 8.62 -32.68
CA ILE C 40 -6.07 9.31 -33.83
C ILE C 40 -4.93 10.22 -33.39
N LEU C 41 -5.10 10.92 -32.26
CA LEU C 41 -4.06 11.83 -31.80
C LEU C 41 -2.82 11.06 -31.33
N THR C 42 -3.01 9.94 -30.64
CA THR C 42 -1.88 9.12 -30.24
C THR C 42 -1.10 8.63 -31.45
N LYS C 43 -1.80 8.19 -32.50
CA LYS C 43 -1.13 7.76 -33.73
C LYS C 43 -0.41 8.92 -34.39
N PHE C 44 -1.06 10.08 -34.48
CA PHE C 44 -0.41 11.27 -35.03
C PHE C 44 0.83 11.63 -34.22
N GLN C 45 0.69 11.70 -32.89
CA GLN C 45 1.82 12.09 -32.05
C GLN C 45 2.98 11.13 -32.20
N ASP C 46 2.69 9.84 -32.35
CA ASP C 46 3.74 8.81 -32.39
C ASP C 46 4.35 8.63 -33.76
N ASN C 47 3.92 9.39 -34.76
CA ASN C 47 4.55 9.31 -36.08
C ASN C 47 5.97 9.87 -35.98
N PRO C 48 7.01 9.11 -36.34
CA PRO C 48 8.38 9.62 -36.19
C PRO C 48 8.68 10.85 -37.06
N ASP C 49 7.75 11.30 -37.89
CA ASP C 49 7.92 12.50 -38.70
C ASP C 49 7.02 13.63 -38.27
N ALA C 50 6.18 13.43 -37.24
CA ALA C 50 5.27 14.48 -36.80
C ALA C 50 6.00 15.75 -36.40
N TRP C 51 7.24 15.62 -35.91
CA TRP C 51 7.99 16.79 -35.47
C TRP C 51 8.24 17.76 -36.62
N GLN C 52 8.37 17.25 -37.84
CA GLN C 52 8.54 18.13 -38.99
C GLN C 52 7.36 19.07 -39.16
N LYS C 53 6.17 18.61 -38.79
CA LYS C 53 4.95 19.40 -38.91
C LYS C 53 4.66 20.21 -37.66
N ALA C 54 5.61 20.27 -36.72
CA ALA C 54 5.38 20.97 -35.45
C ALA C 54 5.44 22.48 -35.62
N ASP C 55 6.41 23.00 -36.37
CA ASP C 55 6.50 24.45 -36.55
C ASP C 55 5.30 24.97 -37.33
N GLN C 56 4.69 24.14 -38.18
CA GLN C 56 3.44 24.53 -38.82
C GLN C 56 2.34 24.73 -37.79
N ILE C 57 2.14 23.73 -36.93
CA ILE C 57 1.10 23.82 -35.90
C ILE C 57 1.33 25.04 -35.01
N LEU C 58 2.58 25.24 -34.59
CA LEU C 58 2.89 26.33 -33.67
C LEU C 58 2.71 27.69 -34.34
N GLN C 59 2.87 27.76 -35.66
CA GLN C 59 2.75 29.03 -36.36
C GLN C 59 1.30 29.37 -36.69
N PHE C 60 0.55 28.41 -37.21
CA PHE C 60 -0.75 28.68 -37.82
C PHE C 60 -1.95 28.23 -36.99
N SER C 61 -1.75 27.36 -35.99
CA SER C 61 -2.87 26.94 -35.17
C SER C 61 -3.37 28.09 -34.32
N THR C 62 -4.69 28.10 -34.07
CA THR C 62 -5.30 29.01 -33.13
C THR C 62 -5.74 28.31 -31.85
N ASN C 63 -5.40 27.03 -31.70
CA ASN C 63 -5.82 26.22 -30.56
C ASN C 63 -4.65 25.98 -29.63
N PRO C 64 -4.72 26.39 -28.35
CA PRO C 64 -3.58 26.15 -27.46
C PRO C 64 -3.28 24.68 -27.21
N GLN C 65 -4.30 23.82 -27.20
CA GLN C 65 -4.05 22.39 -26.99
C GLN C 65 -3.28 21.79 -28.16
N SER C 66 -3.61 22.20 -29.39
CA SER C 66 -2.88 21.73 -30.56
C SER C 66 -1.40 22.09 -30.47
N LYS C 67 -1.10 23.33 -30.04
CA LYS C 67 0.28 23.73 -29.90
C LYS C 67 0.97 22.99 -28.76
N PHE C 68 0.24 22.67 -27.70
CA PHE C 68 0.80 21.85 -26.62
C PHE C 68 1.23 20.50 -27.15
N ILE C 69 0.34 19.82 -27.87
CA ILE C 69 0.67 18.51 -28.43
C ILE C 69 1.86 18.62 -29.38
N ALA C 70 1.94 19.72 -30.13
CA ALA C 70 3.08 19.91 -31.02
C ALA C 70 4.37 19.98 -30.23
N LEU C 71 4.34 20.57 -29.04
CA LEU C 71 5.55 20.67 -28.22
C LEU C 71 5.90 19.32 -27.61
N SER C 72 4.89 18.53 -27.22
CA SER C 72 5.16 17.16 -26.79
C SER C 72 5.89 16.38 -27.87
N ILE C 73 5.42 16.50 -29.11
CA ILE C 73 6.10 15.85 -30.23
C ILE C 73 7.55 16.32 -30.32
N LEU C 74 7.77 17.64 -30.19
CA LEU C 74 9.13 18.16 -30.21
C LEU C 74 9.94 17.65 -29.03
N ASP C 75 9.30 17.55 -27.86
N ASP C 75 9.30 17.54 -27.86
CA ASP C 75 9.99 17.05 -26.67
CA ASP C 75 10.01 17.05 -26.68
C ASP C 75 10.55 15.65 -26.92
C ASP C 75 10.54 15.64 -26.89
N LYS C 76 9.74 14.76 -27.50
CA LYS C 76 10.20 13.42 -27.81
C LYS C 76 11.44 13.46 -28.68
N LEU C 77 11.45 14.35 -29.68
CA LEU C 77 12.60 14.46 -30.58
C LEU C 77 13.82 14.97 -29.85
N ILE C 78 13.67 16.06 -29.10
CA ILE C 78 14.82 16.69 -28.43
C ILE C 78 15.48 15.73 -27.46
N THR C 79 14.68 14.97 -26.70
CA THR C 79 15.24 14.14 -25.64
C THR C 79 15.78 12.82 -26.14
N ARG C 80 15.36 12.34 -27.30
CA ARG C 80 15.73 11.00 -27.77
C ARG C 80 16.55 10.98 -29.05
N LYS C 81 16.31 11.90 -30.00
CA LYS C 81 16.96 11.84 -31.30
C LYS C 81 17.63 13.15 -31.71
N TRP C 82 17.74 14.12 -30.79
CA TRP C 82 18.35 15.41 -31.09
C TRP C 82 19.66 15.26 -31.87
N LYS C 83 20.54 14.36 -31.43
CA LYS C 83 21.88 14.30 -31.98
C LYS C 83 21.92 13.64 -33.36
N LEU C 84 20.89 12.88 -33.73
CA LEU C 84 20.84 12.29 -35.06
C LEU C 84 20.49 13.31 -36.12
N LEU C 85 19.88 14.44 -35.73
CA LEU C 85 19.41 15.41 -36.69
C LEU C 85 20.57 16.07 -37.42
N PRO C 86 20.38 16.47 -38.67
CA PRO C 86 21.32 17.41 -39.30
C PRO C 86 21.39 18.68 -38.47
N ASN C 87 22.60 19.24 -38.39
CA ASN C 87 22.80 20.40 -37.53
C ASN C 87 21.85 21.54 -37.86
N ASP C 88 21.42 21.64 -39.13
CA ASP C 88 20.54 22.74 -39.52
C ASP C 88 19.19 22.65 -38.82
N HIS C 89 18.64 21.44 -38.69
CA HIS C 89 17.37 21.29 -37.98
C HIS C 89 17.52 21.68 -36.51
N ARG C 90 18.64 21.32 -35.89
CA ARG C 90 18.85 21.67 -34.48
C ARG C 90 18.82 23.17 -34.27
N ILE C 91 19.58 23.91 -35.09
CA ILE C 91 19.58 25.36 -35.00
C ILE C 91 18.18 25.90 -35.29
N GLY C 92 17.51 25.35 -36.29
CA GLY C 92 16.19 25.82 -36.65
C GLY C 92 15.19 25.63 -35.53
N ILE C 93 15.17 24.42 -34.93
CA ILE C 93 14.23 24.14 -33.86
C ILE C 93 14.44 25.10 -32.70
N ARG C 94 15.70 25.28 -32.28
CA ARG C 94 15.99 26.25 -31.23
C ARG C 94 15.41 27.61 -31.57
N ASN C 95 15.68 28.08 -32.79
CA ASN C 95 15.31 29.44 -33.16
C ASN C 95 13.81 29.67 -33.03
N PHE C 96 12.98 28.73 -33.51
CA PHE C 96 11.55 28.98 -33.49
C PHE C 96 10.88 28.58 -32.19
N VAL C 97 11.60 27.95 -31.26
CA VAL C 97 11.12 27.85 -29.88
C VAL C 97 11.40 29.14 -29.13
N VAL C 98 12.63 29.65 -29.21
CA VAL C 98 12.97 30.91 -28.58
C VAL C 98 12.07 32.02 -29.12
N GLY C 99 11.93 32.09 -30.45
CA GLY C 99 11.11 33.14 -31.03
C GLY C 99 9.66 33.06 -30.59
N MET C 100 9.10 31.85 -30.56
CA MET C 100 7.73 31.68 -30.12
C MET C 100 7.55 32.18 -28.69
N ILE C 101 8.49 31.85 -27.80
CA ILE C 101 8.37 32.27 -26.41
C ILE C 101 8.39 33.79 -26.30
N ILE C 102 9.27 34.44 -27.07
CA ILE C 102 9.31 35.90 -27.05
C ILE C 102 7.97 36.48 -27.48
N SER C 103 7.42 35.97 -28.58
CA SER C 103 6.17 36.52 -29.10
C SER C 103 5.04 36.36 -28.08
N MET C 104 4.96 35.20 -27.43
CA MET C 104 3.89 34.98 -26.46
C MET C 104 4.02 35.93 -25.28
N CYS C 105 5.25 36.24 -24.86
CA CYS C 105 5.45 37.14 -23.74
C CYS C 105 5.17 38.59 -24.09
N GLN C 106 5.29 38.97 -25.37
CA GLN C 106 5.06 40.35 -25.77
C GLN C 106 3.58 40.68 -25.87
N ASP C 107 2.74 39.69 -26.17
CA ASP C 107 1.29 39.88 -26.25
C ASP C 107 0.70 39.63 -24.86
N ASP C 108 0.34 40.71 -24.17
CA ASP C 108 -0.13 40.59 -22.80
C ASP C 108 -1.38 39.71 -22.70
N GLU C 109 -2.25 39.75 -23.71
CA GLU C 109 -3.44 38.91 -23.70
C GLU C 109 -3.05 37.44 -23.75
N VAL C 110 -2.09 37.09 -24.61
CA VAL C 110 -1.62 35.71 -24.69
C VAL C 110 -0.89 35.32 -23.42
N PHE C 111 -0.08 36.23 -22.87
CA PHE C 111 0.73 35.90 -21.71
C PHE C 111 -0.14 35.50 -20.53
N LYS C 112 -1.28 36.15 -20.35
CA LYS C 112 -2.13 35.92 -19.19
C LYS C 112 -3.16 34.81 -19.41
N THR C 113 -3.46 34.47 -20.66
CA THR C 113 -4.52 33.52 -20.95
C THR C 113 -4.03 32.16 -21.41
N GLN C 114 -2.75 32.01 -21.73
CA GLN C 114 -2.18 30.75 -22.21
C GLN C 114 -0.98 30.34 -21.36
N LYS C 115 -1.16 30.34 -20.04
CA LYS C 115 -0.07 29.96 -19.15
C LYS C 115 0.40 28.53 -19.43
N ASN C 116 -0.54 27.60 -19.58
CA ASN C 116 -0.16 26.21 -19.85
C ASN C 116 0.73 26.10 -21.08
N LEU C 117 0.37 26.81 -22.16
CA LEU C 117 1.15 26.70 -23.38
C LEU C 117 2.52 27.34 -23.24
N ILE C 118 2.62 28.45 -22.49
CA ILE C 118 3.91 29.09 -22.27
C ILE C 118 4.79 28.21 -21.39
N ASN C 119 4.23 27.64 -20.33
CA ASN C 119 4.99 26.75 -19.46
C ASN C 119 5.52 25.56 -20.24
N LYS C 120 4.71 24.99 -21.13
CA LYS C 120 5.16 23.88 -21.96
C LYS C 120 6.30 24.31 -22.88
N SER C 121 6.22 25.53 -23.42
CA SER C 121 7.28 26.04 -24.27
C SER C 121 8.55 26.26 -23.47
N ASP C 122 8.42 26.74 -22.23
CA ASP C 122 9.59 26.92 -21.37
C ASP C 122 10.27 25.60 -21.08
N LEU C 123 9.50 24.55 -20.79
CA LEU C 123 10.09 23.26 -20.53
C LEU C 123 10.76 22.70 -21.79
N THR C 124 10.13 22.88 -22.95
CA THR C 124 10.75 22.46 -24.20
C THR C 124 12.08 23.17 -24.41
N LEU C 125 12.13 24.48 -24.15
CA LEU C 125 13.39 25.21 -24.20
C LEU C 125 14.42 24.58 -23.28
N VAL C 126 14.01 24.23 -22.05
CA VAL C 126 14.95 23.64 -21.10
C VAL C 126 15.48 22.32 -21.63
N GLN C 127 14.66 21.56 -22.35
CA GLN C 127 15.17 20.32 -22.95
C GLN C 127 16.28 20.63 -23.95
N ILE C 128 16.14 21.71 -24.71
CA ILE C 128 17.19 22.11 -25.64
C ILE C 128 18.44 22.54 -24.88
N LEU C 129 18.27 23.32 -23.81
CA LEU C 129 19.41 23.73 -22.99
C LEU C 129 20.17 22.51 -22.47
N LYS C 130 19.45 21.46 -22.07
CA LYS C 130 20.10 20.27 -21.57
C LYS C 130 20.96 19.62 -22.65
N GLN C 131 20.61 19.81 -23.91
CA GLN C 131 21.38 19.28 -25.03
C GLN C 131 22.51 20.20 -25.47
N GLU C 132 22.30 21.51 -25.39
CA GLU C 132 23.14 22.47 -26.08
C GLU C 132 23.92 23.41 -25.17
N TRP C 133 23.56 23.52 -23.90
CA TRP C 133 24.09 24.58 -23.07
C TRP C 133 25.02 24.04 -22.00
N PRO C 134 26.12 24.74 -21.69
CA PRO C 134 26.60 25.99 -22.28
C PRO C 134 27.58 25.83 -23.45
N GLN C 135 27.98 24.60 -23.77
CA GLN C 135 29.03 24.39 -24.76
C GLN C 135 28.67 24.96 -26.13
N ASN C 136 27.39 24.90 -26.51
CA ASN C 136 26.92 25.44 -27.78
C ASN C 136 26.03 26.66 -27.61
N TRP C 137 26.01 27.28 -26.43
CA TRP C 137 25.11 28.38 -26.17
C TRP C 137 25.65 29.21 -25.00
N PRO C 138 26.92 29.61 -25.04
CA PRO C 138 27.52 30.25 -23.86
C PRO C 138 26.87 31.57 -23.47
N GLU C 139 26.11 32.19 -24.37
CA GLU C 139 25.51 33.50 -24.10
C GLU C 139 24.11 33.40 -23.52
N PHE C 140 23.58 32.20 -23.30
CA PHE C 140 22.18 32.06 -22.88
C PHE C 140 21.91 32.87 -21.63
N ILE C 141 22.65 32.59 -20.55
CA ILE C 141 22.39 33.29 -19.29
C ILE C 141 22.60 34.79 -19.43
N PRO C 142 23.74 35.28 -19.96
CA PRO C 142 23.86 36.74 -20.19
C PRO C 142 22.71 37.32 -20.98
N GLU C 143 22.31 36.67 -22.08
CA GLU C 143 21.21 37.19 -22.89
C GLU C 143 19.88 37.06 -22.18
N LEU C 144 19.72 36.04 -21.32
CA LEU C 144 18.51 35.95 -20.51
C LEU C 144 18.40 37.12 -19.56
N ILE C 145 19.48 37.42 -18.83
CA ILE C 145 19.46 38.54 -17.89
C ILE C 145 19.21 39.84 -18.63
N GLY C 146 19.76 39.98 -19.83
CA GLY C 146 19.55 41.19 -20.61
C GLY C 146 18.10 41.36 -21.01
N SER C 147 17.50 40.31 -21.57
CA SER C 147 16.10 40.38 -21.98
C SER C 147 15.19 40.68 -20.80
N SER C 148 15.59 40.27 -19.59
CA SER C 148 14.74 40.48 -18.42
C SER C 148 14.46 41.96 -18.17
N SER C 149 15.41 42.84 -18.50
CA SER C 149 15.26 44.25 -18.17
C SER C 149 14.26 44.97 -19.08
N SER C 150 13.98 44.43 -20.27
CA SER C 150 13.15 45.11 -21.25
C SER C 150 11.66 44.87 -21.05
N SER C 151 11.27 43.93 -20.20
CA SER C 151 9.87 43.56 -20.06
C SER C 151 9.59 42.76 -18.79
N VAL C 152 8.57 43.17 -18.04
CA VAL C 152 8.19 42.43 -16.84
C VAL C 152 7.73 41.03 -17.21
N ASN C 153 6.99 40.90 -18.32
CA ASN C 153 6.51 39.60 -18.75
C ASN C 153 7.67 38.67 -19.08
N VAL C 154 8.61 39.14 -19.90
CA VAL C 154 9.78 38.34 -20.23
C VAL C 154 10.56 37.99 -18.98
N CYS C 155 10.70 38.96 -18.06
CA CYS C 155 11.44 38.70 -16.83
C CYS C 155 10.74 37.64 -15.99
N GLU C 156 9.42 37.72 -15.86
CA GLU C 156 8.68 36.72 -15.11
C GLU C 156 8.85 35.34 -15.73
N ASN C 157 8.73 35.26 -17.06
CA ASN C 157 8.86 33.97 -17.73
C ASN C 157 10.29 33.43 -17.63
N ASN C 158 11.29 34.32 -17.64
CA ASN C 158 12.66 33.86 -17.44
C ASN C 158 12.85 33.21 -16.09
N MET C 159 12.09 33.66 -15.08
CA MET C 159 12.13 32.99 -13.78
C MET C 159 11.52 31.59 -13.86
N ILE C 160 10.51 31.40 -14.71
CA ILE C 160 9.94 30.08 -14.91
C ILE C 160 10.97 29.18 -15.59
N VAL C 161 11.65 29.67 -16.62
CA VAL C 161 12.66 28.88 -17.31
C VAL C 161 13.74 28.45 -16.33
N LEU C 162 14.25 29.41 -15.54
CA LEU C 162 15.33 29.10 -14.62
C LEU C 162 14.88 28.13 -13.54
N LYS C 163 13.63 28.28 -13.07
CA LYS C 163 13.08 27.31 -12.12
C LYS C 163 13.13 25.91 -12.70
N LEU C 164 12.61 25.74 -13.93
CA LEU C 164 12.60 24.43 -14.56
C LEU C 164 14.01 23.91 -14.81
N LEU C 165 14.92 24.80 -15.22
CA LEU C 165 16.31 24.38 -15.45
C LEU C 165 16.92 23.84 -14.17
N SER C 166 16.74 24.55 -13.06
CA SER C 166 17.27 24.08 -11.78
C SER C 166 16.67 22.72 -11.41
N GLU C 167 15.37 22.55 -11.61
CA GLU C 167 14.74 21.27 -11.32
C GLU C 167 15.35 20.16 -12.17
N GLU C 168 15.48 20.40 -13.47
CA GLU C 168 15.97 19.35 -14.37
C GLU C 168 17.42 19.00 -14.08
N VAL C 169 18.21 19.96 -13.58
CA VAL C 169 19.64 19.74 -13.37
C VAL C 169 19.92 19.15 -12.00
N PHE C 170 19.29 19.67 -10.95
CA PHE C 170 19.61 19.29 -9.58
C PHE C 170 18.60 18.37 -8.92
N ASP C 171 17.32 18.44 -9.29
CA ASP C 171 16.29 17.69 -8.60
C ASP C 171 15.90 16.39 -9.31
N PHE C 172 15.97 16.34 -10.65
CA PHE C 172 15.46 15.19 -11.39
C PHE C 172 16.47 14.63 -12.37
N SER C 173 17.77 14.89 -12.17
CA SER C 173 18.79 14.41 -13.09
C SER C 173 19.29 13.02 -12.76
N ALA C 174 19.12 12.56 -11.51
CA ALA C 174 19.81 11.35 -11.06
C ALA C 174 19.47 10.14 -11.94
N GLU C 175 18.20 9.96 -12.27
CA GLU C 175 17.79 8.80 -13.05
C GLU C 175 17.55 9.10 -14.51
N GLN C 176 17.68 10.37 -14.93
CA GLN C 176 17.38 10.75 -16.30
C GLN C 176 18.62 11.12 -17.12
N MET C 177 19.75 11.41 -16.48
CA MET C 177 20.99 11.71 -17.16
C MET C 177 22.09 10.77 -16.72
N THR C 178 23.12 10.66 -17.54
CA THR C 178 24.34 10.00 -17.07
C THR C 178 24.99 10.84 -15.99
N GLN C 179 25.82 10.18 -15.18
CA GLN C 179 26.54 10.89 -14.12
C GLN C 179 27.36 12.04 -14.68
N ALA C 180 28.05 11.82 -15.80
CA ALA C 180 28.90 12.85 -16.37
C ALA C 180 28.09 14.04 -16.87
N LYS C 181 26.96 13.79 -17.53
CA LYS C 181 26.14 14.89 -18.03
C LYS C 181 25.52 15.68 -16.89
N ALA C 182 25.07 14.98 -15.84
CA ALA C 182 24.52 15.67 -14.68
C ALA C 182 25.56 16.59 -14.06
N LEU C 183 26.77 16.09 -13.84
CA LEU C 183 27.83 16.91 -13.27
C LEU C 183 28.17 18.08 -14.17
N HIS C 184 28.19 17.85 -15.48
CA HIS C 184 28.49 18.93 -16.43
C HIS C 184 27.48 20.07 -16.28
N LEU C 185 26.18 19.73 -16.20
CA LEU C 185 25.16 20.77 -16.12
C LEU C 185 25.13 21.42 -14.75
N LYS C 186 25.34 20.64 -13.69
CA LYS C 186 25.42 21.21 -12.35
C LYS C 186 26.55 22.23 -12.26
N ASN C 187 27.74 21.87 -12.75
CA ASN C 187 28.86 22.79 -12.74
C ASN C 187 28.54 24.04 -13.55
N SER C 188 27.93 23.88 -14.73
CA SER C 188 27.62 25.02 -15.58
C SER C 188 26.68 26.00 -14.87
N MET C 189 25.63 25.49 -14.22
CA MET C 189 24.74 26.37 -13.48
C MET C 189 25.46 27.01 -12.31
N SER C 190 26.29 26.25 -11.60
N SER C 190 26.29 26.25 -11.59
CA SER C 190 27.06 26.80 -10.49
CA SER C 190 27.06 26.82 -10.50
C SER C 190 28.02 27.90 -10.96
C SER C 190 27.97 27.93 -10.99
N LYS C 191 28.55 27.77 -12.18
CA LYS C 191 29.49 28.76 -12.69
C LYS C 191 28.83 30.12 -12.86
N GLU C 192 27.59 30.14 -13.35
CA GLU C 192 26.91 31.38 -13.70
C GLU C 192 25.82 31.76 -12.70
N PHE C 193 25.78 31.13 -11.52
CA PHE C 193 24.69 31.44 -10.61
C PHE C 193 24.84 32.83 -10.00
N GLU C 194 26.08 33.34 -9.88
CA GLU C 194 26.26 34.68 -9.32
C GLU C 194 25.45 35.70 -10.10
N GLN C 195 25.45 35.60 -11.44
CA GLN C 195 24.63 36.49 -12.25
C GLN C 195 23.15 36.22 -12.05
N ILE C 196 22.76 34.93 -11.99
CA ILE C 196 21.37 34.59 -11.76
C ILE C 196 20.87 35.19 -10.46
N PHE C 197 21.65 35.02 -9.39
CA PHE C 197 21.22 35.50 -8.08
C PHE C 197 21.03 37.01 -8.09
N LYS C 198 21.94 37.74 -8.73
CA LYS C 198 21.83 39.20 -8.82
C LYS C 198 20.46 39.61 -9.37
N LEU C 199 20.09 39.04 -10.52
CA LEU C 199 18.78 39.32 -11.09
C LEU C 199 17.67 38.99 -10.11
N CYS C 200 17.75 37.81 -9.48
CA CYS C 200 16.73 37.38 -8.54
CA CYS C 200 16.71 37.39 -8.55
C CYS C 200 16.60 38.37 -7.38
N PHE C 201 17.74 38.75 -6.80
CA PHE C 201 17.70 39.66 -5.65
C PHE C 201 17.18 41.04 -6.04
N GLN C 202 17.62 41.55 -7.19
CA GLN C 202 17.12 42.85 -7.65
C GLN C 202 15.60 42.84 -7.77
N VAL C 203 15.05 41.79 -8.40
CA VAL C 203 13.60 41.68 -8.55
C VAL C 203 12.91 41.73 -7.19
N LEU C 204 13.41 40.92 -6.24
CA LEU C 204 12.78 40.87 -4.93
C LEU C 204 12.89 42.21 -4.21
N GLU C 205 14.02 42.89 -4.36
CA GLU C 205 14.24 44.13 -3.62
C GLU C 205 13.47 45.30 -4.22
N GLN C 206 13.28 45.32 -5.54
CA GLN C 206 12.66 46.44 -6.24
C GLN C 206 11.24 46.11 -6.70
N GLY C 207 11.04 44.96 -7.32
CA GLY C 207 9.80 44.64 -8.00
C GLY C 207 8.53 44.96 -7.25
N SER C 208 7.49 45.32 -7.98
CA SER C 208 6.16 45.55 -7.42
C SER C 208 5.09 44.66 -8.05
N SER C 209 5.39 43.99 -9.16
CA SER C 209 4.45 43.06 -9.76
C SER C 209 4.40 41.78 -8.93
N SER C 210 3.23 41.49 -8.36
CA SER C 210 3.10 40.32 -7.51
C SER C 210 3.41 39.05 -8.28
N SER C 211 2.88 38.91 -9.50
CA SER C 211 3.11 37.70 -10.28
C SER C 211 4.59 37.49 -10.56
N LEU C 212 5.31 38.58 -10.84
CA LEU C 212 6.76 38.48 -11.05
C LEU C 212 7.48 38.11 -9.77
N ILE C 213 7.06 38.69 -8.64
CA ILE C 213 7.68 38.37 -7.36
C ILE C 213 7.48 36.89 -7.03
N VAL C 214 6.24 36.41 -7.19
CA VAL C 214 5.96 35.01 -6.84
C VAL C 214 6.81 34.07 -7.69
N ALA C 215 6.93 34.35 -8.99
CA ALA C 215 7.74 33.49 -9.85
C ALA C 215 9.19 33.52 -9.44
N THR C 216 9.70 34.68 -9.01
CA THR C 216 11.07 34.77 -8.54
C THR C 216 11.27 33.97 -7.25
N LEU C 217 10.29 34.03 -6.34
CA LEU C 217 10.40 33.26 -5.10
C LEU C 217 10.29 31.77 -5.38
N GLU C 218 9.46 31.37 -6.35
N GLU C 218 9.48 31.37 -6.36
CA GLU C 218 9.37 29.96 -6.71
CA GLU C 218 9.36 29.96 -6.71
C GLU C 218 10.71 29.45 -7.21
C GLU C 218 10.66 29.42 -7.29
N SER C 219 11.40 30.24 -8.03
CA SER C 219 12.72 29.83 -8.51
C SER C 219 13.72 29.77 -7.35
N LEU C 220 13.59 30.70 -6.40
CA LEU C 220 14.48 30.68 -5.24
C LEU C 220 14.32 29.40 -4.43
N LEU C 221 13.08 28.91 -4.31
CA LEU C 221 12.86 27.67 -3.60
C LEU C 221 13.72 26.54 -4.17
N ARG C 222 13.80 26.46 -5.50
CA ARG C 222 14.61 25.43 -6.15
C ARG C 222 16.09 25.66 -5.90
N TYR C 223 16.54 26.91 -5.94
CA TYR C 223 17.96 27.19 -5.73
C TYR C 223 18.41 26.75 -4.35
N LEU C 224 17.56 26.94 -3.34
CA LEU C 224 17.93 26.62 -1.97
C LEU C 224 18.27 25.14 -1.79
N HIS C 225 17.92 24.29 -2.75
CA HIS C 225 18.28 22.89 -2.67
C HIS C 225 19.79 22.66 -2.83
N TRP C 226 20.51 23.59 -3.47
CA TRP C 226 21.90 23.33 -3.83
C TRP C 226 22.84 24.51 -3.69
N ILE C 227 22.38 25.76 -3.64
CA ILE C 227 23.30 26.89 -3.67
C ILE C 227 24.10 26.97 -2.37
N PRO C 228 25.30 27.54 -2.38
CA PRO C 228 26.05 27.70 -1.14
C PRO C 228 25.39 28.71 -0.22
N TYR C 229 25.53 28.46 1.09
CA TYR C 229 24.79 29.22 2.10
C TYR C 229 25.11 30.70 2.09
N ARG C 230 26.25 31.10 1.52
CA ARG C 230 26.64 32.51 1.58
C ARG C 230 25.69 33.40 0.79
N TYR C 231 25.07 32.87 -0.26
CA TYR C 231 24.09 33.66 -0.99
C TYR C 231 22.87 33.99 -0.13
N ILE C 232 22.64 33.24 0.94
CA ILE C 232 21.50 33.46 1.82
C ILE C 232 21.90 34.28 3.05
N TYR C 233 23.07 34.02 3.61
CA TYR C 233 23.46 34.64 4.87
C TYR C 233 24.31 35.89 4.72
N GLU C 234 25.00 36.06 3.60
CA GLU C 234 25.82 37.24 3.38
C GLU C 234 25.11 38.30 2.54
N THR C 235 23.86 38.07 2.18
CA THR C 235 22.99 39.06 1.57
C THR C 235 21.89 39.43 2.56
N ASN C 236 21.01 40.34 2.14
CA ASN C 236 19.89 40.75 2.98
C ASN C 236 18.61 39.99 2.63
N ILE C 237 18.74 38.85 1.95
CA ILE C 237 17.56 38.16 1.43
C ILE C 237 16.71 37.59 2.55
N LEU C 238 17.34 37.14 3.65
CA LEU C 238 16.56 36.61 4.76
C LEU C 238 15.63 37.66 5.34
N GLU C 239 16.10 38.90 5.44
CA GLU C 239 15.25 39.99 5.92
C GLU C 239 14.02 40.14 5.02
N LEU C 240 14.23 40.19 3.71
CA LEU C 240 13.12 40.32 2.78
C LEU C 240 12.15 39.16 2.93
N LEU C 241 12.67 37.93 3.02
CA LEU C 241 11.80 36.76 3.13
C LEU C 241 11.01 36.78 4.43
N SER C 242 11.66 37.06 5.55
CA SER C 242 11.03 36.92 6.84
C SER C 242 10.21 38.15 7.24
N THR C 243 10.20 39.21 6.45
CA THR C 243 9.39 40.39 6.77
C THR C 243 8.48 40.75 5.60
N LYS C 244 9.03 41.50 4.63
CA LYS C 244 8.28 41.95 3.46
C LYS C 244 7.34 40.89 2.93
N PHE C 245 7.87 39.72 2.59
CA PHE C 245 7.12 38.73 1.84
C PHE C 245 6.21 37.86 2.71
N MET C 246 6.37 37.90 4.03
CA MET C 246 5.41 37.24 4.90
C MET C 246 4.16 38.07 5.14
N THR C 247 4.16 39.35 4.75
CA THR C 247 3.01 40.21 4.99
C THR C 247 1.93 40.05 3.93
N SER C 248 2.34 39.93 2.65
CA SER C 248 1.35 39.80 1.58
C SER C 248 0.99 38.33 1.38
N PRO C 249 -0.30 37.97 1.33
CA PRO C 249 -0.65 36.54 1.20
C PRO C 249 -0.26 35.92 -0.13
N ASP C 250 -0.10 36.71 -1.19
N ASP C 250 -0.12 36.71 -1.19
CA ASP C 250 0.27 36.14 -2.48
CA ASP C 250 0.28 36.16 -2.48
C ASP C 250 1.69 35.61 -2.48
C ASP C 250 1.67 35.56 -2.42
N THR C 251 2.56 36.16 -1.64
CA THR C 251 3.93 35.68 -1.49
C THR C 251 4.15 34.87 -0.22
N ARG C 252 3.15 34.79 0.66
CA ARG C 252 3.35 34.19 1.97
C ARG C 252 3.61 32.69 1.87
N ALA C 253 2.85 31.98 1.04
CA ALA C 253 2.99 30.53 0.97
C ALA C 253 4.37 30.13 0.48
N ILE C 254 4.83 30.75 -0.60
CA ILE C 254 6.12 30.36 -1.17
C ILE C 254 7.26 30.80 -0.27
N THR C 255 7.14 31.97 0.34
CA THR C 255 8.18 32.46 1.24
C THR C 255 8.38 31.52 2.42
N LEU C 256 7.27 31.05 3.00
CA LEU C 256 7.36 30.12 4.11
C LEU C 256 8.05 28.83 3.67
N LYS C 257 7.75 28.35 2.47
CA LYS C 257 8.43 27.17 1.95
C LYS C 257 9.91 27.44 1.76
N CYS C 258 10.27 28.64 1.31
CA CYS C 258 11.68 28.99 1.18
C CYS C 258 12.37 28.98 2.54
N LEU C 259 11.74 29.60 3.54
CA LEU C 259 12.33 29.65 4.87
C LEU C 259 12.44 28.26 5.49
N THR C 260 11.51 27.36 5.15
CA THR C 260 11.65 25.98 5.61
C THR C 260 12.91 25.34 5.04
N GLU C 261 13.23 25.61 3.78
CA GLU C 261 14.43 25.06 3.19
C GLU C 261 15.69 25.76 3.68
N VAL C 262 15.60 27.07 3.94
CA VAL C 262 16.72 27.76 4.57
C VAL C 262 17.07 27.08 5.89
N SER C 263 16.06 26.71 6.66
CA SER C 263 16.30 26.02 7.92
C SER C 263 17.06 24.71 7.73
N ASN C 264 17.28 24.27 6.50
CA ASN C 264 18.02 23.04 6.20
C ASN C 264 19.35 23.27 5.49
N LEU C 265 19.75 24.52 5.27
CA LEU C 265 20.99 24.77 4.55
C LEU C 265 22.20 24.25 5.32
N LYS C 266 23.25 23.90 4.58
CA LYS C 266 24.53 23.58 5.20
C LYS C 266 25.15 24.84 5.76
N ILE C 267 25.29 24.90 7.08
CA ILE C 267 25.63 26.14 7.78
C ILE C 267 26.73 25.86 8.79
N PRO C 268 27.76 26.72 8.90
CA PRO C 268 28.78 26.52 9.93
C PRO C 268 28.17 26.64 11.34
N GLN C 269 28.58 25.72 12.21
CA GLN C 269 28.11 25.71 13.59
C GLN C 269 29.00 26.54 14.52
N ASP C 270 29.99 27.24 13.98
CA ASP C 270 30.89 28.05 14.78
C ASP C 270 30.46 29.51 14.86
N ASN C 271 30.21 30.14 13.71
CA ASN C 271 30.02 31.57 13.67
C ASN C 271 28.83 31.99 14.52
N ASP C 272 29.08 32.85 15.51
CA ASP C 272 28.02 33.36 16.36
C ASP C 272 27.18 34.42 15.65
N LEU C 273 27.70 35.03 14.58
CA LEU C 273 26.89 35.95 13.79
C LEU C 273 25.90 35.20 12.91
N ILE C 274 26.30 34.03 12.40
CA ILE C 274 25.37 33.18 11.67
C ILE C 274 24.22 32.76 12.57
N LYS C 275 24.55 32.29 13.78
CA LYS C 275 23.51 31.89 14.73
C LYS C 275 22.55 33.04 14.99
N ARG C 276 23.07 34.27 15.07
CA ARG C 276 22.21 35.44 15.22
C ARG C 276 21.27 35.61 14.04
N GLN C 277 21.78 35.38 12.83
CA GLN C 277 20.93 35.50 11.64
C GLN C 277 19.88 34.41 11.62
N THR C 278 20.22 33.21 12.08
CA THR C 278 19.24 32.12 12.14
C THR C 278 18.16 32.43 13.17
N VAL C 279 18.55 32.99 14.32
CA VAL C 279 17.57 33.46 15.29
C VAL C 279 16.69 34.55 14.68
N LEU C 280 17.31 35.49 13.96
CA LEU C 280 16.61 36.70 13.57
C LEU C 280 15.48 36.42 12.59
N PHE C 281 15.71 35.58 11.58
CA PHE C 281 14.66 35.35 10.59
C PHE C 281 13.52 34.52 11.18
N PHE C 282 13.80 33.71 12.20
CA PHE C 282 12.73 33.04 12.93
C PHE C 282 11.91 34.05 13.72
N GLN C 283 12.57 34.94 14.45
CA GLN C 283 11.87 35.99 15.19
C GLN C 283 10.99 36.83 14.27
N ASN C 284 11.53 37.24 13.11
CA ASN C 284 10.76 38.05 12.19
C ASN C 284 9.56 37.28 11.64
N THR C 285 9.75 36.02 11.26
CA THR C 285 8.65 35.24 10.72
C THR C 285 7.53 35.09 11.74
N LEU C 286 7.87 34.73 12.97
CA LEU C 286 6.86 34.53 13.99
C LEU C 286 6.13 35.84 14.31
N GLN C 287 6.86 36.95 14.31
CA GLN C 287 6.22 38.26 14.51
C GLN C 287 5.22 38.55 13.41
N GLN C 288 5.59 38.28 12.15
CA GLN C 288 4.67 38.54 11.05
C GLN C 288 3.44 37.64 11.14
N ILE C 289 3.60 36.40 11.60
CA ILE C 289 2.46 35.51 11.75
C ILE C 289 1.51 36.06 12.81
N ALA C 290 2.05 36.49 13.95
CA ALA C 290 1.22 36.94 15.06
C ALA C 290 0.49 38.24 14.74
N THR C 291 1.06 39.09 13.90
CA THR C 291 0.46 40.39 13.60
C THR C 291 -0.35 40.40 12.31
N SER C 292 0.02 39.58 11.31
CA SER C 292 -0.64 39.63 10.01
C SER C 292 -1.54 38.44 9.72
N VAL C 293 -1.42 37.33 10.47
CA VAL C 293 -2.20 36.13 10.14
C VAL C 293 -3.13 35.76 11.29
N MET C 294 -2.58 35.33 12.43
CA MET C 294 -3.43 35.03 13.58
C MET C 294 -2.58 35.03 14.84
N PRO C 295 -3.14 35.43 15.98
CA PRO C 295 -2.39 35.38 17.24
C PRO C 295 -2.22 33.96 17.74
N VAL C 296 -1.32 33.80 18.71
N VAL C 296 -1.31 33.82 18.71
CA VAL C 296 -1.00 32.46 19.20
CA VAL C 296 -0.97 32.53 19.29
C VAL C 296 -2.14 31.84 19.99
C VAL C 296 -2.20 31.84 19.86
N THR C 297 -3.16 32.62 20.38
CA THR C 297 -4.33 32.06 21.04
C THR C 297 -5.39 31.55 20.07
N ALA C 298 -5.23 31.78 18.77
CA ALA C 298 -6.29 31.46 17.81
C ALA C 298 -6.59 29.96 17.78
N ASP C 299 -7.84 29.64 17.48
CA ASP C 299 -8.32 28.25 17.40
C ASP C 299 -8.02 27.72 16.01
N LEU C 300 -6.82 27.16 15.84
CA LEU C 300 -6.43 26.66 14.53
C LEU C 300 -7.23 25.42 14.13
N LYS C 301 -7.66 24.62 15.11
CA LYS C 301 -8.56 23.52 14.82
C LYS C 301 -9.79 24.00 14.07
N ALA C 302 -10.42 25.07 14.56
CA ALA C 302 -11.61 25.61 13.91
C ALA C 302 -11.28 26.22 12.55
N THR C 303 -10.18 26.98 12.47
CA THR C 303 -9.79 27.58 11.19
C THR C 303 -9.57 26.51 10.13
N TYR C 304 -8.81 25.47 10.48
CA TYR C 304 -8.55 24.40 9.52
C TYR C 304 -9.85 23.73 9.09
N ALA C 305 -10.73 23.42 10.05
CA ALA C 305 -11.99 22.77 9.71
C ALA C 305 -12.83 23.62 8.75
N ASN C 306 -12.77 24.95 8.90
CA ASN C 306 -13.56 25.82 8.04
C ASN C 306 -13.07 25.80 6.59
N ALA C 307 -11.77 25.62 6.39
CA ALA C 307 -11.21 25.37 5.06
C ALA C 307 -11.41 26.56 4.12
N ASN C 308 -11.31 27.77 4.65
CA ASN C 308 -11.40 28.96 3.81
C ASN C 308 -10.13 29.12 2.98
N GLY C 309 -10.31 29.52 1.72
CA GLY C 309 -9.18 29.84 0.87
C GLY C 309 -8.11 28.78 0.91
N ASN C 310 -6.87 29.21 1.18
CA ASN C 310 -5.73 28.31 1.29
C ASN C 310 -5.27 28.16 2.74
N ASP C 311 -6.20 28.30 3.69
CA ASP C 311 -5.85 28.23 5.10
C ASP C 311 -5.26 26.87 5.46
N GLN C 312 -5.82 25.78 4.90
CA GLN C 312 -5.33 24.46 5.26
C GLN C 312 -3.89 24.26 4.82
N SER C 313 -3.57 24.65 3.57
N SER C 313 -3.57 24.66 3.58
CA SER C 313 -2.20 24.53 3.10
CA SER C 313 -2.21 24.53 3.08
C SER C 313 -1.25 25.42 3.89
C SER C 313 -1.25 25.42 3.87
N PHE C 314 -1.71 26.61 4.27
CA PHE C 314 -0.86 27.50 5.05
C PHE C 314 -0.55 26.90 6.42
N LEU C 315 -1.55 26.33 7.08
CA LEU C 315 -1.31 25.74 8.39
C LEU C 315 -0.43 24.50 8.28
N GLN C 316 -0.61 23.72 7.21
CA GLN C 316 0.32 22.63 6.93
C GLN C 316 1.74 23.17 6.78
N ASP C 317 1.91 24.21 5.96
CA ASP C 317 3.24 24.75 5.72
C ASP C 317 3.83 25.36 7.00
N LEU C 318 2.99 25.98 7.84
CA LEU C 318 3.48 26.52 9.10
C LEU C 318 3.98 25.42 10.02
N ALA C 319 3.24 24.31 10.09
CA ALA C 319 3.70 23.17 10.88
C ALA C 319 5.06 22.67 10.38
N MET C 320 5.20 22.55 9.06
CA MET C 320 6.47 22.10 8.51
C MET C 320 7.59 23.08 8.82
N PHE C 321 7.31 24.38 8.72
CA PHE C 321 8.33 25.38 9.04
C PHE C 321 8.75 25.29 10.50
N LEU C 322 7.79 25.28 11.42
CA LEU C 322 8.12 25.30 12.84
C LEU C 322 8.85 24.02 13.25
N THR C 323 8.35 22.86 12.83
CA THR C 323 8.99 21.62 13.22
C THR C 323 10.39 21.50 12.62
N THR C 324 10.55 21.88 11.35
CA THR C 324 11.86 21.81 10.71
C THR C 324 12.87 22.70 11.43
N TYR C 325 12.50 23.96 11.67
CA TYR C 325 13.43 24.91 12.29
C TYR C 325 13.75 24.49 13.72
N LEU C 326 12.73 24.15 14.50
CA LEU C 326 12.95 23.88 15.92
C LEU C 326 13.70 22.58 16.14
N ALA C 327 13.49 21.58 15.29
CA ALA C 327 14.25 20.35 15.41
C ALA C 327 15.75 20.60 15.26
N ARG C 328 16.12 21.60 14.44
CA ARG C 328 17.53 21.89 14.22
C ARG C 328 18.08 22.96 15.15
N ASN C 329 17.28 23.99 15.47
CA ASN C 329 17.82 25.23 16.01
C ASN C 329 17.28 25.65 17.37
N ARG C 330 16.41 24.85 18.01
CA ARG C 330 15.77 25.35 19.22
C ARG C 330 16.79 25.61 20.33
N ALA C 331 17.92 24.90 20.31
CA ALA C 331 18.96 25.18 21.30
C ALA C 331 19.45 26.62 21.20
N LEU C 332 19.39 27.23 20.01
CA LEU C 332 19.75 28.64 19.87
C LEU C 332 18.88 29.54 20.74
N LEU C 333 17.67 29.10 21.07
CA LEU C 333 16.69 29.93 21.77
C LEU C 333 16.52 29.56 23.24
N GLU C 334 17.23 28.55 23.74
CA GLU C 334 16.94 28.00 25.06
C GLU C 334 17.79 28.61 26.17
N SER C 335 18.87 29.31 25.85
CA SER C 335 19.74 29.88 26.88
C SER C 335 19.53 31.37 27.08
N ASP C 336 19.34 32.13 26.00
CA ASP C 336 19.15 33.56 26.10
C ASP C 336 17.78 33.87 26.67
N GLU C 337 17.74 34.63 27.78
CA GLU C 337 16.46 34.98 28.40
C GLU C 337 15.58 35.75 27.43
N SER C 338 16.16 36.61 26.60
CA SER C 338 15.37 37.45 25.71
C SER C 338 14.71 36.66 24.58
N LEU C 339 15.07 35.40 24.41
CA LEU C 339 14.49 34.56 23.36
C LEU C 339 13.49 33.55 23.91
N ARG C 340 13.24 33.57 25.22
CA ARG C 340 12.37 32.56 25.83
C ARG C 340 10.93 32.70 25.34
N GLU C 341 10.42 33.93 25.24
CA GLU C 341 9.07 34.12 24.76
C GLU C 341 8.92 33.63 23.32
N LEU C 342 9.91 33.92 22.48
CA LEU C 342 9.89 33.43 21.11
C LEU C 342 9.84 31.91 21.07
N LEU C 343 10.71 31.26 21.85
CA LEU C 343 10.75 29.81 21.88
C LEU C 343 9.41 29.23 22.29
N LEU C 344 8.79 29.78 23.33
CA LEU C 344 7.53 29.23 23.83
C LEU C 344 6.35 29.62 22.95
N ASN C 345 6.37 30.80 22.34
CA ASN C 345 5.30 31.16 21.40
C ASN C 345 5.32 30.23 20.18
N ALA C 346 6.51 29.91 19.66
CA ALA C 346 6.60 28.98 18.55
C ALA C 346 6.05 27.61 18.93
N HIS C 347 6.36 27.14 20.14
CA HIS C 347 5.84 25.86 20.57
C HIS C 347 4.34 25.92 20.87
N GLN C 348 3.84 27.09 21.26
CA GLN C 348 2.40 27.22 21.50
C GLN C 348 1.64 27.16 20.19
N TYR C 349 2.16 27.77 19.12
CA TYR C 349 1.56 27.57 17.81
C TYR C 349 1.51 26.10 17.46
N LEU C 350 2.57 25.35 17.78
CA LEU C 350 2.57 23.92 17.48
C LEU C 350 1.54 23.17 18.31
N ILE C 351 1.38 23.55 19.58
CA ILE C 351 0.30 22.97 20.39
C ILE C 351 -1.04 23.19 19.70
N GLN C 352 -1.29 24.42 19.25
CA GLN C 352 -2.56 24.71 18.58
C GLN C 352 -2.69 23.94 17.27
N LEU C 353 -1.60 23.81 16.53
CA LEU C 353 -1.63 23.03 15.30
C LEU C 353 -1.92 21.56 15.57
N SER C 354 -1.45 21.04 16.71
CA SER C 354 -1.63 19.63 17.03
C SER C 354 -3.07 19.28 17.41
N LYS C 355 -3.94 20.28 17.59
CA LYS C 355 -5.34 20.04 17.86
C LYS C 355 -6.17 19.94 16.58
N ILE C 356 -5.58 20.24 15.43
CA ILE C 356 -6.28 20.13 14.16
C ILE C 356 -6.67 18.67 13.90
N GLU C 357 -7.88 18.46 13.39
N GLU C 357 -7.88 18.46 13.39
CA GLU C 357 -8.34 17.13 13.01
CA GLU C 357 -8.34 17.12 13.03
C GLU C 357 -7.89 16.87 11.58
C GLU C 357 -7.89 16.86 11.59
N GLU C 358 -6.70 16.28 11.46
CA GLU C 358 -6.13 15.93 10.16
C GLU C 358 -5.03 14.92 10.44
N ARG C 359 -5.27 13.66 10.07
N ARG C 359 -5.26 13.66 10.06
CA ARG C 359 -4.37 12.58 10.45
CA ARG C 359 -4.38 12.58 10.46
C ARG C 359 -2.93 12.87 10.04
C ARG C 359 -2.93 12.84 10.04
N GLU C 360 -2.72 13.20 8.77
CA GLU C 360 -1.35 13.32 8.28
C GLU C 360 -0.63 14.52 8.88
N LEU C 361 -1.35 15.61 9.14
CA LEU C 361 -0.74 16.75 9.81
C LEU C 361 -0.40 16.42 11.25
N PHE C 362 -1.26 15.67 11.93
CA PHE C 362 -0.99 15.29 13.31
C PHE C 362 0.29 14.45 13.40
N LYS C 363 0.49 13.55 12.43
CA LYS C 363 1.70 12.75 12.42
C LYS C 363 2.94 13.62 12.24
N THR C 364 2.83 14.70 11.47
CA THR C 364 3.96 15.60 11.28
C THR C 364 4.32 16.30 12.58
N THR C 365 3.32 16.83 13.29
CA THR C 365 3.60 17.47 14.56
C THR C 365 4.03 16.45 15.61
N LEU C 366 3.45 15.24 15.58
CA LEU C 366 3.82 14.23 16.55
C LEU C 366 5.27 13.80 16.38
N ASP C 367 5.74 13.65 15.14
CA ASP C 367 7.15 13.40 14.90
C ASP C 367 8.02 14.43 15.61
N TYR C 368 7.60 15.69 15.58
CA TYR C 368 8.38 16.72 16.25
C TYR C 368 8.31 16.56 17.76
N TRP C 369 7.10 16.37 18.31
CA TRP C 369 6.97 16.21 19.75
C TRP C 369 7.84 15.07 20.25
N HIS C 370 7.89 13.97 19.50
CA HIS C 370 8.78 12.86 19.85
C HIS C 370 10.22 13.33 19.95
N ASN C 371 10.67 14.12 18.97
CA ASN C 371 12.01 14.67 19.00
C ASN C 371 12.23 15.51 20.25
N LEU C 372 11.25 16.34 20.62
CA LEU C 372 11.42 17.23 21.77
C LEU C 372 11.46 16.44 23.07
N VAL C 373 10.44 15.61 23.33
CA VAL C 373 10.33 14.99 24.65
C VAL C 373 11.44 13.97 24.86
N ALA C 374 11.95 13.36 23.79
CA ALA C 374 13.12 12.50 23.93
C ALA C 374 14.33 13.28 24.39
N ASP C 375 14.53 14.47 23.83
CA ASP C 375 15.66 15.31 24.23
C ASP C 375 15.48 15.82 25.65
N LEU C 376 14.25 16.15 26.05
CA LEU C 376 14.00 16.58 27.42
C LEU C 376 14.23 15.44 28.41
N PHE C 377 14.04 14.19 27.95
CA PHE C 377 14.24 13.04 28.82
C PHE C 377 15.72 12.81 29.12
N TYR C 378 16.61 13.21 28.20
CA TYR C 378 18.02 12.90 28.31
C TYR C 378 18.92 14.12 28.54
N GLU C 379 18.53 15.29 28.06
CA GLU C 379 19.43 16.44 28.04
C GLU C 379 19.34 17.20 29.36
N PRO C 380 20.45 17.39 30.08
CA PRO C 380 20.38 18.10 31.36
C PRO C 380 19.82 19.51 31.23
N LEU C 381 19.01 19.89 32.23
CA LEU C 381 18.60 21.27 32.45
C LEU C 381 17.71 21.82 31.33
N LYS C 382 16.95 20.96 30.65
CA LYS C 382 16.06 21.41 29.59
C LYS C 382 14.59 21.28 29.93
N LYS C 383 14.18 20.24 30.66
CA LYS C 383 12.75 19.94 30.76
C LYS C 383 11.97 21.06 31.45
N HIS C 384 12.61 21.83 32.33
CA HIS C 384 11.88 22.87 33.06
C HIS C 384 11.43 23.99 32.13
N ILE C 385 12.15 24.23 31.04
CA ILE C 385 11.76 25.27 30.09
C ILE C 385 10.38 25.02 29.52
N TYR C 386 10.02 23.74 29.35
CA TYR C 386 8.87 23.34 28.55
C TYR C 386 7.72 22.79 29.39
N GLU C 387 7.71 23.06 30.70
CA GLU C 387 6.73 22.42 31.58
C GLU C 387 5.31 22.71 31.15
N GLU C 388 5.01 23.95 30.77
CA GLU C 388 3.64 24.30 30.40
C GLU C 388 3.31 23.75 29.01
N ILE C 389 4.28 23.74 28.10
CA ILE C 389 4.07 23.11 26.79
C ILE C 389 3.78 21.63 26.98
N CYS C 390 4.56 20.96 27.83
CA CYS C 390 4.41 19.52 28.00
C CYS C 390 3.09 19.17 28.69
N SER C 391 2.64 20.01 29.61
CA SER C 391 1.36 19.76 30.28
C SER C 391 0.22 19.82 29.28
N GLN C 392 0.22 20.81 28.39
CA GLN C 392 -0.78 20.87 27.34
C GLN C 392 -0.68 19.69 26.40
N LEU C 393 0.55 19.27 26.06
CA LEU C 393 0.72 18.17 25.13
C LEU C 393 0.14 16.89 25.70
N ARG C 394 0.30 16.67 27.01
CA ARG C 394 -0.28 15.49 27.64
C ARG C 394 -1.76 15.38 27.31
N LEU C 395 -2.51 16.47 27.47
CA LEU C 395 -3.93 16.45 27.18
C LEU C 395 -4.18 16.18 25.70
N VAL C 396 -3.39 16.80 24.83
CA VAL C 396 -3.59 16.64 23.38
C VAL C 396 -3.44 15.17 22.98
N ILE C 397 -2.37 14.52 23.44
N ILE C 397 -2.40 14.51 23.47
CA ILE C 397 -2.13 13.13 23.08
CA ILE C 397 -2.15 13.13 23.04
C ILE C 397 -3.21 12.23 23.65
C ILE C 397 -3.17 12.19 23.68
N ILE C 398 -3.55 12.43 24.93
CA ILE C 398 -4.55 11.60 25.58
C ILE C 398 -5.88 11.70 24.85
N GLU C 399 -6.24 12.91 24.42
CA GLU C 399 -7.53 13.12 23.76
C GLU C 399 -7.53 12.68 22.30
N ASN C 400 -6.37 12.41 21.70
CA ASN C 400 -6.31 11.94 20.32
C ASN C 400 -5.69 10.56 20.21
N MET C 401 -5.64 9.82 21.32
N MET C 401 -5.67 9.79 21.30
CA MET C 401 -5.18 8.44 21.29
CA MET C 401 -5.09 8.45 21.27
C MET C 401 -5.98 7.65 20.27
C MET C 401 -5.93 7.53 20.42
N VAL C 402 -5.30 6.88 19.44
CA VAL C 402 -5.97 6.02 18.47
C VAL C 402 -5.93 4.57 18.94
N ARG C 403 -6.67 3.73 18.24
CA ARG C 403 -6.87 2.34 18.66
C ARG C 403 -5.57 1.56 18.59
N PRO C 404 -5.15 0.89 19.67
N PRO C 404 -5.17 0.86 19.66
CA PRO C 404 -3.95 0.05 19.63
CA PRO C 404 -3.93 0.08 19.62
C PRO C 404 -4.10 -1.15 18.69
C PRO C 404 -4.11 -1.28 18.94
N THR C 427 -2.45 3.36 11.60
CA THR C 427 -3.13 3.37 12.89
C THR C 427 -2.29 2.62 13.94
N ILE C 428 -1.72 1.49 13.55
CA ILE C 428 -0.82 0.78 14.45
C ILE C 428 0.46 1.57 14.65
N GLN C 429 1.02 2.11 13.57
CA GLN C 429 2.22 2.93 13.68
C GLN C 429 1.92 4.21 14.46
N LEU C 430 0.75 4.81 14.21
CA LEU C 430 0.41 6.04 14.91
C LEU C 430 0.25 5.79 16.41
N TYR C 431 -0.35 4.66 16.79
CA TYR C 431 -0.49 4.35 18.21
C TYR C 431 0.88 4.21 18.86
N LYS C 432 1.78 3.45 18.23
CA LYS C 432 3.11 3.28 18.79
C LYS C 432 3.82 4.62 18.94
N SER C 433 3.65 5.51 17.97
CA SER C 433 4.24 6.85 18.08
C SER C 433 3.62 7.62 19.24
N GLU C 434 2.29 7.56 19.37
CA GLU C 434 1.63 8.27 20.46
C GLU C 434 2.04 7.70 21.82
N ARG C 435 2.09 6.37 21.93
CA ARG C 435 2.52 5.74 23.18
C ARG C 435 3.91 6.21 23.57
N GLU C 436 4.83 6.26 22.61
CA GLU C 436 6.21 6.64 22.91
C GLU C 436 6.28 8.06 23.46
N VAL C 437 5.59 9.00 22.81
CA VAL C 437 5.59 10.38 23.31
C VAL C 437 4.97 10.45 24.69
N LEU C 438 3.85 9.75 24.90
CA LEU C 438 3.17 9.84 26.18
C LEU C 438 3.99 9.19 27.30
N VAL C 439 4.73 8.12 26.98
CA VAL C 439 5.61 7.51 27.97
C VAL C 439 6.69 8.50 28.39
N TYR C 440 7.35 9.14 27.42
CA TYR C 440 8.31 10.18 27.73
C TYR C 440 7.67 11.26 28.59
N LEU C 441 6.49 11.74 28.19
CA LEU C 441 5.82 12.80 28.93
C LEU C 441 5.48 12.36 30.35
N THR C 442 5.15 11.08 30.54
CA THR C 442 4.84 10.59 31.88
C THR C 442 6.09 10.61 32.76
N HIS C 443 7.23 10.15 32.22
CA HIS C 443 8.47 10.23 32.98
C HIS C 443 8.82 11.66 33.34
N LEU C 444 8.57 12.60 32.43
CA LEU C 444 8.93 14.00 32.68
C LEU C 444 8.13 14.58 33.83
N ASN C 445 6.86 14.18 33.98
CA ASN C 445 6.07 14.63 35.13
C ASN C 445 4.94 13.62 35.35
N VAL C 446 5.22 12.63 36.20
CA VAL C 446 4.25 11.56 36.43
C VAL C 446 3.04 12.08 37.20
N ILE C 447 3.23 13.04 38.10
CA ILE C 447 2.10 13.60 38.84
C ILE C 447 1.11 14.24 37.89
N ASP C 448 1.60 15.10 36.99
CA ASP C 448 0.71 15.79 36.07
C ASP C 448 -0.04 14.81 35.17
N THR C 449 0.64 13.78 34.68
CA THR C 449 -0.01 12.79 33.83
C THR C 449 -1.16 12.12 34.57
N GLU C 450 -0.90 11.69 35.81
CA GLU C 450 -1.91 10.99 36.57
C GLU C 450 -3.13 11.87 36.83
N GLU C 451 -2.91 13.13 37.19
CA GLU C 451 -4.02 14.03 37.49
C GLU C 451 -4.89 14.28 36.27
N ILE C 452 -4.27 14.45 35.10
CA ILE C 452 -5.04 14.65 33.88
C ILE C 452 -5.93 13.44 33.61
N MET C 453 -5.38 12.23 33.79
CA MET C 453 -6.14 11.03 33.45
C MET C 453 -7.29 10.82 34.42
N ILE C 454 -7.07 11.04 35.72
CA ILE C 454 -8.15 10.90 36.69
C ILE C 454 -9.24 11.93 36.43
N SER C 455 -8.84 13.18 36.16
CA SER C 455 -9.81 14.21 35.82
C SER C 455 -10.63 13.80 34.60
N LYS C 456 -9.95 13.35 33.53
CA LYS C 456 -10.65 12.90 32.35
C LYS C 456 -11.68 11.84 32.68
N LEU C 457 -11.33 10.91 33.58
CA LEU C 457 -12.26 9.86 33.96
C LEU C 457 -13.44 10.43 34.74
N ALA C 458 -13.19 11.43 35.58
CA ALA C 458 -14.29 12.09 36.29
C ALA C 458 -15.30 12.66 35.30
N ARG C 459 -14.82 13.26 34.20
CA ARG C 459 -15.71 13.84 33.21
C ARG C 459 -16.39 12.78 32.35
N GLN C 460 -15.96 11.52 32.43
CA GLN C 460 -16.76 10.42 31.89
C GLN C 460 -17.86 10.03 32.86
N ILE C 461 -17.56 10.05 34.16
CA ILE C 461 -18.54 9.63 35.17
C ILE C 461 -19.62 10.69 35.34
N ASP C 462 -19.24 11.97 35.39
CA ASP C 462 -20.23 13.02 35.51
C ASP C 462 -20.97 13.28 34.20
N GLY C 463 -20.58 12.62 33.12
CA GLY C 463 -21.29 12.69 31.86
C GLY C 463 -20.96 13.88 30.98
N SER C 464 -20.10 14.80 31.44
CA SER C 464 -19.83 16.00 30.67
C SER C 464 -19.09 15.69 29.37
N GLU C 465 -18.33 14.59 29.33
CA GLU C 465 -17.58 14.21 28.14
C GLU C 465 -17.84 12.76 27.75
N TRP C 466 -18.91 12.16 28.27
CA TRP C 466 -19.16 10.73 28.06
C TRP C 466 -19.52 10.43 26.62
N SER C 467 -18.91 9.37 26.09
CA SER C 467 -19.30 8.79 24.81
C SER C 467 -18.48 7.52 24.63
N TRP C 468 -18.97 6.62 23.78
CA TRP C 468 -18.23 5.40 23.48
C TRP C 468 -16.82 5.74 22.98
N HIS C 469 -16.72 6.70 22.06
CA HIS C 469 -15.42 7.09 21.54
C HIS C 469 -14.52 7.65 22.63
N ASN C 470 -15.08 8.49 23.51
CA ASN C 470 -14.25 9.17 24.50
C ASN C 470 -13.76 8.22 25.59
N ILE C 471 -14.59 7.26 25.99
CA ILE C 471 -14.14 6.33 27.02
C ILE C 471 -13.14 5.32 26.43
N ASN C 472 -13.32 4.93 25.17
CA ASN C 472 -12.34 4.08 24.51
C ASN C 472 -10.99 4.80 24.43
N THR C 473 -11.00 6.06 23.98
CA THR C 473 -9.77 6.80 23.82
C THR C 473 -9.03 6.94 25.14
N LEU C 474 -9.75 7.29 26.21
CA LEU C 474 -9.11 7.46 27.51
C LEU C 474 -8.55 6.14 28.02
N SER C 475 -9.27 5.04 27.77
CA SER C 475 -8.78 3.73 28.21
C SER C 475 -7.50 3.35 27.48
N TRP C 476 -7.41 3.66 26.18
CA TRP C 476 -6.19 3.40 25.44
C TRP C 476 -5.03 4.21 25.98
N ALA C 477 -5.27 5.48 26.30
CA ALA C 477 -4.21 6.32 26.86
C ALA C 477 -3.76 5.80 28.22
N ILE C 478 -4.71 5.47 29.10
CA ILE C 478 -4.36 4.94 30.41
C ILE C 478 -3.52 3.68 30.27
N GLY C 479 -3.92 2.78 29.38
CA GLY C 479 -3.16 1.55 29.18
C GLY C 479 -1.80 1.76 28.56
N SER C 480 -1.61 2.84 27.81
CA SER C 480 -0.40 3.03 27.04
C SER C 480 0.81 3.37 27.89
N ILE C 481 0.61 3.90 29.10
CA ILE C 481 1.73 4.34 29.93
C ILE C 481 2.15 3.28 30.95
N SER C 482 1.65 2.06 30.82
CA SER C 482 2.06 0.98 31.71
C SER C 482 3.58 0.85 31.71
N GLY C 483 4.16 0.77 32.91
CA GLY C 483 5.59 0.64 33.06
C GLY C 483 6.31 1.93 33.40
N THR C 484 5.61 3.06 33.40
CA THR C 484 6.24 4.36 33.62
C THR C 484 6.22 4.78 35.08
N MET C 485 5.23 4.34 35.84
CA MET C 485 5.12 4.70 37.24
C MET C 485 5.84 3.68 38.12
N SER C 486 6.18 4.10 39.33
CA SER C 486 6.62 3.15 40.33
C SER C 486 5.51 2.14 40.59
N GLU C 487 5.90 0.96 41.09
CA GLU C 487 4.90 -0.08 41.33
C GLU C 487 3.91 0.34 42.40
N ASP C 488 4.35 1.13 43.38
CA ASP C 488 3.43 1.61 44.41
C ASP C 488 2.47 2.66 43.86
N THR C 489 3.00 3.65 43.14
CA THR C 489 2.13 4.62 42.50
C THR C 489 1.19 3.95 41.51
N GLU C 490 1.74 3.04 40.68
CA GLU C 490 0.91 2.30 39.73
C GLU C 490 -0.20 1.55 40.45
N LYS C 491 0.10 0.98 41.62
CA LYS C 491 -0.92 0.23 42.36
C LYS C 491 -2.09 1.13 42.73
N ARG C 492 -1.82 2.29 43.32
N ARG C 492 -1.81 2.27 43.36
CA ARG C 492 -2.89 3.21 43.69
CA ARG C 492 -2.87 3.23 43.68
C ARG C 492 -3.59 3.78 42.46
C ARG C 492 -3.62 3.64 42.42
N PHE C 493 -2.87 3.94 41.35
CA PHE C 493 -3.49 4.44 40.12
C PHE C 493 -4.40 3.39 39.50
N VAL C 494 -3.90 2.17 39.34
CA VAL C 494 -4.70 1.09 38.75
C VAL C 494 -5.98 0.88 39.55
N VAL C 495 -5.85 0.80 40.87
CA VAL C 495 -7.01 0.55 41.72
C VAL C 495 -8.05 1.66 41.54
N THR C 496 -7.60 2.91 41.49
CA THR C 496 -8.52 4.03 41.33
C THR C 496 -9.23 3.95 39.98
N VAL C 497 -8.47 3.70 38.91
CA VAL C 497 -9.06 3.66 37.57
C VAL C 497 -10.08 2.53 37.47
N ILE C 498 -9.73 1.35 37.97
CA ILE C 498 -10.62 0.20 37.86
C ILE C 498 -11.87 0.41 38.71
N LYS C 499 -11.70 0.92 39.94
CA LYS C 499 -12.87 1.24 40.76
C LYS C 499 -13.79 2.21 40.03
N ASP C 500 -13.23 3.31 39.51
CA ASP C 500 -14.04 4.31 38.82
C ASP C 500 -14.69 3.71 37.58
N LEU C 501 -13.96 2.90 36.81
CA LEU C 501 -14.55 2.27 35.64
C LEU C 501 -15.64 1.28 36.02
N LEU C 502 -15.44 0.52 37.11
CA LEU C 502 -16.47 -0.39 37.56
C LEU C 502 -17.75 0.36 37.94
N GLY C 503 -17.59 1.50 38.63
CA GLY C 503 -18.76 2.30 38.93
C GLY C 503 -19.41 2.89 37.68
N LEU C 504 -18.58 3.25 36.70
CA LEU C 504 -19.13 3.76 35.44
C LEU C 504 -19.97 2.72 34.74
N CYS C 505 -19.57 1.46 34.80
CA CYS C 505 -20.33 0.40 34.15
C CYS C 505 -21.66 0.15 34.86
N GLU C 506 -21.62 0.02 36.19
CA GLU C 506 -22.86 -0.11 36.95
C GLU C 506 -23.80 1.05 36.67
N GLN C 507 -23.26 2.26 36.55
CA GLN C 507 -24.08 3.45 36.36
C GLN C 507 -24.85 3.39 35.04
N LYS C 508 -24.21 2.90 33.99
CA LYS C 508 -24.83 2.89 32.67
C LYS C 508 -25.90 1.81 32.58
N ARG C 509 -26.82 1.99 31.64
CA ARG C 509 -27.90 1.06 31.38
C ARG C 509 -27.88 0.63 29.92
N GLY C 510 -28.29 -0.62 29.69
CA GLY C 510 -28.26 -1.20 28.36
C GLY C 510 -27.00 -2.01 28.09
N LYS C 511 -27.16 -3.18 27.48
CA LYS C 511 -26.01 -4.01 27.15
C LYS C 511 -24.97 -3.22 26.37
N ASP C 512 -25.42 -2.38 25.44
CA ASP C 512 -24.48 -1.66 24.57
C ASP C 512 -23.52 -0.81 25.38
N ASN C 513 -24.05 0.02 26.29
CA ASN C 513 -23.20 0.87 27.11
C ASN C 513 -22.31 0.04 28.04
N LYS C 514 -22.91 -0.95 28.71
CA LYS C 514 -22.16 -1.74 29.67
C LYS C 514 -21.08 -2.55 28.97
N ALA C 515 -21.37 -3.07 27.77
CA ALA C 515 -20.35 -3.82 27.03
C ALA C 515 -19.15 -2.94 26.73
N VAL C 516 -19.38 -1.70 26.28
CA VAL C 516 -18.28 -0.80 25.96
C VAL C 516 -17.38 -0.59 27.17
N VAL C 517 -17.99 -0.31 28.33
CA VAL C 517 -17.20 -0.04 29.52
C VAL C 517 -16.50 -1.32 29.99
N ALA C 518 -17.22 -2.45 29.99
CA ALA C 518 -16.62 -3.70 30.44
C ALA C 518 -15.44 -4.09 29.56
N SER C 519 -15.53 -3.81 28.26
CA SER C 519 -14.41 -4.09 27.37
C SER C 519 -13.22 -3.18 27.68
N ASP C 520 -13.49 -1.91 27.95
CA ASP C 520 -12.41 -0.99 28.30
C ASP C 520 -11.79 -1.35 29.64
N ILE C 521 -12.58 -1.85 30.58
CA ILE C 521 -12.03 -2.35 31.84
C ILE C 521 -11.03 -3.46 31.57
N MET C 522 -11.44 -4.46 30.78
CA MET C 522 -10.54 -5.57 30.48
C MET C 522 -9.32 -5.10 29.70
N TYR C 523 -9.47 -4.10 28.82
CA TYR C 523 -8.32 -3.61 28.11
C TYR C 523 -7.28 -3.03 29.06
N VAL C 524 -7.71 -2.14 29.96
CA VAL C 524 -6.77 -1.55 30.91
C VAL C 524 -6.10 -2.64 31.74
N VAL C 525 -6.89 -3.59 32.22
CA VAL C 525 -6.34 -4.65 33.07
C VAL C 525 -5.25 -5.41 32.33
N GLY C 526 -5.53 -5.81 31.08
CA GLY C 526 -4.55 -6.55 30.31
C GLY C 526 -3.29 -5.77 29.99
N GLN C 527 -3.29 -4.46 30.18
CA GLN C 527 -2.12 -3.64 29.94
C GLN C 527 -1.22 -3.50 31.15
N TYR C 528 -1.65 -3.98 32.33
CA TYR C 528 -0.90 -3.82 33.57
C TYR C 528 -0.58 -5.20 34.15
N PRO C 529 0.25 -5.98 33.45
CA PRO C 529 0.60 -7.31 33.96
C PRO C 529 1.42 -7.27 35.24
N ARG C 530 2.25 -6.24 35.45
CA ARG C 530 2.98 -6.14 36.71
C ARG C 530 2.02 -6.13 37.89
N PHE C 531 0.90 -5.40 37.77
CA PHE C 531 -0.11 -5.40 38.81
C PHE C 531 -0.72 -6.79 38.99
N LEU C 532 -1.10 -7.43 37.87
CA LEU C 532 -1.71 -8.75 37.95
C LEU C 532 -0.78 -9.75 38.63
N LYS C 533 0.50 -9.72 38.29
CA LYS C 533 1.44 -10.69 38.86
C LYS C 533 1.56 -10.53 40.37
N ALA C 534 1.40 -9.33 40.89
CA ALA C 534 1.56 -9.07 42.32
C ALA C 534 0.30 -9.33 43.13
N HIS C 535 -0.85 -9.52 42.48
CA HIS C 535 -2.14 -9.67 43.17
C HIS C 535 -2.86 -10.86 42.56
N TRP C 536 -2.46 -12.07 42.98
CA TRP C 536 -3.03 -13.28 42.39
C TRP C 536 -4.54 -13.34 42.58
N ASN C 537 -5.02 -13.03 43.78
CA ASN C 537 -6.46 -13.10 44.02
C ASN C 537 -7.21 -12.21 43.03
N PHE C 538 -6.64 -11.06 42.68
CA PHE C 538 -7.25 -10.22 41.65
C PHE C 538 -7.13 -10.86 40.28
N LEU C 539 -5.95 -11.39 39.95
CA LEU C 539 -5.76 -12.02 38.64
C LEU C 539 -6.75 -13.17 38.44
N ARG C 540 -6.95 -13.99 39.46
CA ARG C 540 -7.90 -15.09 39.35
C ARG C 540 -9.31 -14.57 39.14
N THR C 541 -9.69 -13.51 39.87
CA THR C 541 -11.01 -12.92 39.68
C THR C 541 -11.18 -12.42 38.26
N VAL C 542 -10.15 -11.78 37.70
CA VAL C 542 -10.22 -11.32 36.32
C VAL C 542 -10.46 -12.48 35.38
N ILE C 543 -9.65 -13.54 35.50
CA ILE C 543 -9.76 -14.68 34.59
C ILE C 543 -11.16 -15.30 34.68
N LEU C 544 -11.65 -15.51 35.91
CA LEU C 544 -12.97 -16.08 36.08
C LEU C 544 -14.05 -15.18 35.47
N LYS C 545 -13.86 -13.87 35.53
CA LYS C 545 -14.81 -12.96 34.91
C LYS C 545 -14.76 -13.08 33.39
N LEU C 546 -13.55 -13.19 32.82
CA LEU C 546 -13.42 -13.42 31.38
C LEU C 546 -14.12 -14.71 30.98
N PHE C 547 -14.00 -15.75 31.80
CA PHE C 547 -14.70 -17.00 31.50
C PHE C 547 -16.21 -16.80 31.49
N GLU C 548 -16.73 -15.95 32.38
CA GLU C 548 -18.14 -15.63 32.36
C GLU C 548 -18.51 -14.94 31.04
N PHE C 549 -17.71 -13.97 30.62
CA PHE C 549 -17.98 -13.25 29.39
C PHE C 549 -17.95 -14.17 28.17
N MET C 550 -17.31 -15.33 28.27
CA MET C 550 -17.27 -16.27 27.16
C MET C 550 -18.61 -16.96 26.93
N HIS C 551 -19.58 -16.74 27.80
CA HIS C 551 -20.95 -17.21 27.61
C HIS C 551 -21.87 -16.10 27.15
N GLU C 552 -21.35 -14.88 26.97
CA GLU C 552 -22.16 -13.73 26.59
C GLU C 552 -22.26 -13.64 25.08
N THR C 553 -23.49 -13.49 24.58
CA THR C 553 -23.73 -13.48 23.14
C THR C 553 -23.68 -12.09 22.53
N HIS C 554 -23.67 -11.03 23.33
CA HIS C 554 -23.57 -9.68 22.80
C HIS C 554 -22.39 -9.57 21.85
N GLU C 555 -22.63 -8.97 20.69
CA GLU C 555 -21.63 -8.94 19.61
C GLU C 555 -20.32 -8.36 20.12
N GLY C 556 -19.25 -9.13 19.97
CA GLY C 556 -17.91 -8.69 20.28
C GLY C 556 -17.39 -9.09 21.65
N VAL C 557 -18.29 -9.42 22.59
CA VAL C 557 -17.85 -9.70 23.95
C VAL C 557 -16.97 -10.95 24.00
N GLN C 558 -17.40 -12.02 23.34
CA GLN C 558 -16.65 -13.27 23.39
C GLN C 558 -15.28 -13.12 22.75
N ASP C 559 -15.18 -12.39 21.63
CA ASP C 559 -13.88 -12.10 21.05
C ASP C 559 -13.00 -11.33 22.02
N MET C 560 -13.58 -10.30 22.67
CA MET C 560 -12.81 -9.52 23.63
C MET C 560 -12.35 -10.38 24.80
N ALA C 561 -13.21 -11.30 25.26
CA ALA C 561 -12.85 -12.13 26.40
C ALA C 561 -11.71 -13.09 26.05
N CYS C 562 -11.74 -13.67 24.85
CA CYS C 562 -10.67 -14.59 24.46
C CYS C 562 -9.37 -13.82 24.18
N ASP C 563 -9.47 -12.67 23.52
CA ASP C 563 -8.28 -11.88 23.23
C ASP C 563 -7.61 -11.41 24.52
N THR C 564 -8.40 -10.94 25.50
CA THR C 564 -7.83 -10.53 26.77
C THR C 564 -7.22 -11.73 27.49
N PHE C 565 -7.87 -12.89 27.41
CA PHE C 565 -7.39 -14.08 28.08
C PHE C 565 -5.99 -14.45 27.62
N ILE C 566 -5.80 -14.60 26.30
CA ILE C 566 -4.49 -15.00 25.79
C ILE C 566 -3.45 -13.90 26.01
N LYS C 567 -3.88 -12.64 25.96
CA LYS C 567 -2.96 -11.54 26.19
C LYS C 567 -2.42 -11.56 27.63
N ILE C 568 -3.31 -11.79 28.60
CA ILE C 568 -2.87 -11.88 29.99
C ILE C 568 -1.99 -13.10 30.19
N VAL C 569 -2.34 -14.22 29.56
CA VAL C 569 -1.57 -15.44 29.72
C VAL C 569 -0.15 -15.26 29.19
N GLN C 570 -0.02 -14.64 28.01
CA GLN C 570 1.31 -14.43 27.43
C GLN C 570 2.24 -13.71 28.39
N LYS C 571 1.69 -12.81 29.21
CA LYS C 571 2.49 -12.00 30.13
C LYS C 571 2.59 -12.58 31.53
N CYS C 572 1.61 -13.37 31.97
CA CYS C 572 1.52 -13.82 33.36
C CYS C 572 1.54 -15.34 33.48
N LYS C 573 1.96 -16.04 32.43
CA LYS C 573 1.86 -17.50 32.39
C LYS C 573 2.44 -18.17 33.64
N TYR C 574 3.53 -17.62 34.17
CA TYR C 574 4.19 -18.26 35.31
C TYR C 574 3.24 -18.42 36.49
N HIS C 575 2.34 -17.46 36.69
CA HIS C 575 1.42 -17.50 37.82
C HIS C 575 0.26 -18.46 37.59
N PHE C 576 0.16 -19.07 36.41
CA PHE C 576 -0.81 -20.13 36.15
C PHE C 576 -0.23 -21.51 36.31
N VAL C 577 1.10 -21.66 36.27
CA VAL C 577 1.73 -22.96 36.31
C VAL C 577 2.25 -23.32 37.71
N ILE C 578 2.49 -22.34 38.57
CA ILE C 578 2.84 -22.60 39.95
C ILE C 578 1.55 -22.77 40.75
N GLN C 579 1.67 -23.40 41.91
CA GLN C 579 0.58 -23.46 42.88
C GLN C 579 0.67 -22.22 43.77
N GLN C 580 -0.37 -21.40 43.73
CA GLN C 580 -0.37 -20.16 44.48
C GLN C 580 -0.71 -20.43 45.95
N PRO C 581 -0.21 -19.60 46.86
CA PRO C 581 -0.60 -19.77 48.27
C PRO C 581 -2.11 -19.69 48.41
N ARG C 582 -2.66 -20.58 49.25
CA ARG C 582 -4.08 -20.70 49.55
C ARG C 582 -4.83 -21.46 48.46
N GLU C 583 -4.19 -21.82 47.35
CA GLU C 583 -4.79 -22.66 46.33
C GLU C 583 -4.27 -24.09 46.50
N SER C 584 -5.07 -25.05 46.03
CA SER C 584 -4.72 -26.45 46.16
C SER C 584 -4.03 -27.03 44.94
N GLU C 585 -3.97 -26.30 43.84
CA GLU C 585 -3.34 -26.79 42.63
C GLU C 585 -2.99 -25.60 41.73
N PRO C 586 -2.04 -25.76 40.81
CA PRO C 586 -1.82 -24.73 39.80
C PRO C 586 -3.10 -24.46 39.03
N PHE C 587 -3.37 -23.17 38.78
CA PHE C 587 -4.63 -22.78 38.18
C PHE C 587 -4.82 -23.37 36.79
N ILE C 588 -3.74 -23.75 36.10
CA ILE C 588 -3.87 -24.36 34.78
C ILE C 588 -4.66 -25.66 34.88
N GLN C 589 -4.45 -26.42 35.95
CA GLN C 589 -5.27 -27.61 36.17
C GLN C 589 -6.75 -27.23 36.29
N THR C 590 -7.05 -26.18 37.05
CA THR C 590 -8.43 -25.75 37.20
C THR C 590 -9.04 -25.35 35.87
N ILE C 591 -8.25 -24.68 35.02
CA ILE C 591 -8.74 -24.27 33.71
C ILE C 591 -9.06 -25.50 32.86
N ILE C 592 -8.19 -26.50 32.89
CA ILE C 592 -8.39 -27.69 32.07
C ILE C 592 -9.56 -28.51 32.59
N ARG C 593 -9.77 -28.52 33.91
CA ARG C 593 -10.87 -29.30 34.47
C ARG C 593 -12.21 -28.87 33.90
N ASP C 594 -12.44 -27.56 33.77
CA ASP C 594 -13.73 -27.01 33.37
C ASP C 594 -13.76 -26.58 31.91
N ILE C 595 -12.79 -27.01 31.10
CA ILE C 595 -12.63 -26.42 29.77
C ILE C 595 -13.89 -26.60 28.94
N GLN C 596 -14.57 -27.74 29.08
CA GLN C 596 -15.76 -27.99 28.27
C GLN C 596 -16.85 -26.95 28.55
N LYS C 597 -17.17 -26.74 29.82
CA LYS C 597 -18.16 -25.73 30.17
C LYS C 597 -17.71 -24.35 29.73
N THR C 598 -16.44 -24.02 29.95
CA THR C 598 -15.97 -22.65 29.71
C THR C 598 -16.14 -22.27 28.23
N THR C 599 -15.89 -23.21 27.32
CA THR C 599 -15.86 -22.92 25.90
C THR C 599 -17.11 -23.37 25.17
N ALA C 600 -18.11 -23.91 25.89
CA ALA C 600 -19.27 -24.50 25.24
C ALA C 600 -19.95 -23.54 24.26
N ASP C 601 -19.92 -22.24 24.54
CA ASP C 601 -20.63 -21.25 23.74
C ASP C 601 -19.73 -20.52 22.76
N LEU C 602 -18.46 -20.88 22.66
CA LEU C 602 -17.54 -20.19 21.78
C LEU C 602 -17.61 -20.76 20.37
N GLN C 603 -17.31 -19.90 19.39
CA GLN C 603 -17.15 -20.36 18.03
C GLN C 603 -15.81 -21.08 17.88
N PRO C 604 -15.65 -21.89 16.83
CA PRO C 604 -14.40 -22.67 16.69
C PRO C 604 -13.13 -21.86 16.79
N GLN C 605 -13.03 -20.73 16.06
CA GLN C 605 -11.82 -19.91 16.12
C GLN C 605 -11.53 -19.47 17.56
N GLN C 606 -12.58 -19.17 18.32
CA GLN C 606 -12.38 -18.73 19.69
C GLN C 606 -11.95 -19.87 20.60
N VAL C 607 -12.43 -21.08 20.34
CA VAL C 607 -11.98 -22.25 21.11
C VAL C 607 -10.50 -22.48 20.87
N HIS C 608 -10.04 -22.34 19.62
CA HIS C 608 -8.64 -22.58 19.32
C HIS C 608 -7.75 -21.56 20.02
N THR C 609 -8.17 -20.30 20.05
CA THR C 609 -7.43 -19.30 20.82
C THR C 609 -7.32 -19.71 22.28
N PHE C 610 -8.40 -20.22 22.86
CA PHE C 610 -8.39 -20.66 24.25
C PHE C 610 -7.35 -21.78 24.45
N TYR C 611 -7.38 -22.78 23.57
CA TYR C 611 -6.42 -23.89 23.68
C TYR C 611 -4.99 -23.41 23.47
N LYS C 612 -4.77 -22.51 22.52
CA LYS C 612 -3.43 -21.96 22.32
C LYS C 612 -2.94 -21.27 23.60
N ALA C 613 -3.81 -20.53 24.27
CA ALA C 613 -3.42 -19.88 25.51
C ALA C 613 -3.05 -20.90 26.57
N CYS C 614 -3.79 -22.01 26.65
CA CYS C 614 -3.44 -23.07 27.58
C CYS C 614 -2.08 -23.66 27.25
N GLY C 615 -1.76 -23.77 25.96
CA GLY C 615 -0.46 -24.28 25.56
C GLY C 615 0.68 -23.36 25.97
N ILE C 616 0.46 -22.05 25.94
CA ILE C 616 1.47 -21.12 26.44
C ILE C 616 1.80 -21.45 27.89
N ILE C 617 0.77 -21.62 28.72
CA ILE C 617 0.97 -21.91 30.14
C ILE C 617 1.71 -23.24 30.29
N ILE C 618 1.23 -24.28 29.61
CA ILE C 618 1.78 -25.62 29.80
C ILE C 618 3.26 -25.65 29.46
N SER C 619 3.67 -24.88 28.44
CA SER C 619 5.08 -24.85 28.08
C SER C 619 5.95 -24.19 29.14
N GLU C 620 5.36 -23.50 30.11
CA GLU C 620 6.12 -22.98 31.24
C GLU C 620 6.46 -24.06 32.25
N GLU C 621 5.79 -25.20 32.20
CA GLU C 621 6.08 -26.33 33.08
C GLU C 621 7.27 -27.09 32.52
N ARG C 622 8.42 -27.02 33.20
CA ARG C 622 9.63 -27.68 32.70
C ARG C 622 9.86 -29.04 33.34
N SER C 623 8.97 -29.49 34.24
CA SER C 623 8.91 -30.91 34.56
C SER C 623 8.27 -31.64 33.38
N VAL C 624 9.04 -32.52 32.74
CA VAL C 624 8.58 -33.16 31.50
C VAL C 624 7.32 -33.98 31.77
N ALA C 625 7.33 -34.78 32.84
CA ALA C 625 6.20 -35.65 33.12
C ALA C 625 4.94 -34.84 33.45
N GLU C 626 5.11 -33.73 34.19
CA GLU C 626 3.96 -32.88 34.48
C GLU C 626 3.50 -32.16 33.21
N ARG C 627 4.43 -31.66 32.41
CA ARG C 627 4.05 -30.96 31.19
C ARG C 627 3.31 -31.89 30.24
N ASN C 628 3.80 -33.11 30.07
CA ASN C 628 3.13 -34.07 29.19
C ASN C 628 1.77 -34.46 29.74
N ARG C 629 1.64 -34.58 31.06
CA ARG C 629 0.34 -34.88 31.65
C ARG C 629 -0.64 -33.73 31.41
N LEU C 630 -0.20 -32.50 31.65
CA LEU C 630 -1.04 -31.35 31.33
C LEU C 630 -1.42 -31.33 29.87
N LEU C 631 -0.48 -31.65 28.98
CA LEU C 631 -0.76 -31.67 27.55
C LEU C 631 -1.81 -32.72 27.22
N SER C 632 -1.69 -33.92 27.80
N SER C 632 -1.71 -33.91 27.81
CA SER C 632 -2.67 -34.97 27.55
CA SER C 632 -2.68 -34.95 27.52
C SER C 632 -4.05 -34.56 28.05
C SER C 632 -4.06 -34.59 28.06
N ASP C 633 -4.12 -33.92 29.22
CA ASP C 633 -5.41 -33.52 29.78
C ASP C 633 -6.04 -32.41 28.96
N LEU C 634 -5.25 -31.43 28.53
CA LEU C 634 -5.77 -30.37 27.67
C LEU C 634 -6.36 -30.94 26.38
N MET C 635 -5.67 -31.91 25.78
CA MET C 635 -6.11 -32.48 24.51
C MET C 635 -7.11 -33.62 24.68
N GLN C 636 -7.65 -33.82 25.88
CA GLN C 636 -8.57 -34.94 26.10
C GLN C 636 -9.77 -34.87 25.15
N LEU C 637 -10.47 -33.73 25.13
CA LEU C 637 -11.67 -33.62 24.31
C LEU C 637 -11.38 -33.78 22.83
N PRO C 638 -10.43 -33.05 22.23
CA PRO C 638 -10.12 -33.32 20.81
C PRO C 638 -9.64 -34.74 20.55
N ASN C 639 -8.86 -35.32 21.46
CA ASN C 639 -8.35 -36.67 21.25
C ASN C 639 -9.47 -37.69 21.25
N MET C 640 -10.45 -37.54 22.13
CA MET C 640 -11.58 -38.46 22.16
C MET C 640 -12.43 -38.31 20.90
N ALA C 641 -12.75 -37.07 20.54
CA ALA C 641 -13.44 -36.83 19.27
C ALA C 641 -12.64 -37.43 18.11
N TRP C 642 -11.30 -37.32 18.18
CA TRP C 642 -10.45 -37.85 17.13
C TRP C 642 -10.53 -39.37 17.06
N ASP C 643 -10.31 -40.06 18.19
CA ASP C 643 -10.37 -41.52 18.20
C ASP C 643 -11.68 -42.02 17.64
N THR C 644 -12.79 -41.39 18.03
CA THR C 644 -14.10 -41.81 17.54
C THR C 644 -14.15 -41.80 16.02
N ILE C 645 -13.95 -40.62 15.41
CA ILE C 645 -14.12 -40.50 13.96
C ILE C 645 -12.92 -41.00 13.18
N VAL C 646 -11.87 -41.49 13.84
CA VAL C 646 -10.90 -42.32 13.14
C VAL C 646 -11.45 -43.74 12.98
N GLU C 647 -12.18 -44.22 14.00
CA GLU C 647 -12.88 -45.49 13.86
C GLU C 647 -14.00 -45.38 12.82
N GLN C 648 -14.88 -44.39 12.98
CA GLN C 648 -16.02 -44.24 12.08
C GLN C 648 -15.57 -43.97 10.66
N SER C 649 -14.74 -42.94 10.47
CA SER C 649 -14.29 -42.59 9.13
C SER C 649 -13.69 -43.78 8.41
N THR C 650 -12.98 -44.64 9.13
CA THR C 650 -12.36 -45.81 8.52
C THR C 650 -13.41 -46.82 8.10
N ALA C 651 -14.37 -47.11 8.98
CA ALA C 651 -15.39 -48.10 8.68
C ALA C 651 -16.30 -47.67 7.53
N ASN C 652 -16.33 -46.39 7.18
CA ASN C 652 -17.19 -45.90 6.12
C ASN C 652 -16.66 -44.58 5.57
N PRO C 653 -15.78 -44.61 4.56
CA PRO C 653 -15.28 -43.36 3.98
C PRO C 653 -16.36 -42.42 3.47
N THR C 654 -17.63 -42.86 3.42
CA THR C 654 -18.71 -41.97 2.99
C THR C 654 -18.88 -40.81 3.96
N LEU C 655 -18.67 -41.07 5.25
CA LEU C 655 -18.77 -40.03 6.28
C LEU C 655 -18.05 -38.76 5.86
N LEU C 656 -16.84 -38.90 5.32
CA LEU C 656 -16.06 -37.72 4.93
C LEU C 656 -16.77 -36.89 3.86
N LEU C 657 -17.85 -37.39 3.27
CA LEU C 657 -18.71 -36.53 2.46
C LEU C 657 -19.73 -35.78 3.32
N ASP C 658 -20.02 -36.29 4.51
CA ASP C 658 -20.88 -35.57 5.46
C ASP C 658 -20.16 -34.31 5.91
N SER C 659 -20.72 -33.15 5.54
CA SER C 659 -20.10 -31.88 5.87
C SER C 659 -19.87 -31.73 7.37
N GLU C 660 -20.70 -32.38 8.19
CA GLU C 660 -20.55 -32.22 9.64
C GLU C 660 -19.31 -32.95 10.14
N THR C 661 -19.06 -34.17 9.63
CA THR C 661 -17.85 -34.89 10.01
C THR C 661 -16.61 -34.18 9.51
N VAL C 662 -16.65 -33.67 8.27
CA VAL C 662 -15.51 -32.95 7.72
C VAL C 662 -15.18 -31.74 8.58
N LYS C 663 -16.20 -31.00 9.01
CA LYS C 663 -15.97 -29.82 9.83
C LYS C 663 -15.43 -30.20 11.21
N ILE C 664 -15.94 -31.29 11.79
CA ILE C 664 -15.42 -31.78 13.06
C ILE C 664 -13.93 -32.09 12.92
N ILE C 665 -13.56 -32.83 11.87
CA ILE C 665 -12.17 -33.22 11.68
C ILE C 665 -11.28 -31.98 11.56
N ALA C 666 -11.70 -31.04 10.72
CA ALA C 666 -10.87 -29.84 10.49
C ALA C 666 -10.67 -29.07 11.79
N ASN C 667 -11.70 -29.01 12.63
CA ASN C 667 -11.58 -28.27 13.89
C ASN C 667 -10.71 -29.01 14.89
N ILE C 668 -10.71 -30.35 14.86
CA ILE C 668 -9.78 -31.10 15.70
C ILE C 668 -8.35 -30.78 15.32
N ILE C 669 -8.03 -30.84 14.03
CA ILE C 669 -6.68 -30.56 13.57
CA ILE C 669 -6.68 -30.56 13.57
C ILE C 669 -6.31 -29.12 13.86
N LYS C 670 -7.25 -28.19 13.63
CA LYS C 670 -6.98 -26.79 13.94
C LYS C 670 -6.67 -26.59 15.41
N THR C 671 -7.35 -27.34 16.29
CA THR C 671 -7.01 -27.28 17.71
C THR C 671 -5.57 -27.73 17.95
N ASN C 672 -5.15 -28.82 17.29
CA ASN C 672 -3.78 -29.28 17.41
C ASN C 672 -2.79 -28.23 16.89
N VAL C 673 -3.11 -27.59 15.78
CA VAL C 673 -2.24 -26.54 15.25
C VAL C 673 -2.09 -25.43 16.29
N ALA C 674 -3.20 -25.02 16.90
CA ALA C 674 -3.17 -23.91 17.85
C ALA C 674 -2.28 -24.24 19.04
N VAL C 675 -2.42 -25.44 19.59
CA VAL C 675 -1.60 -25.84 20.74
C VAL C 675 -0.14 -26.01 20.31
N CYS C 676 0.08 -26.60 19.14
CA CYS C 676 1.44 -26.77 18.64
C CYS C 676 2.10 -25.42 18.37
N THR C 677 1.32 -24.42 17.96
CA THR C 677 1.89 -23.09 17.70
C THR C 677 2.54 -22.53 18.96
N SER C 678 1.88 -22.68 20.11
CA SER C 678 2.40 -22.13 21.34
C SER C 678 3.37 -23.06 22.06
N MET C 679 3.31 -24.36 21.81
CA MET C 679 4.16 -25.31 22.52
C MET C 679 5.36 -25.77 21.71
N GLY C 680 5.30 -25.70 20.39
CA GLY C 680 6.44 -26.05 19.55
C GLY C 680 7.04 -27.40 19.85
N ALA C 681 8.31 -27.42 20.24
CA ALA C 681 9.02 -28.68 20.49
C ALA C 681 8.31 -29.53 21.54
N ASP C 682 7.69 -28.89 22.54
CA ASP C 682 7.02 -29.63 23.60
C ASP C 682 5.76 -30.35 23.11
N PHE C 683 5.31 -30.09 21.88
CA PHE C 683 4.09 -30.69 21.36
C PHE C 683 4.28 -32.12 20.87
N TYR C 684 5.52 -32.58 20.75
CA TYR C 684 5.80 -33.88 20.13
C TYR C 684 4.97 -35.02 20.71
N PRO C 685 4.80 -35.17 22.03
CA PRO C 685 4.00 -36.31 22.53
C PRO C 685 2.58 -36.33 21.99
N GLN C 686 1.95 -35.16 21.83
CA GLN C 686 0.61 -35.10 21.26
C GLN C 686 0.64 -35.42 19.77
N LEU C 687 1.64 -34.91 19.05
CA LEU C 687 1.77 -35.27 17.64
C LEU C 687 1.89 -36.78 17.48
N GLY C 688 2.70 -37.43 18.34
CA GLY C 688 2.84 -38.87 18.26
C GLY C 688 1.54 -39.61 18.49
N HIS C 689 0.62 -39.02 19.25
CA HIS C 689 -0.65 -39.69 19.53
C HIS C 689 -1.50 -39.83 18.27
N ILE C 690 -1.43 -38.85 17.37
CA ILE C 690 -2.32 -38.80 16.21
C ILE C 690 -1.60 -39.03 14.89
N TYR C 691 -0.27 -39.09 14.90
CA TYR C 691 0.49 -38.89 13.65
C TYR C 691 0.13 -39.91 12.59
N TYR C 692 0.23 -41.20 12.92
CA TYR C 692 0.03 -42.24 11.90
C TYR C 692 -1.41 -42.26 11.41
N ASN C 693 -2.38 -42.15 12.32
CA ASN C 693 -3.77 -42.09 11.90
C ASN C 693 -4.06 -40.82 11.12
N MET C 694 -3.34 -39.73 11.42
CA MET C 694 -3.54 -38.48 10.70
C MET C 694 -3.08 -38.60 9.25
N LEU C 695 -1.95 -39.25 9.01
CA LEU C 695 -1.47 -39.42 7.64
C LEU C 695 -2.35 -40.39 6.87
N GLN C 696 -2.90 -41.41 7.54
CA GLN C 696 -3.86 -42.28 6.88
C GLN C 696 -5.11 -41.51 6.49
N LEU C 697 -5.56 -40.60 7.36
CA LEU C 697 -6.68 -39.74 7.02
C LEU C 697 -6.34 -38.87 5.81
N TYR C 698 -5.13 -38.30 5.79
CA TYR C 698 -4.68 -37.53 4.64
C TYR C 698 -4.85 -38.32 3.35
N ARG C 699 -4.50 -39.61 3.37
CA ARG C 699 -4.66 -40.46 2.19
C ARG C 699 -6.13 -40.68 1.86
N ALA C 700 -6.95 -40.97 2.88
CA ALA C 700 -8.36 -41.22 2.64
C ALA C 700 -9.03 -39.99 2.05
N VAL C 701 -8.79 -38.81 2.62
N VAL C 701 -8.81 -38.82 2.67
CA VAL C 701 -9.39 -37.60 2.08
CA VAL C 701 -9.33 -37.57 2.12
C VAL C 701 -8.83 -37.30 0.69
C VAL C 701 -8.85 -37.40 0.68
N SER C 702 -7.56 -37.67 0.44
CA SER C 702 -7.00 -37.51 -0.90
C SER C 702 -7.75 -38.35 -1.92
N SER C 703 -8.03 -39.61 -1.58
CA SER C 703 -8.75 -40.48 -2.49
C SER C 703 -10.14 -39.94 -2.79
N MET C 704 -10.79 -39.34 -1.80
N MET C 704 -10.81 -39.38 -1.78
CA MET C 704 -12.15 -38.85 -2.03
CA MET C 704 -12.15 -38.83 -1.97
C MET C 704 -12.16 -37.61 -2.91
C MET C 704 -12.14 -37.64 -2.91
N ILE C 705 -11.18 -36.72 -2.72
CA ILE C 705 -11.07 -35.56 -3.61
C ILE C 705 -10.88 -36.02 -5.05
N SER C 706 -9.96 -36.95 -5.27
CA SER C 706 -9.73 -37.48 -6.61
C SER C 706 -11.00 -38.10 -7.18
N ALA C 707 -11.71 -38.88 -6.36
CA ALA C 707 -12.94 -39.52 -6.84
C ALA C 707 -13.99 -38.48 -7.23
N GLN C 708 -14.09 -37.38 -6.47
CA GLN C 708 -15.09 -36.37 -6.79
C GLN C 708 -14.75 -35.65 -8.09
N VAL C 709 -13.48 -35.27 -8.27
CA VAL C 709 -13.08 -34.64 -9.52
C VAL C 709 -13.33 -35.57 -10.70
N ALA C 710 -13.12 -36.86 -10.48
CA ALA C 710 -13.35 -37.84 -11.56
C ALA C 710 -14.83 -37.95 -11.89
N ALA C 711 -15.70 -37.89 -10.87
CA ALA C 711 -17.12 -38.09 -11.10
C ALA C 711 -17.83 -36.82 -11.53
N GLU C 712 -17.32 -35.64 -11.14
CA GLU C 712 -18.00 -34.38 -11.40
C GLU C 712 -17.21 -33.41 -12.26
N GLY C 713 -15.92 -33.66 -12.50
CA GLY C 713 -15.09 -32.74 -13.25
C GLY C 713 -14.35 -31.76 -12.35
N LEU C 714 -13.56 -30.90 -12.99
CA LEU C 714 -12.74 -29.95 -12.24
C LEU C 714 -13.60 -29.01 -11.41
N ILE C 715 -14.86 -28.78 -11.81
CA ILE C 715 -15.74 -27.92 -11.04
C ILE C 715 -15.91 -28.45 -9.62
N ALA C 716 -15.64 -29.73 -9.41
CA ALA C 716 -15.73 -30.31 -8.07
C ALA C 716 -14.86 -29.56 -7.07
N THR C 717 -13.70 -29.06 -7.52
CA THR C 717 -12.79 -28.38 -6.59
C THR C 717 -13.40 -27.09 -6.05
N LYS C 718 -14.44 -26.56 -6.68
CA LYS C 718 -15.14 -25.38 -6.18
C LYS C 718 -16.24 -25.72 -5.18
N THR C 719 -16.68 -26.97 -5.14
CA THR C 719 -17.84 -27.32 -4.33
C THR C 719 -17.50 -27.23 -2.84
N PRO C 720 -18.49 -26.95 -1.99
CA PRO C 720 -18.21 -26.95 -0.54
C PRO C 720 -17.66 -28.27 -0.03
N LYS C 721 -18.07 -29.40 -0.62
CA LYS C 721 -17.63 -30.70 -0.13
C LYS C 721 -16.12 -30.88 -0.33
N VAL C 722 -15.62 -30.61 -1.55
CA VAL C 722 -14.20 -30.79 -1.79
C VAL C 722 -13.39 -29.73 -1.08
N ARG C 723 -13.91 -28.49 -0.97
CA ARG C 723 -13.18 -27.45 -0.26
C ARG C 723 -13.02 -27.82 1.21
N GLY C 724 -14.04 -28.44 1.81
CA GLY C 724 -13.90 -28.91 3.18
C GLY C 724 -12.89 -30.03 3.30
N LEU C 725 -12.86 -30.93 2.31
CA LEU C 725 -11.88 -32.01 2.33
C LEU C 725 -10.46 -31.48 2.18
N ARG C 726 -10.26 -30.51 1.29
CA ARG C 726 -8.93 -29.94 1.10
C ARG C 726 -8.49 -29.15 2.32
N THR C 727 -9.44 -28.57 3.07
CA THR C 727 -9.09 -27.92 4.33
C THR C 727 -8.42 -28.91 5.29
N ILE C 728 -8.94 -30.14 5.35
CA ILE C 728 -8.34 -31.16 6.20
C ILE C 728 -6.88 -31.38 5.80
N LYS C 729 -6.64 -31.55 4.50
CA LYS C 729 -5.27 -31.79 4.03
C LYS C 729 -4.37 -30.60 4.35
N LYS C 730 -4.87 -29.37 4.13
CA LYS C 730 -4.05 -28.20 4.37
C LYS C 730 -3.73 -28.02 5.86
N GLU C 731 -4.70 -28.32 6.74
CA GLU C 731 -4.44 -28.19 8.16
C GLU C 731 -3.50 -29.27 8.66
N ILE C 732 -3.57 -30.47 8.07
CA ILE C 732 -2.59 -31.51 8.40
C ILE C 732 -1.20 -31.05 8.02
N LEU C 733 -1.03 -30.53 6.81
CA LEU C 733 0.25 -30.01 6.38
C LEU C 733 0.71 -28.87 7.29
N LYS C 734 -0.21 -27.97 7.66
CA LYS C 734 0.16 -26.87 8.53
C LYS C 734 0.59 -27.37 9.90
N LEU C 735 -0.07 -28.41 10.42
CA LEU C 735 0.34 -28.95 11.70
C LEU C 735 1.75 -29.53 11.64
N VAL C 736 2.05 -30.30 10.59
CA VAL C 736 3.38 -30.87 10.43
C VAL C 736 4.40 -29.75 10.24
N GLU C 737 4.07 -28.76 9.43
N GLU C 737 4.08 -28.79 9.37
CA GLU C 737 4.98 -27.64 9.22
CA GLU C 737 4.92 -27.61 9.22
C GLU C 737 5.24 -26.88 10.52
C GLU C 737 5.24 -26.98 10.56
N THR C 738 4.20 -26.67 11.32
CA THR C 738 4.37 -25.94 12.57
C THR C 738 5.29 -26.68 13.53
N TYR C 739 5.13 -28.00 13.66
CA TYR C 739 5.97 -28.73 14.60
C TYR C 739 7.41 -28.78 14.11
N ILE C 740 7.63 -29.17 12.85
CA ILE C 740 8.99 -29.40 12.37
C ILE C 740 9.78 -28.10 12.40
N SER C 741 9.13 -26.98 12.09
CA SER C 741 9.83 -25.71 12.10
C SER C 741 10.33 -25.33 13.49
N LYS C 742 9.74 -25.91 14.54
CA LYS C 742 10.11 -25.59 15.91
C LYS C 742 10.78 -26.75 16.65
N ALA C 743 10.95 -27.90 15.99
CA ALA C 743 11.44 -29.09 16.68
C ALA C 743 12.88 -28.91 17.13
N ARG C 744 13.20 -29.49 18.29
CA ARG C 744 14.57 -29.50 18.79
C ARG C 744 15.27 -30.84 18.57
N ASN C 745 14.53 -31.95 18.61
CA ASN C 745 15.08 -33.27 18.34
C ASN C 745 14.90 -33.58 16.87
N LEU C 746 15.94 -33.37 16.08
CA LEU C 746 15.85 -33.59 14.64
C LEU C 746 16.06 -35.05 14.26
N ASP C 747 16.74 -35.84 15.10
CA ASP C 747 16.83 -37.27 14.84
C ASP C 747 15.44 -37.89 14.75
N ASP C 748 14.53 -37.48 15.63
CA ASP C 748 13.17 -38.02 15.61
C ASP C 748 12.41 -37.53 14.38
N VAL C 749 12.58 -36.25 14.02
CA VAL C 749 11.96 -35.74 12.79
C VAL C 749 12.34 -36.63 11.62
N VAL C 750 13.63 -36.94 11.50
CA VAL C 750 14.13 -37.69 10.35
C VAL C 750 13.69 -39.14 10.44
N LYS C 751 13.84 -39.76 11.61
CA LYS C 751 13.63 -41.19 11.75
C LYS C 751 12.16 -41.57 11.90
N VAL C 752 11.32 -40.67 12.38
CA VAL C 752 9.93 -40.99 12.71
C VAL C 752 8.94 -40.28 11.80
N LEU C 753 9.18 -39.01 11.50
CA LEU C 753 8.18 -38.18 10.82
C LEU C 753 8.34 -38.13 9.31
N VAL C 754 9.56 -37.97 8.80
CA VAL C 754 9.75 -37.59 7.40
C VAL C 754 9.25 -38.69 6.46
N GLU C 755 9.72 -39.92 6.67
CA GLU C 755 9.38 -40.99 5.71
C GLU C 755 7.88 -41.19 5.56
N PRO C 756 7.11 -41.38 6.63
CA PRO C 756 5.65 -41.46 6.45
C PRO C 756 5.06 -40.23 5.78
N LEU C 757 5.61 -39.05 6.09
CA LEU C 757 5.10 -37.81 5.49
C LEU C 757 5.29 -37.82 3.98
N LEU C 758 6.51 -38.10 3.52
CA LEU C 758 6.79 -38.07 2.10
C LEU C 758 5.98 -39.13 1.36
N ASN C 759 5.81 -40.30 1.97
CA ASN C 759 5.01 -41.35 1.33
C ASN C 759 3.55 -40.93 1.22
N ALA C 760 3.07 -40.11 2.15
CA ALA C 760 1.66 -39.74 2.15
C ALA C 760 1.35 -38.59 1.21
N VAL C 761 2.31 -37.70 0.93
N VAL C 761 2.32 -37.72 0.91
CA VAL C 761 2.01 -36.44 0.25
CA VAL C 761 2.08 -36.44 0.28
C VAL C 761 2.60 -36.37 -1.15
C VAL C 761 2.59 -36.39 -1.15
N LEU C 762 3.77 -36.98 -1.41
CA LEU C 762 4.47 -36.71 -2.67
C LEU C 762 3.75 -37.33 -3.87
N GLU C 763 3.50 -38.64 -3.84
CA GLU C 763 2.84 -39.27 -4.97
C GLU C 763 1.45 -38.68 -5.20
N ASP C 764 0.71 -38.42 -4.13
CA ASP C 764 -0.61 -37.81 -4.25
C ASP C 764 -0.52 -36.49 -5.02
N TYR C 765 0.48 -35.68 -4.72
CA TYR C 765 0.66 -34.40 -5.42
C TYR C 765 1.01 -34.62 -6.88
N MET C 766 2.01 -35.46 -7.14
CA MET C 766 2.47 -35.69 -8.51
C MET C 766 1.36 -36.20 -9.41
N ASN C 767 0.51 -37.09 -8.89
CA ASN C 767 -0.44 -37.81 -9.72
C ASN C 767 -1.85 -37.22 -9.70
N ASN C 768 -2.04 -36.09 -9.03
CA ASN C 768 -3.28 -35.34 -9.15
C ASN C 768 -3.20 -34.42 -10.37
N VAL C 769 -4.37 -34.07 -10.91
CA VAL C 769 -4.41 -33.09 -12.00
C VAL C 769 -4.01 -31.75 -11.41
N PRO C 770 -3.51 -30.81 -12.21
CA PRO C 770 -3.04 -29.53 -11.65
C PRO C 770 -4.02 -28.83 -10.72
N ASP C 771 -5.30 -28.74 -11.10
CA ASP C 771 -6.26 -28.00 -10.29
C ASP C 771 -6.53 -28.65 -8.94
N ALA C 772 -6.04 -29.87 -8.70
CA ALA C 772 -6.24 -30.55 -7.42
C ALA C 772 -4.98 -30.60 -6.58
N ARG C 773 -3.87 -30.06 -7.06
CA ARG C 773 -2.63 -30.07 -6.30
C ARG C 773 -2.60 -28.92 -5.31
N ASP C 774 -2.31 -29.24 -4.04
CA ASP C 774 -2.27 -28.24 -2.98
C ASP C 774 -0.89 -27.60 -2.92
N ALA C 775 -0.82 -26.29 -3.17
CA ALA C 775 0.44 -25.57 -3.06
C ALA C 775 1.04 -25.72 -1.66
N GLU C 776 0.20 -25.95 -0.65
N GLU C 776 0.19 -25.95 -0.66
CA GLU C 776 0.73 -26.10 0.70
CA GLU C 776 0.68 -26.14 0.71
C GLU C 776 1.65 -27.31 0.82
C GLU C 776 1.66 -27.30 0.80
N VAL C 777 1.58 -28.26 -0.11
CA VAL C 777 2.54 -29.36 -0.13
C VAL C 777 3.94 -28.82 -0.33
N LEU C 778 4.11 -27.92 -1.30
CA LEU C 778 5.41 -27.31 -1.55
C LEU C 778 5.90 -26.57 -0.30
N ASN C 779 5.02 -25.80 0.32
CA ASN C 779 5.40 -25.05 1.52
C ASN C 779 5.84 -25.99 2.64
N CYS C 780 5.12 -27.09 2.81
CA CYS C 780 5.51 -28.07 3.84
C CYS C 780 6.88 -28.66 3.52
N MET C 781 7.14 -28.97 2.25
CA MET C 781 8.44 -29.53 1.88
C MET C 781 9.55 -28.52 2.10
N THR C 782 9.28 -27.24 1.85
CA THR C 782 10.27 -26.21 2.11
C THR C 782 10.71 -26.23 3.58
N THR C 783 9.75 -26.35 4.50
CA THR C 783 10.08 -26.41 5.92
C THR C 783 10.91 -27.65 6.23
N VAL C 784 10.52 -28.80 5.69
CA VAL C 784 11.28 -30.04 5.92
C VAL C 784 12.72 -29.87 5.47
N VAL C 785 12.91 -29.40 4.23
CA VAL C 785 14.26 -29.23 3.70
C VAL C 785 15.02 -28.22 4.53
N GLU C 786 14.38 -27.11 4.90
CA GLU C 786 15.04 -26.09 5.70
C GLU C 786 15.57 -26.67 7.01
N LYS C 787 14.77 -27.48 7.69
CA LYS C 787 15.08 -27.91 9.04
C LYS C 787 15.98 -29.13 9.08
N VAL C 788 15.82 -30.09 8.17
CA VAL C 788 16.56 -31.34 8.23
C VAL C 788 17.04 -31.76 6.84
N GLY C 789 17.02 -30.84 5.88
CA GLY C 789 17.42 -31.18 4.53
C GLY C 789 18.80 -31.81 4.47
N HIS C 790 19.72 -31.33 5.30
CA HIS C 790 21.08 -31.86 5.31
C HIS C 790 21.15 -33.32 5.78
N MET C 791 20.08 -33.83 6.40
CA MET C 791 20.09 -35.17 6.95
C MET C 791 19.33 -36.18 6.09
N ILE C 792 18.74 -35.75 4.98
CA ILE C 792 17.88 -36.62 4.18
C ILE C 792 18.15 -36.40 2.70
N PRO C 793 19.39 -36.61 2.23
CA PRO C 793 19.67 -36.36 0.81
C PRO C 793 18.80 -37.19 -0.13
N GLN C 794 18.46 -38.43 0.24
CA GLN C 794 17.58 -39.21 -0.62
C GLN C 794 16.15 -38.68 -0.58
N GLY C 795 15.71 -38.17 0.57
CA GLY C 795 14.38 -37.58 0.64
C GLY C 795 14.26 -36.34 -0.22
N VAL C 796 15.31 -35.52 -0.27
CA VAL C 796 15.26 -34.32 -1.11
C VAL C 796 15.19 -34.68 -2.58
N ILE C 797 15.93 -35.72 -3.00
CA ILE C 797 15.82 -36.19 -4.38
C ILE C 797 14.38 -36.62 -4.66
N LEU C 798 13.76 -37.33 -3.71
CA LEU C 798 12.38 -37.77 -3.91
C LEU C 798 11.44 -36.58 -4.03
N ILE C 799 11.67 -35.54 -3.23
CA ILE C 799 10.84 -34.33 -3.32
C ILE C 799 10.93 -33.75 -4.73
N LEU C 800 12.15 -33.53 -5.22
CA LEU C 800 12.32 -32.98 -6.56
C LEU C 800 11.64 -33.85 -7.61
N GLN C 801 11.88 -35.16 -7.55
CA GLN C 801 11.29 -36.05 -8.55
C GLN C 801 9.79 -35.93 -8.59
N SER C 802 9.16 -35.64 -7.45
CA SER C 802 7.70 -35.67 -7.36
C SER C 802 7.04 -34.32 -7.65
N VAL C 803 7.74 -33.20 -7.44
CA VAL C 803 7.12 -31.89 -7.56
C VAL C 803 7.76 -31.01 -8.64
N PHE C 804 8.99 -31.27 -9.05
CA PHE C 804 9.70 -30.29 -9.88
C PHE C 804 9.10 -30.15 -11.27
N GLU C 805 9.14 -31.21 -12.07
CA GLU C 805 8.71 -31.08 -13.46
C GLU C 805 7.23 -30.79 -13.56
N CYS C 806 6.40 -31.43 -12.72
CA CYS C 806 4.96 -31.23 -12.86
C CYS C 806 4.53 -29.85 -12.37
N THR C 807 5.19 -29.30 -11.36
CA THR C 807 4.88 -27.92 -10.97
C THR C 807 5.40 -26.93 -12.00
N LEU C 808 6.60 -27.14 -12.52
CA LEU C 808 7.15 -26.24 -13.53
C LEU C 808 6.23 -26.16 -14.75
N ASP C 809 5.64 -27.29 -15.15
CA ASP C 809 4.72 -27.28 -16.28
C ASP C 809 3.45 -26.52 -15.98
N MET C 810 3.08 -26.38 -14.70
CA MET C 810 1.90 -25.60 -14.36
C MET C 810 2.13 -24.10 -14.52
N ILE C 811 3.38 -23.63 -14.36
CA ILE C 811 3.66 -22.21 -14.19
C ILE C 811 4.50 -21.64 -15.33
N ASN C 812 4.86 -22.42 -16.34
CA ASN C 812 5.75 -21.93 -17.39
C ASN C 812 5.04 -21.61 -18.69
N LYS C 813 3.72 -21.43 -18.66
CA LYS C 813 2.97 -21.02 -19.83
C LYS C 813 2.58 -19.54 -19.79
N ASP C 814 2.46 -18.98 -18.59
CA ASP C 814 2.20 -17.55 -18.41
C ASP C 814 2.74 -17.17 -17.03
N PHE C 815 2.58 -15.90 -16.69
CA PHE C 815 3.03 -15.38 -15.40
C PHE C 815 1.93 -15.27 -14.37
N THR C 816 0.72 -15.73 -14.68
CA THR C 816 -0.45 -15.49 -13.84
C THR C 816 -1.05 -16.77 -13.24
N GLU C 817 -1.12 -17.85 -13.99
CA GLU C 817 -1.79 -19.04 -13.50
C GLU C 817 -1.09 -19.62 -12.28
N TYR C 818 -1.89 -20.19 -11.38
CA TYR C 818 -1.40 -20.88 -10.20
C TYR C 818 -0.44 -20.00 -9.41
N PRO C 819 -0.89 -18.83 -8.94
CA PRO C 819 0.03 -17.90 -8.26
C PRO C 819 0.68 -18.46 -7.00
N GLU C 820 -0.06 -19.24 -6.20
CA GLU C 820 0.53 -19.76 -4.98
C GLU C 820 1.58 -20.83 -5.28
N HIS C 821 1.29 -21.74 -6.21
CA HIS C 821 2.29 -22.73 -6.61
C HIS C 821 3.55 -22.06 -7.10
N ARG C 822 3.40 -21.01 -7.90
CA ARG C 822 4.52 -20.21 -8.38
C ARG C 822 5.43 -19.79 -7.24
N VAL C 823 4.85 -19.13 -6.21
CA VAL C 823 5.65 -18.61 -5.12
C VAL C 823 6.31 -19.75 -4.34
N GLU C 824 5.51 -20.74 -3.93
CA GLU C 824 6.06 -21.82 -3.13
C GLU C 824 7.09 -22.64 -3.92
N PHE C 825 6.90 -22.75 -5.24
CA PHE C 825 7.83 -23.50 -6.08
C PHE C 825 9.25 -22.96 -5.96
N TYR C 826 9.40 -21.63 -6.06
CA TYR C 826 10.74 -21.06 -6.05
C TYR C 826 11.28 -20.93 -4.63
N LYS C 827 10.40 -20.84 -3.63
CA LYS C 827 10.87 -20.95 -2.25
C LYS C 827 11.49 -22.32 -2.01
N LEU C 828 10.87 -23.37 -2.56
CA LEU C 828 11.38 -24.72 -2.36
C LEU C 828 12.70 -24.94 -3.09
N LEU C 829 12.77 -24.54 -4.37
CA LEU C 829 14.03 -24.65 -5.10
C LEU C 829 15.14 -23.89 -4.40
N LYS C 830 14.82 -22.72 -3.85
CA LYS C 830 15.84 -21.91 -3.18
C LYS C 830 16.43 -22.65 -1.99
N VAL C 831 15.58 -23.26 -1.15
CA VAL C 831 16.09 -23.92 0.04
C VAL C 831 16.81 -25.21 -0.33
N ILE C 832 16.33 -25.93 -1.35
CA ILE C 832 17.07 -27.12 -1.81
C ILE C 832 18.44 -26.72 -2.33
N ASN C 833 18.52 -25.60 -3.05
CA ASN C 833 19.80 -25.13 -3.55
C ASN C 833 20.73 -24.71 -2.43
N GLU C 834 20.17 -24.26 -1.29
CA GLU C 834 21.00 -23.85 -0.16
C GLU C 834 21.48 -25.06 0.65
N LYS C 835 20.58 -26.00 0.93
CA LYS C 835 20.83 -27.03 1.93
C LYS C 835 21.22 -28.38 1.35
N SER C 836 20.78 -28.70 0.14
CA SER C 836 21.03 -30.02 -0.46
CA SER C 836 21.01 -30.01 -0.46
C SER C 836 21.29 -29.84 -1.96
N PHE C 837 22.31 -29.04 -2.28
CA PHE C 837 22.65 -28.79 -3.66
C PHE C 837 23.00 -30.07 -4.41
N ALA C 838 23.44 -31.11 -3.70
CA ALA C 838 23.76 -32.37 -4.36
C ALA C 838 22.55 -32.94 -5.09
N ALA C 839 21.33 -32.59 -4.68
CA ALA C 839 20.14 -33.12 -5.33
C ALA C 839 20.06 -32.65 -6.79
N PHE C 840 20.47 -31.41 -7.06
CA PHE C 840 20.48 -30.94 -8.44
C PHE C 840 21.59 -31.62 -9.24
N LEU C 841 22.70 -31.98 -8.58
CA LEU C 841 23.77 -32.68 -9.27
C LEU C 841 23.34 -34.06 -9.74
N GLU C 842 22.38 -34.68 -9.06
CA GLU C 842 21.89 -35.99 -9.47
C GLU C 842 20.90 -35.92 -10.62
N LEU C 843 20.33 -34.75 -10.88
CA LEU C 843 19.36 -34.61 -11.95
C LEU C 843 19.98 -35.08 -13.27
N PRO C 844 19.24 -35.77 -14.12
CA PRO C 844 19.74 -36.02 -15.47
C PRO C 844 19.93 -34.72 -16.22
N PRO C 845 20.89 -34.67 -17.15
CA PRO C 845 21.16 -33.39 -17.83
C PRO C 845 19.93 -32.66 -18.33
N ALA C 846 18.93 -33.39 -18.83
CA ALA C 846 17.73 -32.74 -19.36
C ALA C 846 16.97 -32.02 -18.25
N ALA C 847 16.92 -32.61 -17.06
CA ALA C 847 16.20 -31.99 -15.95
C ALA C 847 16.99 -30.82 -15.36
N PHE C 848 18.32 -30.92 -15.34
CA PHE C 848 19.12 -29.78 -14.91
C PHE C 848 18.96 -28.60 -15.86
N LYS C 849 18.78 -28.86 -17.15
CA LYS C 849 18.51 -27.79 -18.10
C LYS C 849 17.18 -27.11 -17.79
N LEU C 850 16.17 -27.90 -17.42
CA LEU C 850 14.89 -27.31 -17.01
C LEU C 850 15.08 -26.46 -15.76
N PHE C 851 15.94 -26.90 -14.84
CA PHE C 851 16.22 -26.12 -13.64
C PHE C 851 16.74 -24.73 -14.01
N VAL C 852 17.70 -24.68 -14.93
CA VAL C 852 18.23 -23.39 -15.40
C VAL C 852 17.13 -22.57 -16.06
N ASP C 853 16.36 -23.20 -16.95
CA ASP C 853 15.23 -22.51 -17.57
C ASP C 853 14.28 -21.97 -16.51
N ALA C 854 14.02 -22.75 -15.46
CA ALA C 854 13.11 -22.30 -14.40
C ALA C 854 13.65 -21.07 -13.70
N ILE C 855 14.96 -21.02 -13.46
CA ILE C 855 15.56 -19.87 -12.78
C ILE C 855 15.38 -18.62 -13.63
N CYS C 856 15.78 -18.67 -14.90
CA CYS C 856 15.64 -17.52 -15.78
C CYS C 856 14.19 -17.10 -15.91
N TRP C 857 13.28 -18.08 -16.02
CA TRP C 857 11.85 -17.79 -16.04
C TRP C 857 11.45 -16.96 -14.84
N ALA C 858 12.04 -17.24 -13.67
CA ALA C 858 11.76 -16.43 -12.49
C ALA C 858 12.24 -15.00 -12.67
N PHE C 859 13.41 -14.80 -13.29
CA PHE C 859 13.90 -13.45 -13.59
C PHE C 859 12.79 -12.60 -14.18
N LYS C 860 12.06 -13.15 -15.14
CA LYS C 860 11.16 -12.37 -15.98
C LYS C 860 9.85 -12.05 -15.30
N HIS C 861 9.62 -12.55 -14.09
CA HIS C 861 8.41 -12.19 -13.36
C HIS C 861 8.50 -10.76 -12.85
N ASN C 862 7.37 -10.05 -12.94
CA ASN C 862 7.24 -8.78 -12.23
C ASN C 862 6.87 -9.01 -10.78
N ASN C 863 6.20 -10.12 -10.48
CA ASN C 863 5.89 -10.55 -9.14
C ASN C 863 7.15 -10.62 -8.28
N ARG C 864 7.29 -9.69 -7.32
CA ARG C 864 8.46 -9.67 -6.46
C ARG C 864 8.60 -10.98 -5.69
N ASP C 865 7.49 -11.60 -5.29
CA ASP C 865 7.56 -12.86 -4.55
C ASP C 865 8.15 -13.99 -5.37
N VAL C 866 8.43 -13.76 -6.66
CA VAL C 866 9.08 -14.74 -7.52
C VAL C 866 10.40 -14.22 -8.04
N GLU C 867 10.45 -12.96 -8.47
CA GLU C 867 11.65 -12.41 -9.09
C GLU C 867 12.83 -12.41 -8.12
N VAL C 868 12.59 -12.02 -6.87
CA VAL C 868 13.67 -11.94 -5.89
C VAL C 868 14.28 -13.32 -5.67
N ASN C 869 13.43 -14.34 -5.49
CA ASN C 869 13.95 -15.68 -5.27
C ASN C 869 14.67 -16.20 -6.51
N GLY C 870 14.16 -15.88 -7.69
CA GLY C 870 14.82 -16.32 -8.91
C GLY C 870 16.24 -15.79 -9.03
N LEU C 871 16.43 -14.52 -8.70
CA LEU C 871 17.76 -13.93 -8.76
C LEU C 871 18.66 -14.48 -7.67
N GLN C 872 18.11 -14.79 -6.49
CA GLN C 872 18.92 -15.34 -5.41
C GLN C 872 19.34 -16.77 -5.71
N ILE C 873 18.43 -17.57 -6.28
CA ILE C 873 18.79 -18.93 -6.69
C ILE C 873 19.94 -18.87 -7.69
N ALA C 874 19.81 -18.00 -8.70
CA ALA C 874 20.87 -17.87 -9.70
C ALA C 874 22.21 -17.53 -9.05
N LEU C 875 22.20 -16.59 -8.10
CA LEU C 875 23.43 -16.19 -7.43
C LEU C 875 23.99 -17.35 -6.58
N ASP C 876 23.12 -17.99 -5.80
CA ASP C 876 23.56 -19.13 -4.99
C ASP C 876 24.06 -20.27 -5.87
N LEU C 877 23.41 -20.49 -7.02
CA LEU C 877 23.83 -21.57 -7.91
C LEU C 877 25.22 -21.32 -8.47
N VAL C 878 25.47 -20.09 -8.94
CA VAL C 878 26.81 -19.73 -9.39
C VAL C 878 27.81 -19.97 -8.27
N LYS C 879 27.45 -19.61 -7.03
CA LYS C 879 28.34 -19.83 -5.90
C LYS C 879 28.54 -21.32 -5.64
N ASN C 880 27.46 -22.11 -5.71
CA ASN C 880 27.61 -23.55 -5.53
C ASN C 880 28.55 -24.14 -6.58
N ILE C 881 28.41 -23.72 -7.84
CA ILE C 881 29.28 -24.21 -8.89
C ILE C 881 30.72 -23.81 -8.62
N GLU C 882 30.95 -22.54 -8.31
CA GLU C 882 32.29 -22.06 -8.02
C GLU C 882 32.94 -22.88 -6.91
N ARG C 883 32.16 -23.26 -5.89
CA ARG C 883 32.70 -24.01 -4.77
C ARG C 883 33.20 -25.39 -5.15
N MET C 884 32.73 -25.95 -6.28
CA MET C 884 33.15 -27.28 -6.68
C MET C 884 34.57 -27.29 -7.22
N GLY C 885 35.12 -26.14 -7.59
CA GLY C 885 36.46 -26.09 -8.13
C GLY C 885 36.50 -26.50 -9.59
N ASN C 886 37.69 -26.89 -10.02
CA ASN C 886 37.93 -27.30 -11.41
C ASN C 886 37.61 -28.79 -11.53
N VAL C 887 36.34 -29.09 -11.77
CA VAL C 887 35.88 -30.45 -11.98
C VAL C 887 34.91 -30.49 -13.16
N PRO C 888 34.70 -31.68 -13.73
CA PRO C 888 33.92 -31.76 -14.98
C PRO C 888 32.54 -31.10 -14.91
N PHE C 889 31.80 -31.28 -13.82
CA PHE C 889 30.45 -30.71 -13.76
C PHE C 889 30.49 -29.19 -13.78
N ALA C 890 31.46 -28.60 -13.08
CA ALA C 890 31.58 -27.13 -13.09
C ALA C 890 31.99 -26.61 -14.46
N ASN C 891 32.92 -27.30 -15.11
CA ASN C 891 33.37 -26.86 -16.44
C ASN C 891 32.25 -26.96 -17.45
N GLU C 892 31.51 -28.08 -17.46
CA GLU C 892 30.37 -28.22 -18.36
C GLU C 892 29.28 -27.21 -18.04
N PHE C 893 29.13 -26.86 -16.75
CA PHE C 893 28.12 -25.87 -16.39
C PHE C 893 28.40 -24.53 -17.03
N HIS C 894 29.65 -24.07 -16.97
CA HIS C 894 30.01 -22.80 -17.60
C HIS C 894 29.87 -22.89 -19.11
N LYS C 895 30.35 -23.98 -19.71
CA LYS C 895 30.22 -24.17 -21.15
C LYS C 895 28.76 -24.11 -21.57
N ASN C 896 27.87 -24.71 -20.79
CA ASN C 896 26.46 -24.80 -21.19
C ASN C 896 25.66 -23.56 -20.82
N TYR C 897 25.97 -22.92 -19.68
CA TYR C 897 25.03 -21.98 -19.08
C TYR C 897 25.59 -20.62 -18.70
N PHE C 898 26.90 -20.41 -18.73
CA PHE C 898 27.43 -19.11 -18.30
C PHE C 898 26.83 -17.97 -19.12
N PHE C 899 26.86 -18.09 -20.44
CA PHE C 899 26.36 -17.00 -21.28
C PHE C 899 24.85 -16.92 -21.27
N ILE C 900 24.16 -18.03 -20.99
CA ILE C 900 22.71 -17.96 -20.81
C ILE C 900 22.38 -17.04 -19.63
N PHE C 901 23.09 -17.21 -18.51
CA PHE C 901 22.83 -16.38 -17.35
C PHE C 901 23.26 -14.94 -17.58
N VAL C 902 24.39 -14.73 -18.26
CA VAL C 902 24.84 -13.37 -18.55
C VAL C 902 23.81 -12.65 -19.42
N SER C 903 23.37 -13.30 -20.50
CA SER C 903 22.45 -12.65 -21.43
C SER C 903 21.07 -12.48 -20.82
N GLU C 904 20.58 -13.48 -20.09
CA GLU C 904 19.26 -13.38 -19.48
C GLU C 904 19.23 -12.28 -18.41
N THR C 905 20.31 -12.15 -17.64
CA THR C 905 20.37 -11.06 -16.67
C THR C 905 20.42 -9.71 -17.37
N PHE C 906 21.23 -9.58 -18.42
CA PHE C 906 21.28 -8.34 -19.17
C PHE C 906 19.92 -7.98 -19.74
N PHE C 907 19.15 -8.98 -20.17
CA PHE C 907 17.85 -8.70 -20.78
C PHE C 907 16.90 -8.04 -19.80
N VAL C 908 16.78 -8.57 -18.58
CA VAL C 908 15.86 -7.98 -17.62
C VAL C 908 16.41 -6.67 -17.09
N LEU C 909 17.74 -6.51 -17.06
CA LEU C 909 18.33 -5.24 -16.66
C LEU C 909 17.91 -4.10 -17.60
N THR C 910 17.79 -4.40 -18.89
CA THR C 910 17.68 -3.35 -19.90
C THR C 910 16.30 -3.24 -20.53
N ASP C 911 15.32 -4.06 -20.16
CA ASP C 911 14.06 -4.07 -20.88
C ASP C 911 13.01 -3.14 -20.25
N SER C 912 13.37 -2.42 -19.18
CA SER C 912 12.52 -1.41 -18.56
C SER C 912 11.27 -2.00 -17.90
N ASP C 913 11.15 -3.32 -17.83
CA ASP C 913 9.99 -3.96 -17.22
C ASP C 913 10.33 -4.72 -15.95
N HIS C 914 11.57 -4.60 -15.46
CA HIS C 914 11.99 -5.27 -14.23
C HIS C 914 12.87 -4.36 -13.40
N LYS C 915 12.50 -3.08 -13.33
CA LYS C 915 13.32 -2.11 -12.59
C LYS C 915 13.38 -2.45 -11.11
N SER C 916 12.38 -3.15 -10.58
CA SER C 916 12.37 -3.49 -9.16
C SER C 916 13.51 -4.42 -8.78
N GLY C 917 14.05 -5.18 -9.71
CA GLY C 917 15.13 -6.11 -9.44
C GLY C 917 16.52 -5.60 -9.77
N PHE C 918 16.68 -4.31 -10.02
CA PHE C 918 17.95 -3.79 -10.53
C PHE C 918 19.11 -4.16 -9.62
N SER C 919 18.97 -3.94 -8.31
CA SER C 919 20.08 -4.17 -7.40
C SER C 919 20.56 -5.62 -7.44
N LYS C 920 19.64 -6.57 -7.45
CA LYS C 920 20.01 -7.98 -7.46
C LYS C 920 20.46 -8.44 -8.85
N GLN C 921 19.89 -7.87 -9.91
CA GLN C 921 20.39 -8.14 -11.25
C GLN C 921 21.84 -7.67 -11.37
N ALA C 922 22.14 -6.49 -10.84
CA ALA C 922 23.50 -5.96 -10.91
C ALA C 922 24.46 -6.85 -10.13
N LEU C 923 24.05 -7.32 -8.95
CA LEU C 923 24.90 -8.20 -8.17
C LEU C 923 25.22 -9.47 -8.94
N LEU C 924 24.20 -10.12 -9.50
CA LEU C 924 24.42 -11.33 -10.28
C LEU C 924 25.34 -11.07 -11.46
N LEU C 925 25.14 -9.96 -12.17
CA LEU C 925 25.97 -9.66 -13.32
C LEU C 925 27.42 -9.42 -12.90
N MET C 926 27.62 -8.70 -11.80
CA MET C 926 28.98 -8.42 -11.35
C MET C 926 29.68 -9.70 -10.94
N LYS C 927 28.95 -10.63 -10.31
CA LYS C 927 29.53 -11.92 -9.95
C LYS C 927 29.93 -12.68 -11.21
N LEU C 928 29.04 -12.77 -12.19
CA LEU C 928 29.35 -13.48 -13.42
C LEU C 928 30.59 -12.89 -14.10
N ILE C 929 30.64 -11.57 -14.24
CA ILE C 929 31.78 -10.93 -14.89
C ILE C 929 33.06 -11.14 -14.08
N SER C 930 32.95 -11.07 -12.75
CA SER C 930 34.14 -11.23 -11.92
C SER C 930 34.73 -12.63 -12.03
N LEU C 931 33.90 -13.64 -12.31
CA LEU C 931 34.41 -14.99 -12.50
C LEU C 931 35.45 -15.03 -13.62
N VAL C 932 35.13 -14.41 -14.75
CA VAL C 932 36.07 -14.35 -15.86
C VAL C 932 37.23 -13.41 -15.54
N TYR C 933 36.92 -12.29 -14.88
CA TYR C 933 37.96 -11.32 -14.54
C TYR C 933 39.00 -11.91 -13.61
N ASP C 934 38.62 -12.92 -12.81
CA ASP C 934 39.53 -13.55 -11.86
C ASP C 934 39.99 -14.93 -12.33
N ASN C 935 39.68 -15.31 -13.57
CA ASN C 935 40.07 -16.61 -14.11
C ASN C 935 39.65 -17.75 -13.18
N LYS C 936 38.43 -17.65 -12.67
CA LYS C 936 37.85 -18.74 -11.89
C LYS C 936 37.12 -19.76 -12.74
N ILE C 937 37.06 -19.54 -14.05
CA ILE C 937 36.54 -20.51 -15.02
C ILE C 937 37.73 -21.10 -15.74
N SER C 938 37.90 -22.42 -15.65
CA SER C 938 39.14 -23.08 -16.04
C SER C 938 39.16 -23.52 -17.50
N VAL C 939 38.02 -23.50 -18.19
CA VAL C 939 37.97 -23.96 -19.57
C VAL C 939 37.60 -22.79 -20.49
N PRO C 940 38.00 -22.82 -21.75
CA PRO C 940 37.53 -21.79 -22.70
C PRO C 940 36.01 -21.81 -22.79
N LEU C 941 35.41 -20.63 -22.60
CA LEU C 941 33.97 -20.50 -22.78
C LEU C 941 33.55 -20.56 -24.23
N TYR C 942 34.50 -20.55 -25.15
CA TYR C 942 34.24 -20.58 -26.58
C TYR C 942 34.53 -21.97 -27.12
N GLN C 943 34.26 -22.16 -28.41
CA GLN C 943 34.55 -23.40 -29.10
C GLN C 943 35.83 -23.25 -29.91
N GLU C 944 36.56 -24.36 -30.06
CA GLU C 944 37.90 -24.32 -30.65
C GLU C 944 37.94 -23.54 -31.96
N ALA C 945 36.83 -23.49 -32.68
CA ALA C 945 36.81 -22.86 -34.00
C ALA C 945 36.43 -21.38 -33.96
N GLU C 946 35.82 -20.91 -32.87
CA GLU C 946 35.31 -19.54 -32.84
C GLU C 946 36.44 -18.52 -32.89
N VAL C 947 37.47 -18.72 -32.08
CA VAL C 947 38.55 -17.74 -31.92
C VAL C 947 39.88 -18.45 -31.96
N PRO C 948 40.97 -17.71 -32.20
CA PRO C 948 42.30 -18.33 -32.18
C PRO C 948 42.55 -19.07 -30.88
N GLN C 949 43.37 -20.10 -30.94
CA GLN C 949 43.74 -20.85 -29.74
C GLN C 949 44.50 -19.95 -28.78
N GLY C 950 44.25 -20.13 -27.49
CA GLY C 950 44.89 -19.35 -26.46
C GLY C 950 44.18 -18.05 -26.10
N THR C 951 43.15 -17.67 -26.85
CA THR C 951 42.38 -16.48 -26.50
C THR C 951 41.85 -16.61 -25.08
N SER C 952 41.99 -15.54 -24.30
CA SER C 952 41.51 -15.55 -22.93
C SER C 952 39.99 -15.46 -22.89
N ASN C 953 39.40 -15.99 -21.82
CA ASN C 953 37.97 -15.81 -21.61
C ASN C 953 37.62 -14.34 -21.44
N GLN C 954 38.53 -13.55 -20.89
CA GLN C 954 38.31 -12.11 -20.79
C GLN C 954 38.02 -11.52 -22.17
N VAL C 955 38.90 -11.78 -23.14
CA VAL C 955 38.71 -11.24 -24.48
C VAL C 955 37.42 -11.77 -25.10
N TYR C 956 37.17 -13.07 -24.97
CA TYR C 956 35.97 -13.63 -25.58
C TYR C 956 34.72 -13.05 -24.94
N LEU C 957 34.72 -12.87 -23.61
CA LEU C 957 33.57 -12.29 -22.95
C LEU C 957 33.25 -10.91 -23.50
N SER C 958 34.28 -10.08 -23.72
CA SER C 958 34.05 -8.74 -24.25
C SER C 958 33.53 -8.79 -25.67
N GLN C 959 34.03 -9.72 -26.47
CA GLN C 959 33.54 -9.86 -27.85
C GLN C 959 32.10 -10.35 -27.86
N TYR C 960 31.79 -11.36 -27.04
CA TYR C 960 30.41 -11.84 -26.96
C TYR C 960 29.47 -10.71 -26.56
N LEU C 961 29.83 -9.96 -25.52
CA LEU C 961 28.95 -8.90 -25.04
C LEU C 961 28.84 -7.77 -26.04
N ALA C 962 29.95 -7.41 -26.70
CA ALA C 962 29.90 -6.38 -27.73
C ALA C 962 28.94 -6.76 -28.83
N ASN C 963 29.02 -7.99 -29.32
CA ASN C 963 28.12 -8.45 -30.37
C ASN C 963 26.68 -8.54 -29.87
N MET C 964 26.49 -8.99 -28.63
CA MET C 964 25.15 -9.11 -28.08
C MET C 964 24.48 -7.74 -27.98
N LEU C 965 25.22 -6.75 -27.48
CA LEU C 965 24.64 -5.42 -27.32
C LEU C 965 24.45 -4.71 -28.66
N SER C 966 25.33 -4.96 -29.62
CA SER C 966 25.18 -4.35 -30.94
C SER C 966 23.90 -4.79 -31.61
N ASN C 967 23.56 -6.08 -31.49
CA ASN C 967 22.35 -6.59 -32.12
C ASN C 967 21.09 -6.24 -31.33
N ALA C 968 21.21 -6.16 -30.00
CA ALA C 968 20.05 -5.82 -29.17
C ALA C 968 19.78 -4.32 -29.14
N PHE C 969 20.80 -3.50 -29.33
CA PHE C 969 20.67 -2.04 -29.30
C PHE C 969 21.40 -1.47 -30.52
N PRO C 970 20.86 -1.68 -31.72
CA PRO C 970 21.61 -1.34 -32.94
C PRO C 970 21.86 0.15 -33.11
N HIS C 971 21.17 1.02 -32.37
CA HIS C 971 21.38 2.45 -32.50
C HIS C 971 22.57 2.96 -31.70
N LEU C 972 23.20 2.10 -30.91
CA LEU C 972 24.44 2.46 -30.22
C LEU C 972 25.61 2.35 -31.18
N THR C 973 26.57 3.25 -31.03
CA THR C 973 27.81 3.13 -31.79
C THR C 973 28.68 2.04 -31.19
N SER C 974 29.58 1.50 -32.01
CA SER C 974 30.54 0.53 -31.51
C SER C 974 31.37 1.12 -30.38
N GLU C 975 31.66 2.42 -30.44
CA GLU C 975 32.46 3.08 -29.42
C GLU C 975 31.71 3.13 -28.08
N GLN C 976 30.43 3.47 -28.11
CA GLN C 976 29.62 3.43 -26.90
C GLN C 976 29.69 2.06 -26.23
N ILE C 977 29.47 1.00 -27.03
CA ILE C 977 29.45 -0.35 -26.47
C ILE C 977 30.80 -0.72 -25.88
N ALA C 978 31.88 -0.39 -26.58
CA ALA C 978 33.21 -0.76 -26.10
C ALA C 978 33.56 -0.01 -24.82
N SER C 979 33.24 1.28 -24.76
CA SER C 979 33.56 2.05 -23.56
C SER C 979 32.72 1.61 -22.37
N PHE C 980 31.44 1.32 -22.60
CA PHE C 980 30.59 0.78 -21.55
C PHE C 980 31.18 -0.51 -20.99
N LEU C 981 31.55 -1.45 -21.86
CA LEU C 981 32.04 -2.73 -21.40
C LEU C 981 33.40 -2.59 -20.72
N SER C 982 34.26 -1.71 -21.23
CA SER C 982 35.55 -1.48 -20.58
CA SER C 982 35.55 -1.48 -20.58
C SER C 982 35.36 -1.00 -19.15
N ALA C 983 34.47 -0.01 -18.95
CA ALA C 983 34.21 0.49 -17.61
C ALA C 983 33.55 -0.58 -16.75
N LEU C 984 32.56 -1.29 -17.30
CA LEU C 984 31.82 -2.28 -16.53
C LEU C 984 32.75 -3.36 -15.99
N THR C 985 33.63 -3.88 -16.85
CA THR C 985 34.51 -4.96 -16.44
C THR C 985 35.58 -4.47 -15.46
N LYS C 986 36.09 -3.25 -15.68
CA LYS C 986 37.04 -2.68 -14.74
C LYS C 986 36.44 -2.54 -13.35
N GLN C 987 35.13 -2.32 -13.27
CA GLN C 987 34.46 -1.98 -12.02
C GLN C 987 33.75 -3.16 -11.38
N CYS C 988 34.03 -4.39 -11.83
CA CYS C 988 33.29 -5.56 -11.37
C CYS C 988 33.68 -5.99 -9.95
N LYS C 989 34.50 -5.21 -9.25
CA LYS C 989 34.76 -5.41 -7.83
C LYS C 989 34.24 -4.26 -6.98
N ASP C 990 33.40 -3.40 -7.55
CA ASP C 990 32.93 -2.17 -6.89
C ASP C 990 31.45 -2.01 -7.24
N LEU C 991 30.58 -2.59 -6.42
CA LEU C 991 29.17 -2.69 -6.77
C LEU C 991 28.53 -1.31 -6.94
N VAL C 992 28.83 -0.38 -6.04
CA VAL C 992 28.25 0.96 -6.14
C VAL C 992 28.60 1.59 -7.48
N VAL C 993 29.87 1.52 -7.88
CA VAL C 993 30.28 2.13 -9.13
C VAL C 993 29.74 1.32 -10.32
N PHE C 994 29.85 -0.01 -10.23
CA PHE C 994 29.29 -0.91 -11.24
C PHE C 994 27.83 -0.55 -11.53
N LYS C 995 27.04 -0.33 -10.48
CA LYS C 995 25.63 0.02 -10.67
C LYS C 995 25.48 1.37 -11.33
N GLY C 996 26.36 2.33 -11.00
CA GLY C 996 26.29 3.63 -11.66
C GLY C 996 26.53 3.53 -13.15
N THR C 997 27.46 2.66 -13.56
CA THR C 997 27.73 2.48 -14.98
C THR C 997 26.56 1.80 -15.68
N LEU C 998 25.91 0.84 -15.02
CA LEU C 998 24.70 0.25 -15.57
C LEU C 998 23.60 1.30 -15.72
N ARG C 999 23.42 2.16 -14.71
CA ARG C 999 22.42 3.21 -14.81
C ARG C 999 22.74 4.16 -15.97
N ASP C 1000 24.03 4.50 -16.14
CA ASP C 1000 24.43 5.33 -17.27
C ASP C 1000 24.07 4.67 -18.59
N PHE C 1001 24.30 3.35 -18.70
CA PHE C 1001 23.96 2.63 -19.92
C PHE C 1001 22.46 2.67 -20.17
N LEU C 1002 21.66 2.50 -19.12
CA LEU C 1002 20.21 2.55 -19.27
C LEU C 1002 19.74 3.92 -19.76
N VAL C 1003 20.44 4.98 -19.39
CA VAL C 1003 20.11 6.30 -19.92
C VAL C 1003 20.45 6.37 -21.40
N GLN C 1004 21.64 5.89 -21.77
CA GLN C 1004 22.10 6.07 -23.14
C GLN C 1004 21.31 5.24 -24.14
N ILE C 1005 20.79 4.09 -23.74
CA ILE C 1005 20.03 3.28 -24.70
C ILE C 1005 18.69 3.92 -25.04
N LYS C 1006 18.24 4.90 -24.25
CA LYS C 1006 16.99 5.58 -24.55
C LYS C 1006 17.14 6.68 -25.58
N GLU C 1007 18.35 7.01 -26.01
CA GLU C 1007 18.59 8.11 -26.92
C GLU C 1007 19.61 7.70 -27.97
N VAL C 1008 19.82 8.57 -28.94
CA VAL C 1008 20.81 8.38 -29.99
C VAL C 1008 21.99 9.33 -29.72
N GLY C 1009 23.19 8.82 -29.90
CA GLY C 1009 24.37 9.67 -29.85
C GLY C 1009 24.92 9.93 -28.46
N GLY C 1010 24.71 9.02 -27.51
CA GLY C 1010 25.28 9.21 -26.20
C GLY C 1010 26.79 9.30 -26.23
N ASP C 1011 27.34 10.08 -25.31
CA ASP C 1011 28.77 10.34 -25.27
C ASP C 1011 29.49 9.13 -24.66
N PRO C 1012 30.36 8.44 -25.41
CA PRO C 1012 31.04 7.26 -24.83
C PRO C 1012 32.00 7.60 -23.70
N THR C 1013 32.49 8.84 -23.62
CA THR C 1013 33.37 9.20 -22.50
C THR C 1013 32.62 9.25 -21.18
N ASP C 1014 31.29 9.29 -21.20
CA ASP C 1014 30.51 9.26 -19.96
C ASP C 1014 30.94 8.11 -19.06
N TYR C 1015 31.35 6.99 -19.65
CA TYR C 1015 31.70 5.81 -18.87
C TYR C 1015 33.06 5.93 -18.19
N LEU C 1016 33.77 7.03 -18.38
CA LEU C 1016 34.98 7.33 -17.62
C LEU C 1016 34.68 8.10 -16.33
N PHE C 1017 33.41 8.28 -15.99
CA PHE C 1017 33.06 9.15 -14.87
C PHE C 1017 33.77 8.71 -13.59
N ALA C 1018 33.64 7.44 -13.23
CA ALA C 1018 34.27 6.95 -12.00
C ALA C 1018 35.79 7.12 -12.07
N GLU C 1019 36.42 6.52 -13.07
CA GLU C 1019 37.83 6.68 -13.33
C GLU C 1019 38.21 8.16 -13.40
N SER D 5 -5.77 -3.88 51.45
CA SER D 5 -7.22 -4.00 51.57
C SER D 5 -7.92 -3.25 50.45
N THR D 6 -7.27 -2.20 49.94
CA THR D 6 -7.84 -1.46 48.82
C THR D 6 -7.92 -2.32 47.57
N VAL D 7 -6.94 -3.21 47.37
CA VAL D 7 -6.99 -4.16 46.26
C VAL D 7 -8.12 -5.16 46.48
N ASP D 8 -8.35 -5.56 47.72
CA ASP D 8 -9.40 -6.53 48.02
C ASP D 8 -10.79 -5.93 47.82
N GLU D 9 -10.97 -4.67 48.23
CA GLU D 9 -12.23 -3.98 47.95
C GLU D 9 -12.52 -3.95 46.46
N MET D 10 -11.55 -3.50 45.67
CA MET D 10 -11.73 -3.42 44.23
C MET D 10 -12.00 -4.80 43.62
N THR D 11 -11.29 -5.82 44.10
CA THR D 11 -11.51 -7.17 43.58
C THR D 11 -12.93 -7.63 43.82
N LYS D 12 -13.44 -7.44 45.04
CA LYS D 12 -14.84 -7.77 45.32
C LYS D 12 -15.76 -7.06 44.33
N LYS D 13 -15.51 -5.78 44.08
CA LYS D 13 -16.32 -5.03 43.13
C LYS D 13 -16.19 -5.60 41.72
N PHE D 14 -14.97 -5.97 41.32
CA PHE D 14 -14.76 -6.56 40.00
C PHE D 14 -15.57 -7.84 39.84
N GLY D 15 -15.65 -8.64 40.90
CA GLY D 15 -16.35 -9.90 40.84
C GLY D 15 -17.81 -9.79 40.45
N THR D 16 -18.43 -8.62 40.68
CA THR D 16 -19.83 -8.40 40.34
C THR D 16 -19.99 -7.68 39.01
N LEU D 17 -18.91 -7.47 38.26
CA LEU D 17 -19.02 -6.83 36.96
C LEU D 17 -19.98 -7.61 36.08
N THR D 18 -20.85 -6.88 35.38
CA THR D 18 -21.90 -7.49 34.58
C THR D 18 -22.31 -6.50 33.50
N ILE D 19 -22.84 -7.02 32.39
CA ILE D 19 -23.19 -6.18 31.26
C ILE D 19 -24.69 -6.18 30.97
N HIS D 20 -25.52 -6.69 31.89
CA HIS D 20 -26.96 -6.70 31.68
C HIS D 20 -27.67 -6.06 32.86
N ASP D 21 -28.60 -5.16 32.55
CA ASP D 21 -29.49 -4.58 33.55
C ASP D 21 -30.32 -5.67 34.20
PG GNP E . -2.03 0.57 -16.17
O1G GNP E . -1.13 -0.21 -17.09
O2G GNP E . -1.37 1.89 -15.88
O3G GNP E . -3.37 0.78 -16.83
N3B GNP E . -2.24 -0.32 -14.80
PB GNP E . -3.33 0.09 -13.61
O1B GNP E . -4.60 0.66 -14.20
O2B GNP E . -2.71 1.14 -12.70
O3A GNP E . -3.63 -1.19 -12.75
PA GNP E . -4.85 -2.18 -12.90
O1A GNP E . -4.95 -2.65 -14.34
O2A GNP E . -6.13 -1.48 -12.50
O5' GNP E . -4.61 -3.42 -11.97
C5' GNP E . -3.39 -4.12 -12.03
C4' GNP E . -3.45 -5.35 -11.11
O4' GNP E . -3.49 -4.97 -9.86
C3' GNP E . -4.76 -6.12 -11.36
O3' GNP E . -4.53 -7.45 -11.41
C2' GNP E . -5.65 -5.77 -10.17
O2' GNP E . -6.60 -6.88 -9.90
C1' GNP E . -4.80 -5.62 -9.19
N9 GNP E . -5.27 -4.79 -8.13
C8 GNP E . -5.78 -3.53 -8.26
N7 GNP E . -6.09 -3.08 -7.02
C5 GNP E . -5.77 -4.03 -6.12
C6 GNP E . -5.88 -4.09 -4.74
O6 GNP E . -6.34 -3.15 -4.11
N1 GNP E . -5.48 -5.19 -4.08
C2 GNP E . -4.96 -6.24 -4.78
N2 GNP E . -4.52 -7.41 -4.09
N3 GNP E . -4.84 -6.19 -6.13
C4 GNP E . -5.26 -5.08 -6.80
HNB3 GNP E . -1.74 -1.07 -14.67
H5'2 GNP E . -2.66 -3.53 -11.75
H5'1 GNP E . -3.24 -4.41 -12.96
H4' GNP E . -2.69 -5.93 -11.27
H3' GNP E . -5.17 -5.81 -12.20
H2' GNP E . -6.13 -4.93 -10.33
HO2' GNP E . -7.41 -6.66 -10.19
H1' GNP E . -4.58 -6.51 -8.82
H8 GNP E . -5.90 -3.06 -9.10
HN1 GNP E . -5.54 -5.23 -3.17
HN21 GNP E . -4.80 -7.57 -3.25
HN22 GNP E . -3.96 -8.00 -4.51
MG MG F . -5.07 0.95 -16.17
C1 GOL G . 6.33 9.66 -14.99
O1 GOL G . 7.05 10.87 -14.88
C2 GOL G . 7.26 8.54 -15.43
O2 GOL G . 7.69 8.77 -16.76
C3 GOL G . 8.48 8.45 -14.52
O3 GOL G . 8.12 7.82 -13.32
H2 GOL G . 6.72 7.60 -15.38
HO2 GOL G . 8.19 9.61 -16.80
H31 GOL G . 8.85 9.45 -14.31
H32 GOL G . 9.27 7.89 -15.01
HO3 GOL G . 8.88 7.34 -12.95
CL CL H . 4.90 -14.84 33.74
C1 GOL I . 9.24 -21.17 -20.18
O1 GOL I . 9.43 -20.19 -21.18
C2 GOL I . 10.59 -21.77 -19.80
O2 GOL I . 11.63 -20.86 -20.07
C3 GOL I . 10.60 -22.13 -18.32
O3 GOL I . 10.01 -23.40 -18.13
H2 GOL I . 10.75 -22.68 -20.38
HO2 GOL I . 11.50 -20.04 -19.52
H31 GOL I . 10.05 -21.38 -17.75
H32 GOL I . 11.63 -22.15 -17.95
HO3 GOL I . 10.61 -23.97 -17.61
C1 GOL J . -16.18 18.88 -29.34
O1 GOL J . -16.28 20.25 -29.67
C2 GOL J . -17.57 18.25 -29.35
O2 GOL J . -18.18 18.40 -28.09
C3 GOL J . -17.46 16.77 -29.69
O3 GOL J . -18.40 16.03 -28.94
H2 GOL J . -18.17 18.73 -30.11
HO2 GOL J . -19.07 18.00 -28.11
H31 GOL J . -17.65 16.62 -30.76
H32 GOL J . -16.45 16.41 -29.48
HO3 GOL J . -18.29 15.08 -29.13
C1 GOL K . -10.93 -34.15 33.74
O1 GOL K . -11.65 -34.88 32.77
C2 GOL K . -9.53 -34.76 33.89
O2 GOL K . -8.89 -34.75 32.64
C3 GOL K . -8.71 -33.95 34.89
O3 GOL K . -8.20 -32.79 34.27
H11 GOL K . -11.45 -34.20 34.70
H12 GOL K . -10.85 -33.11 33.44
HO1 GOL K . -12.57 -34.54 32.73
H2 GOL K . -9.63 -35.78 34.26
HO2 GOL K . -8.79 -33.83 32.33
H31 GOL K . -7.89 -34.55 35.27
H32 GOL K . -9.34 -33.66 35.74
HO3 GOL K . -7.29 -32.96 33.96
C1 GOL L . 29.49 22.71 -8.31
O1 GOL L . 29.52 22.80 -6.90
C2 GOL L . 28.30 21.86 -8.76
O2 GOL L . 28.74 20.57 -9.09
C3 GOL L . 27.27 21.77 -7.63
O3 GOL L . 27.36 22.92 -6.81
H11 GOL L . 29.41 23.71 -8.75
H12 GOL L . 30.41 22.26 -8.68
HO1 GOL L . 30.33 23.28 -6.63
H2 GOL L . 27.83 22.34 -9.62
HO2 GOL L . 29.14 20.14 -8.31
H31 GOL L . 26.27 21.71 -8.05
H32 GOL L . 27.45 20.87 -7.04
HO3 GOL L . 27.81 22.68 -5.97
C1 GOL M . -8.09 13.48 13.12
O1 GOL M . -8.69 12.37 12.47
C2 GOL M . -6.61 13.23 13.23
O2 GOL M . -5.88 14.42 13.45
C3 GOL M . -6.34 12.28 14.38
O3 GOL M . -5.20 11.49 14.10
H11 GOL M . -8.28 14.39 12.54
H12 GOL M . -8.54 13.61 14.10
HO1 GOL M . -9.66 12.48 12.45
H2 GOL M . -6.26 12.76 12.31
HO2 GOL M . -6.18 14.83 14.30
H31 GOL M . -6.18 12.84 15.30
H32 GOL M . -7.20 11.64 14.54
HO3 GOL M . -5.01 10.90 14.86
#